data_5GVQ
#
_entry.id   5GVQ
#
_entity_poly.entity_id   1
_entity_poly.type   'polypeptide(L)'
_entity_poly.pdbx_seq_one_letter_code
;GSSGSSGPISERNQDATVYVGGLDEKVSEPLLWELFLQAGPVVNTHMPKDRVTGQHQGYGFVEFLSEEDADYAIKIMDMI
KLYGKPIRVNKASAHNKNLSGPSSG
;
_entity_poly.pdbx_strand_id   A
#
# COMPACT_ATOMS: atom_id res chain seq x y z
N GLY A 1 -19.73 -15.86 -0.49
CA GLY A 1 -18.50 -15.15 -0.04
C GLY A 1 -18.78 -13.68 0.26
N SER A 2 -18.06 -13.12 1.23
CA SER A 2 -18.31 -11.77 1.80
C SER A 2 -18.22 -10.62 0.77
N SER A 3 -17.50 -10.82 -0.34
CA SER A 3 -17.42 -9.85 -1.45
C SER A 3 -18.77 -9.55 -2.11
N GLY A 4 -19.74 -10.48 -2.00
CA GLY A 4 -21.11 -10.32 -2.51
C GLY A 4 -22.09 -9.61 -1.56
N SER A 5 -21.68 -9.31 -0.32
CA SER A 5 -22.57 -8.76 0.73
C SER A 5 -22.84 -7.25 0.60
N SER A 6 -22.14 -6.55 -0.30
CA SER A 6 -22.36 -5.12 -0.62
C SER A 6 -22.03 -4.82 -2.09
N GLY A 7 -22.62 -3.76 -2.65
CA GLY A 7 -22.42 -3.34 -4.04
C GLY A 7 -21.06 -2.67 -4.31
N PRO A 8 -20.56 -2.72 -5.56
CA PRO A 8 -19.30 -2.07 -5.96
C PRO A 8 -19.44 -0.53 -6.04
N ILE A 9 -18.29 0.17 -6.01
CA ILE A 9 -18.20 1.63 -6.17
C ILE A 9 -16.91 2.03 -6.91
N SER A 10 -16.97 3.12 -7.68
CA SER A 10 -15.81 3.66 -8.43
C SER A 10 -14.76 4.33 -7.53
N GLU A 11 -15.15 4.80 -6.34
CA GLU A 11 -14.32 5.60 -5.44
C GLU A 11 -13.08 4.85 -4.92
N ARG A 12 -11.91 5.51 -4.97
CA ARG A 12 -10.62 5.02 -4.45
C ARG A 12 -10.44 5.41 -2.98
N ASN A 13 -9.70 4.61 -2.18
CA ASN A 13 -9.53 4.85 -0.74
C ASN A 13 -8.10 4.59 -0.22
N GLN A 14 -7.53 5.53 0.54
CA GLN A 14 -6.15 5.48 1.04
C GLN A 14 -5.92 4.60 2.29
N ASP A 15 -6.97 4.14 2.97
CA ASP A 15 -6.85 3.16 4.07
C ASP A 15 -6.97 1.71 3.55
N ALA A 16 -7.80 1.49 2.53
CA ALA A 16 -7.88 0.22 1.78
C ALA A 16 -6.72 0.06 0.77
N THR A 17 -5.98 1.13 0.47
CA THR A 17 -4.71 1.08 -0.29
C THR A 17 -3.53 1.02 0.68
N VAL A 18 -2.56 0.15 0.38
CA VAL A 18 -1.26 0.09 1.07
C VAL A 18 -0.18 0.73 0.20
N TYR A 19 0.81 1.34 0.83
CA TYR A 19 2.04 1.83 0.22
C TYR A 19 3.14 0.78 0.38
N VAL A 20 3.99 0.63 -0.65
CA VAL A 20 5.15 -0.27 -0.67
C VAL A 20 6.36 0.49 -1.19
N GLY A 21 7.31 0.82 -0.31
CA GLY A 21 8.57 1.51 -0.66
C GLY A 21 9.77 0.57 -0.69
N GLY A 22 10.72 0.81 -1.58
CA GLY A 22 11.99 0.08 -1.68
C GLY A 22 11.97 -1.05 -2.72
N LEU A 23 11.21 -0.87 -3.80
CA LEU A 23 10.98 -1.86 -4.85
C LEU A 23 12.22 -2.01 -5.75
N ASP A 24 12.46 -3.23 -6.22
CA ASP A 24 13.53 -3.52 -7.18
C ASP A 24 13.10 -3.27 -8.64
N GLU A 25 14.05 -3.05 -9.56
CA GLU A 25 13.78 -2.84 -10.99
C GLU A 25 13.03 -4.01 -11.68
N LYS A 26 13.06 -5.22 -11.10
CA LYS A 26 12.29 -6.39 -11.57
C LYS A 26 10.81 -6.39 -11.15
N VAL A 27 10.40 -5.52 -10.21
CA VAL A 27 9.01 -5.39 -9.75
C VAL A 27 8.12 -4.69 -10.80
N SER A 28 6.87 -5.14 -10.92
CA SER A 28 5.82 -4.54 -11.75
C SER A 28 4.46 -4.49 -11.04
N GLU A 29 3.52 -3.67 -11.53
CA GLU A 29 2.17 -3.60 -10.96
C GLU A 29 1.43 -4.97 -10.99
N PRO A 30 1.47 -5.76 -12.08
CA PRO A 30 0.94 -7.13 -12.08
C PRO A 30 1.61 -8.06 -11.06
N LEU A 31 2.91 -7.87 -10.73
CA LEU A 31 3.56 -8.62 -9.67
C LEU A 31 2.94 -8.27 -8.32
N LEU A 32 2.88 -6.98 -7.98
CA LEU A 32 2.33 -6.53 -6.71
C LEU A 32 0.90 -7.03 -6.50
N TRP A 33 0.07 -6.99 -7.55
CA TRP A 33 -1.30 -7.48 -7.50
C TRP A 33 -1.34 -8.96 -7.10
N GLU A 34 -0.75 -9.83 -7.91
CA GLU A 34 -0.76 -11.28 -7.71
C GLU A 34 -0.02 -11.74 -6.44
N LEU A 35 1.01 -11.01 -6.01
CA LEU A 35 1.76 -11.26 -4.78
C LEU A 35 0.93 -10.93 -3.53
N PHE A 36 0.12 -9.86 -3.56
CA PHE A 36 -0.67 -9.36 -2.43
C PHE A 36 -2.05 -10.02 -2.30
N LEU A 37 -2.49 -10.78 -3.30
CA LEU A 37 -3.69 -11.65 -3.24
C LEU A 37 -3.67 -12.65 -2.05
N GLN A 38 -2.47 -12.95 -1.51
CA GLN A 38 -2.26 -13.78 -0.32
C GLN A 38 -2.86 -13.14 0.95
N ALA A 39 -2.88 -11.81 1.01
CA ALA A 39 -3.48 -11.07 2.12
C ALA A 39 -5.02 -11.01 2.03
N GLY A 40 -5.54 -10.70 0.84
CA GLY A 40 -6.96 -10.59 0.56
C GLY A 40 -7.26 -10.19 -0.90
N PRO A 41 -8.53 -9.90 -1.25
CA PRO A 41 -8.94 -9.54 -2.61
C PRO A 41 -8.37 -8.18 -3.02
N VAL A 42 -7.42 -8.19 -3.97
CA VAL A 42 -6.83 -7.00 -4.59
C VAL A 42 -7.70 -6.53 -5.76
N VAL A 43 -7.95 -5.22 -5.81
CA VAL A 43 -8.87 -4.54 -6.73
C VAL A 43 -8.12 -3.70 -7.79
N ASN A 44 -6.98 -3.12 -7.40
CA ASN A 44 -6.21 -2.15 -8.18
C ASN A 44 -4.74 -2.07 -7.67
N THR A 45 -3.82 -1.59 -8.52
CA THR A 45 -2.40 -1.32 -8.19
C THR A 45 -1.91 -0.04 -8.87
N HIS A 46 -0.92 0.63 -8.28
CA HIS A 46 -0.28 1.82 -8.86
C HIS A 46 1.22 1.84 -8.59
N MET A 47 2.06 2.11 -9.59
CA MET A 47 3.49 2.39 -9.42
C MET A 47 3.88 3.63 -10.24
N PRO A 48 4.12 4.79 -9.60
CA PRO A 48 4.52 6.02 -10.30
C PRO A 48 5.80 5.86 -11.14
N LYS A 49 5.82 6.49 -12.33
CA LYS A 49 6.88 6.34 -13.35
C LYS A 49 7.71 7.61 -13.52
N ASP A 50 9.00 7.43 -13.78
CA ASP A 50 9.97 8.49 -14.10
C ASP A 50 9.69 9.16 -15.46
N ARG A 51 9.93 10.48 -15.56
CA ARG A 51 9.61 11.32 -16.73
C ARG A 51 10.68 11.37 -17.83
N VAL A 52 11.75 10.55 -17.74
CA VAL A 52 12.90 10.57 -18.66
C VAL A 52 13.24 9.16 -19.15
N THR A 53 13.12 8.15 -18.27
CA THR A 53 13.47 6.74 -18.52
C THR A 53 12.24 5.83 -18.49
N GLY A 54 11.11 6.32 -17.96
CA GLY A 54 9.83 5.62 -17.91
C GLY A 54 9.77 4.43 -16.93
N GLN A 55 10.83 4.20 -16.15
CA GLN A 55 10.91 3.15 -15.12
C GLN A 55 10.15 3.57 -13.86
N HIS A 56 9.81 2.64 -12.97
CA HIS A 56 9.15 2.98 -11.70
C HIS A 56 10.09 3.74 -10.74
N GLN A 57 9.51 4.57 -9.87
CA GLN A 57 10.25 5.50 -8.99
C GLN A 57 10.73 4.86 -7.66
N GLY A 58 10.79 3.53 -7.57
CA GLY A 58 11.24 2.78 -6.39
C GLY A 58 10.16 2.50 -5.35
N TYR A 59 8.91 2.88 -5.60
CA TYR A 59 7.75 2.62 -4.73
C TYR A 59 6.47 2.37 -5.53
N GLY A 60 5.50 1.72 -4.87
CA GLY A 60 4.21 1.31 -5.43
C GLY A 60 3.10 1.27 -4.39
N PHE A 61 1.92 0.86 -4.84
CA PHE A 61 0.67 0.79 -4.08
C PHE A 61 -0.18 -0.41 -4.49
N VAL A 62 -0.93 -0.96 -3.55
CA VAL A 62 -1.90 -2.07 -3.76
C VAL A 62 -3.20 -1.76 -3.04
N GLU A 63 -4.33 -1.82 -3.73
CA GLU A 63 -5.67 -1.50 -3.18
C GLU A 63 -6.51 -2.76 -3.01
N PHE A 64 -7.04 -2.93 -1.80
CA PHE A 64 -7.88 -4.05 -1.39
C PHE A 64 -9.37 -3.69 -1.39
N LEU A 65 -10.23 -4.71 -1.39
CA LEU A 65 -11.68 -4.55 -1.33
C LEU A 65 -12.14 -3.87 -0.03
N SER A 66 -11.42 -4.09 1.08
CA SER A 66 -11.75 -3.55 2.40
C SER A 66 -10.48 -3.22 3.20
N GLU A 67 -10.59 -2.32 4.18
CA GLU A 67 -9.47 -1.89 5.02
C GLU A 67 -8.86 -3.04 5.84
N GLU A 68 -9.68 -3.98 6.33
CA GLU A 68 -9.18 -5.14 7.11
C GLU A 68 -8.30 -6.10 6.30
N ASP A 69 -8.44 -6.10 4.98
CA ASP A 69 -7.57 -6.85 4.05
C ASP A 69 -6.25 -6.10 3.79
N ALA A 70 -6.28 -4.75 3.76
CA ALA A 70 -5.09 -3.91 3.63
C ALA A 70 -4.25 -3.93 4.91
N ASP A 71 -4.89 -3.81 6.08
CA ASP A 71 -4.23 -3.82 7.40
C ASP A 71 -3.49 -5.15 7.67
N TYR A 72 -3.99 -6.25 7.11
CA TYR A 72 -3.34 -7.57 7.14
C TYR A 72 -2.19 -7.68 6.14
N ALA A 73 -2.30 -7.10 4.94
CA ALA A 73 -1.21 -7.11 3.95
C ALA A 73 0.04 -6.40 4.50
N ILE A 74 -0.15 -5.30 5.23
CA ILE A 74 0.89 -4.57 5.95
C ILE A 74 1.58 -5.45 7.01
N LYS A 75 0.83 -6.34 7.68
CA LYS A 75 1.36 -7.29 8.66
C LYS A 75 2.23 -8.38 8.04
N ILE A 76 1.90 -8.89 6.83
CA ILE A 76 2.58 -10.04 6.22
C ILE A 76 3.65 -9.70 5.16
N MET A 77 3.70 -8.47 4.64
CA MET A 77 4.63 -8.05 3.56
C MET A 77 5.70 -7.04 3.98
N ASP A 78 5.71 -6.58 5.23
CA ASP A 78 6.66 -5.56 5.72
C ASP A 78 8.04 -6.13 6.11
N MET A 79 9.10 -5.34 5.87
CA MET A 79 10.52 -5.64 6.15
C MET A 79 11.07 -6.89 5.39
N ILE A 80 10.33 -7.37 4.40
CA ILE A 80 10.61 -8.53 3.55
C ILE A 80 11.45 -8.15 2.33
N LYS A 81 12.25 -9.09 1.80
CA LYS A 81 13.25 -8.83 0.75
C LYS A 81 12.79 -9.32 -0.64
N LEU A 82 11.83 -8.63 -1.24
CA LEU A 82 11.38 -8.88 -2.62
C LEU A 82 12.57 -8.77 -3.59
N TYR A 83 12.85 -9.79 -4.40
CA TYR A 83 14.10 -9.90 -5.19
C TYR A 83 15.43 -9.58 -4.43
N GLY A 84 15.51 -9.81 -3.10
CA GLY A 84 16.74 -9.60 -2.32
C GLY A 84 17.04 -8.14 -1.91
N LYS A 85 16.01 -7.29 -1.79
CA LYS A 85 16.03 -5.86 -1.51
C LYS A 85 14.84 -5.54 -0.59
N PRO A 86 15.05 -5.00 0.62
CA PRO A 86 14.00 -4.90 1.65
C PRO A 86 12.93 -3.85 1.31
N ILE A 87 11.66 -4.26 1.36
CA ILE A 87 10.48 -3.39 1.19
C ILE A 87 9.87 -2.98 2.53
N ARG A 88 9.38 -1.73 2.60
CA ARG A 88 8.64 -1.14 3.74
C ARG A 88 7.17 -0.98 3.33
N VAL A 89 6.24 -1.50 4.14
CA VAL A 89 4.80 -1.54 3.83
C VAL A 89 3.98 -0.88 4.94
N ASN A 90 3.00 -0.05 4.58
CA ASN A 90 2.12 0.69 5.50
C ASN A 90 0.81 1.14 4.80
N LYS A 91 -0.15 1.74 5.51
CA LYS A 91 -1.37 2.35 4.92
C LYS A 91 -0.98 3.51 4.00
N ALA A 92 -1.65 3.67 2.84
CA ALA A 92 -1.40 4.77 1.92
C ALA A 92 -1.92 6.14 2.43
N SER A 93 -2.59 6.16 3.58
CA SER A 93 -2.98 7.35 4.36
C SER A 93 -1.89 7.81 5.35
N ALA A 94 -0.79 7.06 5.48
CA ALA A 94 0.30 7.29 6.43
C ALA A 94 1.70 7.15 5.76
N HIS A 95 2.76 7.38 6.55
CA HIS A 95 4.17 7.23 6.12
C HIS A 95 4.90 6.21 6.98
N ASN A 96 5.17 6.51 8.25
CA ASN A 96 5.83 5.64 9.22
C ASN A 96 5.22 5.81 10.63
N LYS A 97 5.43 4.82 11.52
CA LYS A 97 4.89 4.82 12.90
C LYS A 97 5.61 5.84 13.78
N ASN A 98 4.86 6.63 14.56
CA ASN A 98 5.38 7.71 15.40
C ASN A 98 5.45 7.37 16.91
N LEU A 99 4.63 6.44 17.40
CA LEU A 99 4.51 6.04 18.82
C LEU A 99 4.53 4.51 18.99
N SER A 100 4.88 4.05 20.18
CA SER A 100 4.88 2.61 20.55
C SER A 100 4.61 2.40 22.05
N GLY A 101 4.29 1.17 22.45
CA GLY A 101 3.95 0.81 23.84
C GLY A 101 3.67 -0.69 24.04
N PRO A 102 3.40 -1.11 25.29
CA PRO A 102 3.12 -2.51 25.64
C PRO A 102 1.74 -3.00 25.14
N SER A 103 1.58 -4.32 25.04
CA SER A 103 0.37 -4.98 24.52
C SER A 103 -0.85 -4.89 25.45
N SER A 104 -0.65 -4.57 26.73
CA SER A 104 -1.69 -4.38 27.75
C SER A 104 -1.26 -3.36 28.82
N GLY A 105 -2.23 -2.81 29.58
CA GLY A 105 -2.03 -1.82 30.65
C GLY A 105 -1.36 -2.39 31.90
N GLY A 1 -14.47 4.87 -15.72
CA GLY A 1 -13.91 3.74 -14.94
C GLY A 1 -12.58 3.26 -15.50
N SER A 2 -12.01 2.22 -14.90
CA SER A 2 -10.66 1.68 -15.22
C SER A 2 -10.52 1.13 -16.65
N SER A 3 -11.62 0.88 -17.36
CA SER A 3 -11.65 0.51 -18.79
C SER A 3 -11.19 1.64 -19.73
N GLY A 4 -11.09 2.89 -19.26
CA GLY A 4 -10.55 4.01 -20.03
C GLY A 4 -9.06 3.85 -20.36
N SER A 5 -8.60 4.46 -21.47
CA SER A 5 -7.27 4.24 -22.06
C SER A 5 -6.09 4.57 -21.12
N SER A 6 -6.28 5.47 -20.16
CA SER A 6 -5.27 5.86 -19.16
C SER A 6 -5.20 4.91 -17.94
N GLY A 7 -6.12 3.93 -17.82
CA GLY A 7 -6.28 3.07 -16.65
C GLY A 7 -6.57 3.85 -15.34
N PRO A 8 -7.56 4.77 -15.32
CA PRO A 8 -7.76 5.70 -14.20
C PRO A 8 -8.25 5.03 -12.91
N ILE A 9 -7.89 5.61 -11.77
CA ILE A 9 -8.31 5.20 -10.42
C ILE A 9 -9.64 5.88 -10.02
N SER A 10 -10.41 5.22 -9.14
CA SER A 10 -11.71 5.72 -8.62
C SER A 10 -11.60 6.73 -7.46
N GLU A 11 -10.37 7.05 -7.01
CA GLU A 11 -10.01 8.07 -6.01
C GLU A 11 -10.79 8.02 -4.67
N ARG A 12 -11.23 6.83 -4.26
CA ARG A 12 -12.00 6.55 -3.03
C ARG A 12 -11.35 5.48 -2.16
N ASN A 13 -11.66 5.48 -0.86
CA ASN A 13 -11.20 4.52 0.15
C ASN A 13 -9.67 4.29 0.15
N GLN A 14 -8.91 5.38 0.23
CA GLN A 14 -7.44 5.37 0.29
C GLN A 14 -6.90 4.58 1.50
N ASP A 15 -7.68 4.43 2.58
CA ASP A 15 -7.32 3.60 3.74
C ASP A 15 -7.32 2.09 3.44
N ALA A 16 -8.06 1.64 2.41
CA ALA A 16 -7.98 0.29 1.87
C ALA A 16 -6.86 0.13 0.82
N THR A 17 -6.08 1.18 0.54
CA THR A 17 -4.87 1.13 -0.28
C THR A 17 -3.63 1.13 0.64
N VAL A 18 -2.67 0.25 0.34
CA VAL A 18 -1.35 0.22 1.00
C VAL A 18 -0.28 0.85 0.11
N TYR A 19 0.71 1.48 0.72
CA TYR A 19 1.94 1.96 0.11
C TYR A 19 3.05 0.91 0.28
N VAL A 20 3.90 0.74 -0.74
CA VAL A 20 5.06 -0.16 -0.75
C VAL A 20 6.28 0.59 -1.25
N GLY A 21 7.28 0.81 -0.39
CA GLY A 21 8.53 1.48 -0.72
C GLY A 21 9.75 0.55 -0.72
N GLY A 22 10.71 0.80 -1.62
CA GLY A 22 11.98 0.06 -1.72
C GLY A 22 11.97 -1.04 -2.79
N LEU A 23 11.20 -0.84 -3.87
CA LEU A 23 10.96 -1.82 -4.92
C LEU A 23 12.19 -1.98 -5.81
N ASP A 24 12.40 -3.21 -6.30
CA ASP A 24 13.48 -3.51 -7.25
C ASP A 24 13.06 -3.24 -8.71
N GLU A 25 14.02 -3.02 -9.61
CA GLU A 25 13.77 -2.79 -11.04
C GLU A 25 13.01 -3.93 -11.75
N LYS A 26 13.02 -5.15 -11.19
CA LYS A 26 12.25 -6.31 -11.69
C LYS A 26 10.77 -6.33 -11.25
N VAL A 27 10.34 -5.43 -10.36
CA VAL A 27 8.95 -5.31 -9.88
C VAL A 27 8.06 -4.61 -10.93
N SER A 28 6.84 -5.13 -11.10
CA SER A 28 5.79 -4.51 -11.94
C SER A 28 4.42 -4.52 -11.22
N GLU A 29 3.45 -3.73 -11.68
CA GLU A 29 2.11 -3.67 -11.07
C GLU A 29 1.39 -5.04 -11.00
N PRO A 30 1.42 -5.91 -12.04
CA PRO A 30 0.86 -7.26 -11.95
C PRO A 30 1.51 -8.15 -10.88
N LEU A 31 2.80 -7.92 -10.56
CA LEU A 31 3.48 -8.60 -9.45
C LEU A 31 2.89 -8.13 -8.12
N LEU A 32 2.81 -6.81 -7.92
CA LEU A 32 2.25 -6.25 -6.68
C LEU A 32 0.78 -6.62 -6.48
N TRP A 33 0.06 -6.95 -7.55
CA TRP A 33 -1.29 -7.50 -7.48
C TRP A 33 -1.27 -8.96 -6.99
N GLU A 34 -0.69 -9.87 -7.79
CA GLU A 34 -0.74 -11.32 -7.53
C GLU A 34 0.01 -11.75 -6.27
N LEU A 35 1.08 -11.04 -5.90
CA LEU A 35 1.84 -11.28 -4.66
C LEU A 35 1.02 -10.92 -3.41
N PHE A 36 0.16 -9.90 -3.49
CA PHE A 36 -0.62 -9.36 -2.36
C PHE A 36 -2.00 -10.03 -2.20
N LEU A 37 -2.45 -10.83 -3.17
CA LEU A 37 -3.64 -11.70 -3.06
C LEU A 37 -3.59 -12.68 -1.87
N GLN A 38 -2.39 -12.92 -1.32
CA GLN A 38 -2.15 -13.71 -0.11
C GLN A 38 -2.75 -13.06 1.16
N ALA A 39 -2.78 -11.72 1.20
CA ALA A 39 -3.37 -10.96 2.31
C ALA A 39 -4.90 -10.89 2.23
N GLY A 40 -5.43 -10.60 1.04
CA GLY A 40 -6.86 -10.48 0.76
C GLY A 40 -7.17 -10.13 -0.70
N PRO A 41 -8.43 -9.86 -1.04
CA PRO A 41 -8.85 -9.52 -2.41
C PRO A 41 -8.28 -8.17 -2.86
N VAL A 42 -7.34 -8.21 -3.81
CA VAL A 42 -6.76 -7.04 -4.47
C VAL A 42 -7.63 -6.62 -5.66
N VAL A 43 -7.93 -5.33 -5.73
CA VAL A 43 -8.89 -4.70 -6.65
C VAL A 43 -8.18 -3.90 -7.75
N ASN A 44 -7.04 -3.29 -7.41
CA ASN A 44 -6.24 -2.40 -8.28
C ASN A 44 -4.80 -2.27 -7.76
N THR A 45 -3.89 -1.74 -8.58
CA THR A 45 -2.48 -1.42 -8.24
C THR A 45 -2.03 -0.10 -8.90
N HIS A 46 -1.01 0.55 -8.33
CA HIS A 46 -0.40 1.76 -8.90
C HIS A 46 1.13 1.76 -8.68
N MET A 47 1.91 2.13 -9.70
CA MET A 47 3.36 2.38 -9.56
C MET A 47 3.74 3.61 -10.38
N PRO A 48 3.96 4.78 -9.75
CA PRO A 48 4.37 6.01 -10.43
C PRO A 48 5.66 5.84 -11.25
N LYS A 49 5.70 6.40 -12.47
CA LYS A 49 6.78 6.24 -13.46
C LYS A 49 7.62 7.53 -13.61
N ASP A 50 8.91 7.35 -13.87
CA ASP A 50 9.87 8.41 -14.14
C ASP A 50 9.66 9.07 -15.53
N ARG A 51 10.01 10.37 -15.66
CA ARG A 51 9.74 11.19 -16.85
C ARG A 51 10.82 11.19 -17.94
N VAL A 52 11.93 10.48 -17.77
CA VAL A 52 13.06 10.40 -18.73
C VAL A 52 13.57 8.98 -18.96
N THR A 53 13.51 8.13 -17.92
CA THR A 53 13.94 6.73 -17.96
C THR A 53 12.75 5.77 -18.06
N GLY A 54 11.56 6.23 -17.69
CA GLY A 54 10.29 5.53 -17.85
C GLY A 54 10.06 4.31 -16.95
N GLN A 55 11.02 3.97 -16.09
CA GLN A 55 10.88 2.95 -15.04
C GLN A 55 10.04 3.46 -13.87
N HIS A 56 9.66 2.58 -12.93
CA HIS A 56 9.02 3.02 -11.67
C HIS A 56 9.99 3.82 -10.78
N GLN A 57 9.43 4.64 -9.89
CA GLN A 57 10.18 5.57 -9.04
C GLN A 57 10.70 4.96 -7.71
N GLY A 58 10.77 3.63 -7.60
CA GLY A 58 11.22 2.89 -6.41
C GLY A 58 10.12 2.56 -5.39
N TYR A 59 8.87 2.94 -5.67
CA TYR A 59 7.70 2.70 -4.82
C TYR A 59 6.42 2.44 -5.63
N GLY A 60 5.43 1.83 -4.97
CA GLY A 60 4.13 1.45 -5.53
C GLY A 60 3.02 1.41 -4.48
N PHE A 61 1.83 1.00 -4.90
CA PHE A 61 0.63 0.88 -4.08
C PHE A 61 -0.22 -0.33 -4.51
N VAL A 62 -0.98 -0.89 -3.55
CA VAL A 62 -1.91 -2.01 -3.77
C VAL A 62 -3.25 -1.70 -3.11
N GLU A 63 -4.35 -1.82 -3.85
CA GLU A 63 -5.70 -1.49 -3.40
C GLU A 63 -6.48 -2.75 -3.05
N PHE A 64 -6.92 -2.87 -1.81
CA PHE A 64 -7.76 -3.96 -1.32
C PHE A 64 -9.24 -3.60 -1.31
N LEU A 65 -10.10 -4.61 -1.24
CA LEU A 65 -11.55 -4.44 -1.15
C LEU A 65 -11.98 -3.71 0.14
N SER A 66 -11.26 -3.96 1.25
CA SER A 66 -11.58 -3.41 2.58
C SER A 66 -10.30 -3.09 3.37
N GLU A 67 -10.41 -2.19 4.35
CA GLU A 67 -9.28 -1.77 5.20
C GLU A 67 -8.70 -2.93 6.04
N GLU A 68 -9.52 -3.88 6.48
CA GLU A 68 -9.04 -5.05 7.24
C GLU A 68 -8.17 -6.02 6.41
N ASP A 69 -8.32 -6.01 5.08
CA ASP A 69 -7.46 -6.75 4.15
C ASP A 69 -6.16 -6.00 3.87
N ALA A 70 -6.19 -4.66 3.85
CA ALA A 70 -5.02 -3.81 3.74
C ALA A 70 -4.15 -3.88 5.01
N ASP A 71 -4.76 -3.81 6.19
CA ASP A 71 -4.09 -3.94 7.49
C ASP A 71 -3.33 -5.27 7.62
N TYR A 72 -3.88 -6.36 7.07
CA TYR A 72 -3.21 -7.66 7.04
C TYR A 72 -2.01 -7.67 6.07
N ALA A 73 -2.10 -7.00 4.92
CA ALA A 73 -0.98 -6.91 3.99
C ALA A 73 0.19 -6.10 4.57
N ILE A 74 -0.10 -5.05 5.35
CA ILE A 74 0.89 -4.28 6.11
C ILE A 74 1.57 -5.17 7.18
N LYS A 75 0.82 -6.10 7.78
CA LYS A 75 1.34 -7.07 8.76
C LYS A 75 2.32 -8.08 8.13
N ILE A 76 2.03 -8.62 6.94
CA ILE A 76 2.86 -9.67 6.33
C ILE A 76 3.97 -9.13 5.40
N MET A 77 3.72 -8.09 4.61
CA MET A 77 4.64 -7.63 3.53
C MET A 77 5.69 -6.61 3.98
N ASP A 78 5.69 -6.23 5.24
CA ASP A 78 6.67 -5.28 5.80
C ASP A 78 7.97 -5.98 6.22
N MET A 79 9.12 -5.37 5.88
CA MET A 79 10.47 -5.95 6.02
C MET A 79 10.71 -7.26 5.24
N ILE A 80 9.81 -7.62 4.32
CA ILE A 80 10.00 -8.68 3.33
C ILE A 80 11.04 -8.24 2.28
N LYS A 81 11.73 -9.20 1.65
CA LYS A 81 12.81 -8.97 0.69
C LYS A 81 12.42 -9.42 -0.73
N LEU A 82 11.51 -8.69 -1.38
CA LEU A 82 11.12 -8.92 -2.77
C LEU A 82 12.35 -8.83 -3.70
N TYR A 83 12.60 -9.84 -4.54
CA TYR A 83 13.87 -9.98 -5.28
C TYR A 83 15.18 -9.77 -4.47
N GLY A 84 15.21 -10.05 -3.16
CA GLY A 84 16.42 -9.94 -2.31
C GLY A 84 16.81 -8.52 -1.90
N LYS A 85 15.83 -7.62 -1.77
CA LYS A 85 15.94 -6.17 -1.49
C LYS A 85 14.77 -5.78 -0.58
N PRO A 86 15.01 -5.27 0.65
CA PRO A 86 13.96 -5.08 1.65
C PRO A 86 12.97 -3.97 1.31
N ILE A 87 11.68 -4.27 1.46
CA ILE A 87 10.56 -3.34 1.28
C ILE A 87 9.93 -2.92 2.62
N ARG A 88 9.35 -1.72 2.66
CA ARG A 88 8.51 -1.21 3.75
C ARG A 88 7.08 -0.99 3.28
N VAL A 89 6.10 -1.33 4.12
CA VAL A 89 4.66 -1.32 3.81
C VAL A 89 3.87 -0.64 4.92
N ASN A 90 2.88 0.18 4.55
CA ASN A 90 1.98 0.93 5.46
C ASN A 90 0.71 1.37 4.71
N LYS A 91 -0.22 2.05 5.38
CA LYS A 91 -1.39 2.72 4.78
C LYS A 91 -0.96 3.73 3.71
N ALA A 92 -1.78 3.93 2.68
CA ALA A 92 -1.57 5.04 1.72
C ALA A 92 -2.02 6.40 2.32
N SER A 93 -3.06 6.41 3.17
CA SER A 93 -3.54 7.63 3.87
C SER A 93 -2.66 8.03 5.06
N ALA A 94 -2.25 7.06 5.89
CA ALA A 94 -1.35 7.15 7.05
C ALA A 94 -1.55 8.40 7.95
N HIS A 95 -2.62 8.36 8.76
CA HIS A 95 -3.09 9.46 9.64
C HIS A 95 -3.36 9.01 11.10
N ASN A 96 -2.86 7.85 11.50
CA ASN A 96 -3.13 7.24 12.81
C ASN A 96 -2.62 8.11 13.98
N LYS A 97 -3.40 8.16 15.07
CA LYS A 97 -3.18 8.98 16.28
C LYS A 97 -3.71 8.28 17.53
N ASN A 98 -3.03 8.47 18.67
CA ASN A 98 -3.46 7.99 19.99
C ASN A 98 -4.53 8.91 20.60
N LEU A 99 -5.61 9.14 19.86
CA LEU A 99 -6.71 10.06 20.20
C LEU A 99 -7.60 9.52 21.34
N SER A 100 -8.14 10.41 22.16
CA SER A 100 -9.01 10.11 23.31
C SER A 100 -10.24 11.04 23.38
N GLY A 101 -11.22 10.69 24.22
CA GLY A 101 -12.46 11.44 24.42
C GLY A 101 -13.31 10.94 25.60
N PRO A 102 -14.54 11.44 25.77
CA PRO A 102 -15.43 11.09 26.89
C PRO A 102 -15.78 9.60 26.97
N SER A 103 -16.08 9.11 28.19
CA SER A 103 -16.43 7.71 28.47
C SER A 103 -17.79 7.31 27.85
N SER A 104 -17.92 6.03 27.51
CA SER A 104 -19.15 5.45 26.91
C SER A 104 -20.27 5.15 27.93
N GLY A 105 -19.96 5.13 29.23
CA GLY A 105 -20.91 4.92 30.33
C GLY A 105 -20.22 4.83 31.70
N GLY A 1 -4.99 24.07 -10.65
CA GLY A 1 -5.48 23.88 -9.26
C GLY A 1 -4.55 24.52 -8.24
N SER A 2 -4.59 24.04 -7.00
CA SER A 2 -3.78 24.53 -5.87
C SER A 2 -3.39 23.40 -4.89
N SER A 3 -2.34 23.63 -4.10
CA SER A 3 -1.79 22.64 -3.14
C SER A 3 -2.69 22.45 -1.90
N GLY A 4 -2.69 21.23 -1.36
CA GLY A 4 -3.42 20.85 -0.14
C GLY A 4 -3.21 19.38 0.25
N SER A 5 -3.38 19.06 1.53
CA SER A 5 -3.16 17.71 2.09
C SER A 5 -4.37 16.76 1.95
N SER A 6 -5.58 17.30 1.89
CA SER A 6 -6.84 16.54 1.70
C SER A 6 -7.97 17.41 1.12
N GLY A 7 -9.00 16.75 0.57
CA GLY A 7 -10.22 17.38 0.06
C GLY A 7 -11.13 16.41 -0.73
N PRO A 8 -12.36 16.82 -1.10
CA PRO A 8 -13.29 15.99 -1.87
C PRO A 8 -12.73 15.62 -3.26
N ILE A 9 -12.85 14.34 -3.64
CA ILE A 9 -12.35 13.78 -4.91
C ILE A 9 -13.16 12.53 -5.33
N SER A 10 -13.21 12.25 -6.64
CA SER A 10 -13.87 11.07 -7.23
C SER A 10 -13.00 9.80 -7.27
N GLU A 11 -11.77 9.86 -6.72
CA GLU A 11 -10.79 8.77 -6.72
C GLU A 11 -11.16 7.62 -5.75
N ARG A 12 -10.58 6.43 -6.00
CA ARG A 12 -10.81 5.18 -5.24
C ARG A 12 -10.34 5.27 -3.77
N ASN A 13 -10.81 4.34 -2.94
CA ASN A 13 -10.65 4.37 -1.48
C ASN A 13 -9.19 4.13 -1.03
N GLN A 14 -8.47 5.22 -0.75
CA GLN A 14 -7.07 5.18 -0.31
C GLN A 14 -6.88 4.60 1.10
N ASP A 15 -7.93 4.56 1.93
CA ASP A 15 -7.94 3.92 3.25
C ASP A 15 -7.67 2.41 3.19
N ALA A 16 -8.17 1.74 2.16
CA ALA A 16 -7.92 0.33 1.86
C ALA A 16 -6.76 0.12 0.86
N THR A 17 -5.99 1.17 0.57
CA THR A 17 -4.76 1.08 -0.24
C THR A 17 -3.54 1.07 0.68
N VAL A 18 -2.57 0.20 0.40
CA VAL A 18 -1.26 0.18 1.06
C VAL A 18 -0.21 0.81 0.16
N TYR A 19 0.78 1.45 0.77
CA TYR A 19 2.01 1.94 0.14
C TYR A 19 3.12 0.89 0.33
N VAL A 20 3.97 0.71 -0.68
CA VAL A 20 5.12 -0.20 -0.69
C VAL A 20 6.35 0.54 -1.21
N GLY A 21 7.31 0.83 -0.34
CA GLY A 21 8.57 1.50 -0.69
C GLY A 21 9.76 0.54 -0.72
N GLY A 22 10.70 0.78 -1.63
CA GLY A 22 11.97 0.03 -1.74
C GLY A 22 11.95 -1.07 -2.81
N LEU A 23 11.21 -0.86 -3.90
CA LEU A 23 10.98 -1.83 -4.96
C LEU A 23 12.20 -1.96 -5.88
N ASP A 24 12.43 -3.17 -6.38
CA ASP A 24 13.49 -3.46 -7.35
C ASP A 24 13.03 -3.18 -8.80
N GLU A 25 13.97 -2.95 -9.73
CA GLU A 25 13.69 -2.72 -11.15
C GLU A 25 12.91 -3.86 -11.86
N LYS A 26 12.94 -5.09 -11.31
CA LYS A 26 12.15 -6.24 -11.80
C LYS A 26 10.68 -6.24 -11.34
N VAL A 27 10.29 -5.39 -10.39
CA VAL A 27 8.90 -5.26 -9.90
C VAL A 27 8.02 -4.54 -10.91
N SER A 28 6.79 -5.03 -11.10
CA SER A 28 5.72 -4.40 -11.91
C SER A 28 4.36 -4.46 -11.20
N GLU A 29 3.40 -3.65 -11.61
CA GLU A 29 2.05 -3.62 -11.00
C GLU A 29 1.34 -5.00 -10.99
N PRO A 30 1.37 -5.82 -12.07
CA PRO A 30 0.80 -7.17 -12.04
C PRO A 30 1.48 -8.12 -11.05
N LEU A 31 2.78 -7.91 -10.76
CA LEU A 31 3.47 -8.66 -9.71
C LEU A 31 2.89 -8.31 -8.35
N LEU A 32 2.83 -7.02 -8.01
CA LEU A 32 2.32 -6.56 -6.71
C LEU A 32 0.90 -7.08 -6.47
N TRP A 33 0.05 -7.04 -7.49
CA TRP A 33 -1.33 -7.54 -7.41
C TRP A 33 -1.36 -9.01 -6.97
N GLU A 34 -0.79 -9.90 -7.79
CA GLU A 34 -0.81 -11.35 -7.54
C GLU A 34 -0.02 -11.77 -6.29
N LEU A 35 1.01 -11.01 -5.92
CA LEU A 35 1.80 -11.23 -4.70
C LEU A 35 1.02 -10.87 -3.43
N PHE A 36 0.20 -9.81 -3.47
CA PHE A 36 -0.55 -9.29 -2.32
C PHE A 36 -1.92 -9.96 -2.12
N LEU A 37 -2.39 -10.76 -3.09
CA LEU A 37 -3.55 -11.65 -2.95
C LEU A 37 -3.47 -12.61 -1.74
N GLN A 38 -2.26 -12.84 -1.21
CA GLN A 38 -1.98 -13.61 0.00
C GLN A 38 -2.60 -12.98 1.26
N ALA A 39 -2.66 -11.65 1.30
CA ALA A 39 -3.25 -10.89 2.40
C ALA A 39 -4.78 -10.84 2.33
N GLY A 40 -5.32 -10.55 1.14
CA GLY A 40 -6.77 -10.46 0.89
C GLY A 40 -7.10 -10.13 -0.57
N PRO A 41 -8.38 -9.85 -0.88
CA PRO A 41 -8.82 -9.54 -2.24
C PRO A 41 -8.27 -8.19 -2.72
N VAL A 42 -7.33 -8.25 -3.67
CA VAL A 42 -6.75 -7.09 -4.36
C VAL A 42 -7.65 -6.67 -5.53
N VAL A 43 -7.93 -5.38 -5.61
CA VAL A 43 -8.90 -4.76 -6.54
C VAL A 43 -8.20 -3.95 -7.64
N ASN A 44 -7.06 -3.33 -7.31
CA ASN A 44 -6.29 -2.42 -8.17
C ASN A 44 -4.83 -2.28 -7.67
N THR A 45 -3.94 -1.74 -8.50
CA THR A 45 -2.52 -1.43 -8.20
C THR A 45 -2.06 -0.13 -8.85
N HIS A 46 -1.06 0.54 -8.27
CA HIS A 46 -0.46 1.75 -8.84
C HIS A 46 1.06 1.78 -8.60
N MET A 47 1.86 2.09 -9.61
CA MET A 47 3.30 2.37 -9.47
C MET A 47 3.66 3.61 -10.29
N PRO A 48 3.86 4.79 -9.66
CA PRO A 48 4.28 6.01 -10.35
C PRO A 48 5.57 5.83 -11.16
N LYS A 49 5.61 6.39 -12.37
CA LYS A 49 6.73 6.25 -13.33
C LYS A 49 7.59 7.51 -13.40
N ASP A 50 8.85 7.34 -13.78
CA ASP A 50 9.84 8.41 -13.99
C ASP A 50 9.66 9.08 -15.38
N ARG A 51 9.89 10.40 -15.46
CA ARG A 51 9.64 11.21 -16.68
C ARG A 51 10.80 11.25 -17.69
N VAL A 52 11.89 10.51 -17.48
CA VAL A 52 13.12 10.55 -18.31
C VAL A 52 13.59 9.13 -18.67
N THR A 53 13.45 8.18 -17.73
CA THR A 53 13.88 6.78 -17.86
C THR A 53 12.70 5.82 -18.00
N GLY A 54 11.51 6.24 -17.57
CA GLY A 54 10.25 5.51 -17.75
C GLY A 54 10.05 4.28 -16.87
N GLN A 55 11.01 3.96 -15.97
CA GLN A 55 10.86 2.95 -14.92
C GLN A 55 9.98 3.48 -13.77
N HIS A 56 9.61 2.63 -12.81
CA HIS A 56 8.95 3.09 -11.58
C HIS A 56 9.88 3.93 -10.68
N GLN A 57 9.30 4.75 -9.81
CA GLN A 57 10.01 5.69 -8.93
C GLN A 57 10.61 5.04 -7.66
N GLY A 58 10.70 3.71 -7.58
CA GLY A 58 11.19 2.95 -6.42
C GLY A 58 10.12 2.59 -5.39
N TYR A 59 8.86 2.96 -5.62
CA TYR A 59 7.71 2.67 -4.75
C TYR A 59 6.43 2.41 -5.56
N GLY A 60 5.45 1.76 -4.91
CA GLY A 60 4.16 1.39 -5.46
C GLY A 60 3.05 1.33 -4.41
N PHE A 61 1.86 0.91 -4.85
CA PHE A 61 0.65 0.79 -4.05
C PHE A 61 -0.20 -0.42 -4.47
N VAL A 62 -0.96 -0.96 -3.52
CA VAL A 62 -1.92 -2.06 -3.74
C VAL A 62 -3.24 -1.74 -3.05
N GLU A 63 -4.36 -1.82 -3.78
CA GLU A 63 -5.70 -1.51 -3.29
C GLU A 63 -6.47 -2.77 -2.95
N PHE A 64 -6.93 -2.89 -1.71
CA PHE A 64 -7.76 -3.99 -1.22
C PHE A 64 -9.25 -3.62 -1.19
N LEU A 65 -10.10 -4.65 -1.13
CA LEU A 65 -11.55 -4.48 -1.01
C LEU A 65 -11.97 -3.75 0.27
N SER A 66 -11.24 -3.97 1.37
CA SER A 66 -11.53 -3.40 2.70
C SER A 66 -10.26 -3.05 3.48
N GLU A 67 -10.37 -2.11 4.42
CA GLU A 67 -9.24 -1.62 5.24
C GLU A 67 -8.63 -2.72 6.13
N GLU A 68 -9.42 -3.69 6.58
CA GLU A 68 -8.92 -4.84 7.37
C GLU A 68 -8.07 -5.83 6.55
N ASP A 69 -8.25 -5.86 5.22
CA ASP A 69 -7.40 -6.63 4.31
C ASP A 69 -6.10 -5.88 3.98
N ALA A 70 -6.15 -4.54 3.93
CA ALA A 70 -4.97 -3.68 3.81
C ALA A 70 -4.09 -3.76 5.06
N ASP A 71 -4.69 -3.71 6.26
CA ASP A 71 -4.01 -3.90 7.55
C ASP A 71 -3.28 -5.25 7.65
N TYR A 72 -3.83 -6.31 7.04
CA TYR A 72 -3.20 -7.63 6.99
C TYR A 72 -1.99 -7.65 6.04
N ALA A 73 -2.05 -6.95 4.90
CA ALA A 73 -0.92 -6.86 3.98
C ALA A 73 0.25 -6.08 4.60
N ILE A 74 -0.03 -5.06 5.40
CA ILE A 74 0.97 -4.32 6.20
C ILE A 74 1.61 -5.25 7.25
N LYS A 75 0.86 -6.21 7.80
CA LYS A 75 1.37 -7.21 8.76
C LYS A 75 2.33 -8.20 8.11
N ILE A 76 2.04 -8.72 6.90
CA ILE A 76 2.86 -9.76 6.27
C ILE A 76 3.98 -9.23 5.34
N MET A 77 3.74 -8.17 4.57
CA MET A 77 4.66 -7.72 3.49
C MET A 77 5.72 -6.71 3.94
N ASP A 78 5.73 -6.34 5.21
CA ASP A 78 6.69 -5.39 5.77
C ASP A 78 8.01 -6.07 6.17
N MET A 79 9.14 -5.45 5.83
CA MET A 79 10.50 -6.00 5.96
C MET A 79 10.76 -7.31 5.17
N ILE A 80 9.84 -7.69 4.27
CA ILE A 80 10.03 -8.76 3.28
C ILE A 80 11.04 -8.30 2.21
N LYS A 81 11.77 -9.24 1.62
CA LYS A 81 12.86 -8.98 0.65
C LYS A 81 12.48 -9.38 -0.78
N LEU A 82 11.57 -8.62 -1.39
CA LEU A 82 11.17 -8.78 -2.80
C LEU A 82 12.40 -8.63 -3.71
N TYR A 83 12.71 -9.63 -4.54
CA TYR A 83 13.99 -9.72 -5.28
C TYR A 83 15.28 -9.43 -4.46
N GLY A 84 15.30 -9.74 -3.15
CA GLY A 84 16.51 -9.63 -2.30
C GLY A 84 16.84 -8.23 -1.74
N LYS A 85 15.87 -7.30 -1.74
CA LYS A 85 15.95 -5.91 -1.27
C LYS A 85 14.73 -5.64 -0.37
N PRO A 86 14.92 -5.21 0.89
CA PRO A 86 13.86 -5.13 1.88
C PRO A 86 12.86 -3.99 1.58
N ILE A 87 11.58 -4.35 1.45
CA ILE A 87 10.46 -3.41 1.25
C ILE A 87 9.84 -2.97 2.58
N ARG A 88 9.34 -1.73 2.63
CA ARG A 88 8.60 -1.13 3.76
C ARG A 88 7.17 -0.85 3.37
N VAL A 89 6.22 -1.26 4.23
CA VAL A 89 4.77 -1.24 3.94
C VAL A 89 4.00 -0.52 5.05
N ASN A 90 3.03 0.31 4.66
CA ASN A 90 2.11 1.06 5.53
C ASN A 90 0.83 1.44 4.76
N LYS A 91 -0.15 2.04 5.43
CA LYS A 91 -1.38 2.57 4.82
C LYS A 91 -1.04 3.73 3.86
N ALA A 92 -1.67 3.79 2.70
CA ALA A 92 -1.60 4.97 1.82
C ALA A 92 -2.31 6.19 2.48
N SER A 93 -3.36 5.91 3.27
CA SER A 93 -4.01 6.85 4.20
C SER A 93 -3.89 6.30 5.64
N ALA A 94 -2.87 6.76 6.36
CA ALA A 94 -2.61 6.37 7.76
C ALA A 94 -3.31 7.32 8.76
N HIS A 95 -3.66 6.79 9.94
CA HIS A 95 -4.36 7.51 11.02
C HIS A 95 -3.96 7.01 12.42
N ASN A 96 -4.48 7.66 13.46
CA ASN A 96 -4.11 7.44 14.87
C ASN A 96 -4.36 5.98 15.33
N LYS A 97 -3.38 5.40 16.05
CA LYS A 97 -3.40 4.02 16.56
C LYS A 97 -4.07 3.87 17.93
N ASN A 98 -4.24 4.97 18.67
CA ASN A 98 -4.82 4.96 20.02
C ASN A 98 -6.34 4.71 20.01
N LEU A 99 -6.85 4.02 21.04
CA LEU A 99 -8.27 3.72 21.26
C LEU A 99 -8.98 4.77 22.14
N SER A 100 -8.25 5.44 23.06
CA SER A 100 -8.80 6.43 23.99
C SER A 100 -8.92 7.84 23.40
N GLY A 101 -9.67 8.72 24.09
CA GLY A 101 -9.88 10.12 23.71
C GLY A 101 -10.49 10.96 24.85
N PRO A 102 -10.67 12.28 24.65
CA PRO A 102 -11.19 13.18 25.68
C PRO A 102 -12.68 12.96 26.00
N SER A 103 -13.06 13.18 27.26
CA SER A 103 -14.42 12.97 27.78
C SER A 103 -15.33 14.21 27.73
N SER A 104 -14.79 15.37 27.32
CA SER A 104 -15.52 16.64 27.26
C SER A 104 -16.56 16.70 26.11
N GLY A 105 -17.61 17.50 26.29
CA GLY A 105 -18.72 17.68 25.33
C GLY A 105 -19.71 18.74 25.78
N GLY A 1 -23.65 6.41 -30.95
CA GLY A 1 -22.67 5.83 -30.00
C GLY A 1 -22.74 6.50 -28.64
N SER A 2 -22.35 5.77 -27.59
CA SER A 2 -22.37 6.26 -26.19
C SER A 2 -21.31 7.35 -25.91
N SER A 3 -21.58 8.20 -24.92
CA SER A 3 -20.63 9.22 -24.43
C SER A 3 -19.48 8.61 -23.60
N GLY A 4 -18.39 9.35 -23.43
CA GLY A 4 -17.19 8.92 -22.70
C GLY A 4 -16.17 10.05 -22.47
N SER A 5 -15.04 9.70 -21.85
CA SER A 5 -13.92 10.61 -21.53
C SER A 5 -14.30 11.86 -20.70
N SER A 6 -15.37 11.76 -19.89
CA SER A 6 -15.89 12.84 -19.05
C SER A 6 -16.58 12.30 -17.78
N GLY A 7 -16.61 13.11 -16.72
CA GLY A 7 -17.20 12.79 -15.41
C GLY A 7 -16.26 12.00 -14.47
N PRO A 8 -16.13 12.39 -13.19
CA PRO A 8 -15.30 11.69 -12.20
C PRO A 8 -16.00 10.44 -11.62
N ILE A 9 -15.23 9.61 -10.91
CA ILE A 9 -15.76 8.49 -10.11
C ILE A 9 -16.55 8.97 -8.88
N SER A 10 -17.58 8.20 -8.48
CA SER A 10 -18.45 8.53 -7.34
C SER A 10 -17.78 8.30 -5.98
N GLU A 11 -16.81 7.38 -5.90
CA GLU A 11 -16.04 7.04 -4.69
C GLU A 11 -14.64 6.53 -5.08
N ARG A 12 -13.62 6.82 -4.25
CA ARG A 12 -12.23 6.40 -4.44
C ARG A 12 -11.60 5.95 -3.11
N ASN A 13 -10.81 4.87 -3.15
CA ASN A 13 -10.18 4.28 -1.96
C ASN A 13 -8.81 4.91 -1.63
N GLN A 14 -8.50 4.99 -0.32
CA GLN A 14 -7.18 5.36 0.21
C GLN A 14 -6.87 4.59 1.51
N ASP A 15 -7.85 4.43 2.41
CA ASP A 15 -7.68 3.69 3.66
C ASP A 15 -7.51 2.17 3.46
N ALA A 16 -8.17 1.61 2.45
CA ALA A 16 -7.98 0.22 1.99
C ALA A 16 -6.82 0.07 0.98
N THR A 17 -6.06 1.14 0.72
CA THR A 17 -4.84 1.10 -0.10
C THR A 17 -3.62 1.06 0.81
N VAL A 18 -2.62 0.24 0.49
CA VAL A 18 -1.33 0.17 1.17
C VAL A 18 -0.24 0.82 0.31
N TYR A 19 0.75 1.42 0.95
CA TYR A 19 1.99 1.91 0.35
C TYR A 19 3.08 0.85 0.50
N VAL A 20 3.93 0.70 -0.52
CA VAL A 20 5.09 -0.21 -0.54
C VAL A 20 6.31 0.56 -1.04
N GLY A 21 7.28 0.83 -0.16
CA GLY A 21 8.54 1.50 -0.50
C GLY A 21 9.72 0.54 -0.54
N GLY A 22 10.71 0.82 -1.40
CA GLY A 22 11.98 0.08 -1.49
C GLY A 22 12.00 -1.02 -2.57
N LEU A 23 11.27 -0.82 -3.66
CA LEU A 23 11.03 -1.81 -4.71
C LEU A 23 12.28 -2.01 -5.59
N ASP A 24 12.43 -3.22 -6.12
CA ASP A 24 13.49 -3.56 -7.06
C ASP A 24 13.08 -3.31 -8.53
N GLU A 25 14.04 -3.11 -9.43
CA GLU A 25 13.79 -2.85 -10.85
C GLU A 25 13.00 -3.96 -11.59
N LYS A 26 12.97 -5.19 -11.04
CA LYS A 26 12.17 -6.32 -11.57
C LYS A 26 10.69 -6.29 -11.15
N VAL A 27 10.30 -5.43 -10.19
CA VAL A 27 8.91 -5.30 -9.71
C VAL A 27 8.01 -4.61 -10.75
N SER A 28 6.77 -5.08 -10.89
CA SER A 28 5.73 -4.50 -11.74
C SER A 28 4.37 -4.40 -11.03
N GLU A 29 3.44 -3.59 -11.53
CA GLU A 29 2.10 -3.47 -10.95
C GLU A 29 1.30 -4.79 -10.94
N PRO A 30 1.36 -5.65 -11.99
CA PRO A 30 0.80 -7.00 -11.94
C PRO A 30 1.45 -7.90 -10.87
N LEU A 31 2.75 -7.72 -10.56
CA LEU A 31 3.40 -8.45 -9.47
C LEU A 31 2.83 -8.00 -8.12
N LEU A 32 2.77 -6.70 -7.88
CA LEU A 32 2.21 -6.14 -6.65
C LEU A 32 0.75 -6.50 -6.44
N TRP A 33 0.02 -6.80 -7.51
CA TRP A 33 -1.33 -7.35 -7.45
C TRP A 33 -1.31 -8.81 -6.98
N GLU A 34 -0.77 -9.70 -7.82
CA GLU A 34 -0.81 -11.16 -7.60
C GLU A 34 -0.06 -11.63 -6.35
N LEU A 35 1.02 -10.94 -5.96
CA LEU A 35 1.78 -11.23 -4.74
C LEU A 35 0.98 -10.89 -3.46
N PHE A 36 0.11 -9.87 -3.51
CA PHE A 36 -0.65 -9.35 -2.37
C PHE A 36 -2.03 -10.01 -2.22
N LEU A 37 -2.49 -10.78 -3.21
CA LEU A 37 -3.68 -11.66 -3.11
C LEU A 37 -3.63 -12.66 -1.94
N GLN A 38 -2.43 -12.91 -1.39
CA GLN A 38 -2.21 -13.71 -0.18
C GLN A 38 -2.81 -13.09 1.08
N ALA A 39 -2.84 -11.74 1.15
CA ALA A 39 -3.43 -11.01 2.27
C ALA A 39 -4.97 -10.92 2.18
N GLY A 40 -5.48 -10.62 0.98
CA GLY A 40 -6.91 -10.50 0.69
C GLY A 40 -7.20 -10.12 -0.76
N PRO A 41 -8.47 -9.84 -1.12
CA PRO A 41 -8.87 -9.49 -2.47
C PRO A 41 -8.31 -8.12 -2.90
N VAL A 42 -7.36 -8.14 -3.85
CA VAL A 42 -6.79 -6.95 -4.47
C VAL A 42 -7.66 -6.50 -5.65
N VAL A 43 -7.92 -5.20 -5.72
CA VAL A 43 -8.86 -4.53 -6.63
C VAL A 43 -8.14 -3.70 -7.70
N ASN A 44 -6.98 -3.12 -7.35
CA ASN A 44 -6.19 -2.22 -8.18
C ASN A 44 -4.73 -2.11 -7.66
N THR A 45 -3.80 -1.65 -8.50
CA THR A 45 -2.40 -1.31 -8.15
C THR A 45 -1.93 -0.01 -8.81
N HIS A 46 -0.94 0.66 -8.21
CA HIS A 46 -0.32 1.87 -8.77
C HIS A 46 1.18 1.90 -8.51
N MET A 47 2.00 2.22 -9.51
CA MET A 47 3.44 2.49 -9.34
C MET A 47 3.82 3.75 -10.13
N PRO A 48 4.09 4.88 -9.45
CA PRO A 48 4.52 6.12 -10.11
C PRO A 48 5.81 5.95 -10.94
N LYS A 49 5.86 6.60 -12.11
CA LYS A 49 6.92 6.45 -13.13
C LYS A 49 7.77 7.71 -13.31
N ASP A 50 9.05 7.52 -13.60
CA ASP A 50 10.01 8.57 -13.96
C ASP A 50 9.68 9.22 -15.33
N ARG A 51 9.91 10.53 -15.46
CA ARG A 51 9.54 11.34 -16.64
C ARG A 51 10.56 11.36 -17.80
N VAL A 52 11.63 10.55 -17.72
CA VAL A 52 12.76 10.54 -18.70
C VAL A 52 13.08 9.13 -19.16
N THR A 53 13.00 8.15 -18.25
CA THR A 53 13.35 6.73 -18.47
C THR A 53 12.12 5.81 -18.38
N GLY A 54 11.02 6.32 -17.83
CA GLY A 54 9.74 5.61 -17.73
C GLY A 54 9.71 4.45 -16.72
N GLN A 55 10.79 4.23 -15.97
CA GLN A 55 10.90 3.21 -14.93
C GLN A 55 10.16 3.64 -13.65
N HIS A 56 9.84 2.71 -12.75
CA HIS A 56 9.18 3.07 -11.48
C HIS A 56 10.11 3.85 -10.53
N GLN A 57 9.53 4.67 -9.66
CA GLN A 57 10.25 5.59 -8.76
C GLN A 57 10.75 4.96 -7.44
N GLY A 58 10.81 3.62 -7.37
CA GLY A 58 11.26 2.87 -6.17
C GLY A 58 10.15 2.55 -5.15
N TYR A 59 8.90 2.96 -5.43
CA TYR A 59 7.74 2.70 -4.58
C TYR A 59 6.46 2.46 -5.38
N GLY A 60 5.47 1.85 -4.74
CA GLY A 60 4.18 1.47 -5.31
C GLY A 60 3.05 1.42 -4.28
N PHE A 61 1.86 1.04 -4.73
CA PHE A 61 0.63 0.94 -3.94
C PHE A 61 -0.22 -0.26 -4.37
N VAL A 62 -0.96 -0.83 -3.42
CA VAL A 62 -1.90 -1.95 -3.65
C VAL A 62 -3.23 -1.65 -2.97
N GLU A 63 -4.33 -1.75 -3.71
CA GLU A 63 -5.68 -1.42 -3.25
C GLU A 63 -6.48 -2.69 -2.96
N PHE A 64 -6.93 -2.85 -1.72
CA PHE A 64 -7.78 -3.96 -1.27
C PHE A 64 -9.26 -3.59 -1.27
N LEU A 65 -10.12 -4.61 -1.24
CA LEU A 65 -11.57 -4.44 -1.16
C LEU A 65 -12.01 -3.76 0.15
N SER A 66 -11.30 -4.03 1.25
CA SER A 66 -11.63 -3.52 2.60
C SER A 66 -10.36 -3.20 3.40
N GLU A 67 -10.49 -2.31 4.39
CA GLU A 67 -9.37 -1.87 5.24
C GLU A 67 -8.78 -2.99 6.09
N GLU A 68 -9.58 -3.98 6.51
CA GLU A 68 -9.10 -5.14 7.27
C GLU A 68 -8.22 -6.10 6.44
N ASP A 69 -8.39 -6.10 5.11
CA ASP A 69 -7.52 -6.83 4.18
C ASP A 69 -6.21 -6.06 3.91
N ALA A 70 -6.27 -4.73 3.90
CA ALA A 70 -5.09 -3.87 3.82
C ALA A 70 -4.23 -3.98 5.09
N ASP A 71 -4.84 -3.92 6.28
CA ASP A 71 -4.17 -4.10 7.58
C ASP A 71 -3.41 -5.44 7.67
N TYR A 72 -3.96 -6.51 7.07
CA TYR A 72 -3.29 -7.81 7.02
C TYR A 72 -2.10 -7.81 6.06
N ALA A 73 -2.18 -7.11 4.92
CA ALA A 73 -1.05 -7.00 3.99
C ALA A 73 0.12 -6.21 4.60
N ILE A 74 -0.17 -5.18 5.39
CA ILE A 74 0.83 -4.43 6.18
C ILE A 74 1.48 -5.33 7.23
N LYS A 75 0.74 -6.29 7.81
CA LYS A 75 1.26 -7.29 8.76
C LYS A 75 2.24 -8.27 8.09
N ILE A 76 1.94 -8.79 6.90
CA ILE A 76 2.77 -9.84 6.26
C ILE A 76 3.88 -9.31 5.33
N MET A 77 3.67 -8.20 4.60
CA MET A 77 4.59 -7.72 3.56
C MET A 77 5.61 -6.68 4.03
N ASP A 78 5.56 -6.28 5.30
CA ASP A 78 6.55 -5.39 5.91
C ASP A 78 7.79 -6.17 6.37
N MET A 79 8.98 -5.55 6.30
CA MET A 79 10.29 -6.16 6.54
C MET A 79 10.67 -7.34 5.60
N ILE A 80 9.85 -7.62 4.59
CA ILE A 80 10.11 -8.60 3.52
C ILE A 80 11.19 -8.08 2.54
N LYS A 81 11.86 -8.99 1.82
CA LYS A 81 12.91 -8.72 0.84
C LYS A 81 12.53 -9.20 -0.57
N LEU A 82 11.58 -8.51 -1.21
CA LEU A 82 11.16 -8.78 -2.60
C LEU A 82 12.36 -8.70 -3.56
N TYR A 83 12.61 -9.74 -4.37
CA TYR A 83 13.85 -9.87 -5.16
C TYR A 83 15.19 -9.60 -4.41
N GLY A 84 15.27 -9.80 -3.08
CA GLY A 84 16.51 -9.61 -2.30
C GLY A 84 16.87 -8.15 -1.95
N LYS A 85 15.86 -7.27 -1.86
CA LYS A 85 15.94 -5.84 -1.53
C LYS A 85 14.82 -5.54 -0.52
N PRO A 86 15.12 -5.03 0.69
CA PRO A 86 14.14 -4.89 1.76
C PRO A 86 13.10 -3.80 1.46
N ILE A 87 11.82 -4.17 1.58
CA ILE A 87 10.65 -3.28 1.42
C ILE A 87 10.06 -2.85 2.77
N ARG A 88 9.31 -1.75 2.76
CA ARG A 88 8.55 -1.23 3.90
C ARG A 88 7.10 -0.99 3.49
N VAL A 89 6.15 -1.40 4.34
CA VAL A 89 4.71 -1.38 4.04
C VAL A 89 3.91 -0.72 5.16
N ASN A 90 2.92 0.10 4.79
CA ASN A 90 1.99 0.80 5.69
C ASN A 90 0.71 1.21 4.93
N LYS A 91 -0.27 1.81 5.61
CA LYS A 91 -1.45 2.44 5.00
C LYS A 91 -1.04 3.53 4.01
N ALA A 92 -1.80 3.72 2.93
CA ALA A 92 -1.64 4.88 2.03
C ALA A 92 -2.31 6.16 2.59
N SER A 93 -3.18 6.04 3.59
CA SER A 93 -3.75 7.16 4.38
C SER A 93 -2.89 7.52 5.60
N ALA A 94 -2.62 6.52 6.44
CA ALA A 94 -1.77 6.58 7.65
C ALA A 94 -2.17 7.65 8.70
N HIS A 95 -3.47 7.81 8.93
CA HIS A 95 -4.06 8.59 10.03
C HIS A 95 -4.82 7.69 11.01
N ASN A 96 -4.79 8.03 12.31
CA ASN A 96 -5.41 7.25 13.38
C ASN A 96 -6.91 7.55 13.53
N LYS A 97 -7.69 6.57 14.03
CA LYS A 97 -9.13 6.67 14.31
C LYS A 97 -9.43 7.35 15.65
N ASN A 98 -8.74 8.46 15.94
CA ASN A 98 -8.76 9.17 17.22
C ASN A 98 -10.04 10.01 17.43
N LEU A 99 -10.36 10.32 18.69
CA LEU A 99 -11.50 11.15 19.12
C LEU A 99 -11.09 12.05 20.30
N SER A 100 -11.48 13.33 20.25
CA SER A 100 -11.08 14.35 21.25
C SER A 100 -11.69 14.15 22.64
N GLY A 101 -12.87 13.52 22.72
CA GLY A 101 -13.58 13.21 23.97
C GLY A 101 -15.08 12.94 23.76
N PRO A 102 -15.87 12.79 24.85
CA PRO A 102 -17.32 12.55 24.79
C PRO A 102 -18.13 13.73 24.25
N SER A 103 -17.61 14.96 24.35
CA SER A 103 -18.25 16.22 23.91
C SER A 103 -19.66 16.48 24.49
N SER A 104 -19.93 15.94 25.69
CA SER A 104 -21.22 16.03 26.40
C SER A 104 -21.37 17.26 27.30
N GLY A 105 -20.27 17.98 27.59
CA GLY A 105 -20.23 19.21 28.41
C GLY A 105 -20.83 20.43 27.71
N GLY A 1 9.90 11.29 13.06
CA GLY A 1 8.83 10.27 12.96
C GLY A 1 8.07 10.39 11.65
N SER A 2 7.59 9.27 11.12
CA SER A 2 6.79 9.19 9.88
C SER A 2 5.84 7.99 9.85
N SER A 3 4.81 8.07 9.00
CA SER A 3 3.90 6.98 8.63
C SER A 3 3.26 6.20 9.81
N GLY A 4 2.71 6.92 10.79
CA GLY A 4 1.86 6.33 11.83
C GLY A 4 0.50 5.92 11.27
N SER A 5 0.06 4.69 11.55
CA SER A 5 -1.21 4.12 11.08
C SER A 5 -2.41 4.39 12.01
N SER A 6 -2.17 4.99 13.18
CA SER A 6 -3.18 5.31 14.19
C SER A 6 -4.27 6.26 13.67
N GLY A 7 -5.52 6.01 14.06
CA GLY A 7 -6.70 6.74 13.56
C GLY A 7 -7.00 6.46 12.07
N PRO A 8 -7.26 5.20 11.67
CA PRO A 8 -7.59 4.83 10.29
C PRO A 8 -8.90 5.48 9.81
N ILE A 9 -9.04 5.64 8.48
CA ILE A 9 -10.17 6.31 7.82
C ILE A 9 -11.22 5.29 7.36
N SER A 10 -12.49 5.54 7.68
CA SER A 10 -13.64 4.74 7.23
C SER A 10 -14.38 5.31 6.01
N GLU A 11 -14.05 6.55 5.60
CA GLU A 11 -14.80 7.32 4.60
C GLU A 11 -14.24 7.19 3.15
N ARG A 12 -12.98 6.78 2.98
CA ARG A 12 -12.25 6.81 1.70
C ARG A 12 -11.38 5.57 1.48
N ASN A 13 -11.31 5.11 0.23
CA ASN A 13 -10.54 3.92 -0.20
C ASN A 13 -9.01 4.05 -0.05
N GLN A 14 -8.49 5.23 0.28
CA GLN A 14 -7.09 5.44 0.67
C GLN A 14 -6.69 4.57 1.87
N ASP A 15 -7.63 4.24 2.76
CA ASP A 15 -7.40 3.33 3.89
C ASP A 15 -7.44 1.84 3.49
N ALA A 16 -8.18 1.52 2.42
CA ALA A 16 -8.18 0.21 1.77
C ALA A 16 -6.95 0.02 0.85
N THR A 17 -6.14 1.05 0.66
CA THR A 17 -4.89 1.02 -0.13
C THR A 17 -3.68 0.94 0.79
N VAL A 18 -2.73 0.07 0.49
CA VAL A 18 -1.42 0.00 1.14
C VAL A 18 -0.35 0.66 0.28
N TYR A 19 0.64 1.26 0.93
CA TYR A 19 1.86 1.79 0.35
C TYR A 19 2.98 0.75 0.45
N VAL A 20 3.82 0.64 -0.58
CA VAL A 20 4.99 -0.24 -0.63
C VAL A 20 6.19 0.56 -1.15
N GLY A 21 7.14 0.89 -0.27
CA GLY A 21 8.38 1.59 -0.61
C GLY A 21 9.59 0.68 -0.67
N GLY A 22 10.55 0.97 -1.55
CA GLY A 22 11.84 0.27 -1.65
C GLY A 22 11.84 -0.88 -2.66
N LEU A 23 11.14 -0.70 -3.77
CA LEU A 23 10.93 -1.71 -4.81
C LEU A 23 12.19 -1.92 -5.65
N ASP A 24 12.36 -3.14 -6.17
CA ASP A 24 13.43 -3.48 -7.10
C ASP A 24 13.02 -3.24 -8.56
N GLU A 25 13.97 -3.03 -9.47
CA GLU A 25 13.70 -2.80 -10.90
C GLU A 25 12.92 -3.92 -11.61
N LYS A 26 12.90 -5.14 -11.07
CA LYS A 26 12.11 -6.27 -11.57
C LYS A 26 10.63 -6.27 -11.13
N VAL A 27 10.25 -5.42 -10.17
CA VAL A 27 8.86 -5.26 -9.70
C VAL A 27 8.00 -4.50 -10.74
N SER A 28 6.75 -4.92 -10.91
CA SER A 28 5.73 -4.21 -11.70
C SER A 28 4.33 -4.34 -11.08
N GLU A 29 3.36 -3.54 -11.52
CA GLU A 29 1.99 -3.54 -10.98
C GLU A 29 1.30 -4.93 -11.03
N PRO A 30 1.38 -5.72 -12.11
CA PRO A 30 0.84 -7.09 -12.14
C PRO A 30 1.50 -8.03 -11.13
N LEU A 31 2.79 -7.81 -10.78
CA LEU A 31 3.45 -8.58 -9.72
C LEU A 31 2.82 -8.22 -8.37
N LEU A 32 2.75 -6.93 -8.04
CA LEU A 32 2.20 -6.48 -6.76
C LEU A 32 0.78 -7.02 -6.55
N TRP A 33 -0.05 -6.98 -7.58
CA TRP A 33 -1.42 -7.50 -7.52
C TRP A 33 -1.45 -8.98 -7.11
N GLU A 34 -0.86 -9.84 -7.94
CA GLU A 34 -0.86 -11.30 -7.73
C GLU A 34 -0.10 -11.74 -6.48
N LEU A 35 0.94 -10.99 -6.06
CA LEU A 35 1.70 -11.25 -4.84
C LEU A 35 0.88 -10.89 -3.58
N PHE A 36 0.06 -9.84 -3.62
CA PHE A 36 -0.72 -9.35 -2.46
C PHE A 36 -2.08 -10.02 -2.31
N LEU A 37 -2.52 -10.81 -3.30
CA LEU A 37 -3.69 -11.71 -3.18
C LEU A 37 -3.62 -12.70 -1.99
N GLN A 38 -2.41 -12.93 -1.47
CA GLN A 38 -2.17 -13.73 -0.24
C GLN A 38 -2.79 -13.10 1.01
N ALA A 39 -2.82 -11.76 1.07
CA ALA A 39 -3.41 -11.01 2.18
C ALA A 39 -4.95 -10.99 2.13
N GLY A 40 -5.49 -10.70 0.94
CA GLY A 40 -6.92 -10.59 0.68
C GLY A 40 -7.24 -10.25 -0.78
N PRO A 41 -8.52 -9.98 -1.12
CA PRO A 41 -8.94 -9.64 -2.47
C PRO A 41 -8.39 -8.28 -2.91
N VAL A 42 -7.46 -8.30 -3.87
CA VAL A 42 -6.88 -7.10 -4.52
C VAL A 42 -7.77 -6.66 -5.68
N VAL A 43 -8.04 -5.36 -5.73
CA VAL A 43 -9.00 -4.71 -6.64
C VAL A 43 -8.29 -3.86 -7.71
N ASN A 44 -7.15 -3.25 -7.35
CA ASN A 44 -6.38 -2.31 -8.16
C ASN A 44 -4.92 -2.18 -7.65
N THR A 45 -4.01 -1.67 -8.48
CA THR A 45 -2.59 -1.37 -8.15
C THR A 45 -2.15 -0.05 -8.79
N HIS A 46 -1.16 0.64 -8.20
CA HIS A 46 -0.56 1.84 -8.77
C HIS A 46 0.95 1.90 -8.52
N MET A 47 1.77 2.16 -9.54
CA MET A 47 3.20 2.44 -9.40
C MET A 47 3.57 3.69 -10.22
N PRO A 48 3.82 4.85 -9.58
CA PRO A 48 4.24 6.07 -10.28
C PRO A 48 5.52 5.87 -11.10
N LYS A 49 5.60 6.52 -12.26
CA LYS A 49 6.68 6.33 -13.26
C LYS A 49 7.64 7.52 -13.35
N ASP A 50 8.87 7.25 -13.77
CA ASP A 50 9.95 8.21 -13.99
C ASP A 50 9.82 8.97 -15.33
N ARG A 51 10.20 10.25 -15.34
CA ARG A 51 10.04 11.16 -16.50
C ARG A 51 11.19 11.14 -17.53
N VAL A 52 12.14 10.21 -17.42
CA VAL A 52 13.37 10.15 -18.25
C VAL A 52 13.61 8.75 -18.80
N THR A 53 13.32 7.71 -18.00
CA THR A 53 13.56 6.30 -18.32
C THR A 53 12.27 5.49 -18.39
N GLY A 54 11.19 6.01 -17.82
CA GLY A 54 9.88 5.36 -17.75
C GLY A 54 9.81 4.16 -16.79
N GLN A 55 10.85 3.93 -15.99
CA GLN A 55 10.88 2.97 -14.87
C GLN A 55 9.93 3.42 -13.75
N HIS A 56 9.67 2.58 -12.73
CA HIS A 56 8.96 3.03 -11.53
C HIS A 56 9.83 3.93 -10.62
N GLN A 57 9.20 4.75 -9.78
CA GLN A 57 9.87 5.70 -8.88
C GLN A 57 10.47 5.07 -7.60
N GLY A 58 10.56 3.74 -7.51
CA GLY A 58 11.04 2.99 -6.34
C GLY A 58 9.96 2.66 -5.30
N TYR A 59 8.70 3.03 -5.54
CA TYR A 59 7.56 2.74 -4.67
C TYR A 59 6.27 2.47 -5.48
N GLY A 60 5.30 1.82 -4.82
CA GLY A 60 4.01 1.41 -5.37
C GLY A 60 2.90 1.35 -4.33
N PHE A 61 1.72 0.95 -4.77
CA PHE A 61 0.49 0.84 -3.99
C PHE A 61 -0.35 -0.37 -4.42
N VAL A 62 -1.09 -0.95 -3.47
CA VAL A 62 -2.03 -2.06 -3.71
C VAL A 62 -3.36 -1.76 -3.01
N GLU A 63 -4.48 -1.85 -3.74
CA GLU A 63 -5.82 -1.56 -3.24
C GLU A 63 -6.60 -2.84 -2.98
N PHE A 64 -7.06 -3.02 -1.75
CA PHE A 64 -7.89 -4.14 -1.31
C PHE A 64 -9.38 -3.79 -1.32
N LEU A 65 -10.23 -4.81 -1.26
CA LEU A 65 -11.68 -4.64 -1.15
C LEU A 65 -12.09 -3.95 0.16
N SER A 66 -11.35 -4.20 1.25
CA SER A 66 -11.64 -3.69 2.59
C SER A 66 -10.38 -3.31 3.36
N GLU A 67 -10.56 -2.44 4.35
CA GLU A 67 -9.49 -1.84 5.15
C GLU A 67 -8.77 -2.84 6.07
N GLU A 68 -9.46 -3.89 6.52
CA GLU A 68 -8.88 -4.98 7.31
C GLU A 68 -8.00 -5.93 6.48
N ASP A 69 -8.26 -6.06 5.17
CA ASP A 69 -7.40 -6.79 4.24
C ASP A 69 -6.12 -6.00 3.94
N ALA A 70 -6.20 -4.66 3.90
CA ALA A 70 -5.02 -3.80 3.84
C ALA A 70 -4.19 -3.88 5.13
N ASP A 71 -4.83 -3.79 6.31
CA ASP A 71 -4.17 -3.94 7.61
C ASP A 71 -3.43 -5.29 7.76
N TYR A 72 -3.98 -6.36 7.19
CA TYR A 72 -3.36 -7.68 7.19
C TYR A 72 -2.19 -7.78 6.19
N ALA A 73 -2.29 -7.16 5.02
CA ALA A 73 -1.19 -7.17 4.03
C ALA A 73 0.08 -6.51 4.60
N ILE A 74 -0.09 -5.42 5.35
CA ILE A 74 0.98 -4.71 6.07
C ILE A 74 1.65 -5.63 7.10
N LYS A 75 0.88 -6.47 7.79
CA LYS A 75 1.39 -7.46 8.76
C LYS A 75 2.27 -8.54 8.14
N ILE A 76 1.98 -8.99 6.91
CA ILE A 76 2.66 -10.13 6.27
C ILE A 76 3.73 -9.77 5.20
N MET A 77 3.78 -8.52 4.72
CA MET A 77 4.69 -8.08 3.64
C MET A 77 5.77 -7.06 4.07
N ASP A 78 5.78 -6.60 5.31
CA ASP A 78 6.70 -5.55 5.78
C ASP A 78 8.12 -6.07 6.13
N MET A 79 9.15 -5.24 5.87
CA MET A 79 10.59 -5.52 6.00
C MET A 79 11.13 -6.72 5.20
N ILE A 80 10.32 -7.27 4.29
CA ILE A 80 10.59 -8.45 3.47
C ILE A 80 11.40 -8.10 2.21
N LYS A 81 12.25 -9.02 1.74
CA LYS A 81 13.25 -8.77 0.68
C LYS A 81 12.78 -9.25 -0.69
N LEU A 82 11.78 -8.58 -1.26
CA LEU A 82 11.31 -8.83 -2.64
C LEU A 82 12.49 -8.67 -3.63
N TYR A 83 12.81 -9.69 -4.43
CA TYR A 83 14.04 -9.75 -5.23
C TYR A 83 15.37 -9.35 -4.50
N GLY A 84 15.47 -9.52 -3.17
CA GLY A 84 16.70 -9.24 -2.39
C GLY A 84 16.92 -7.78 -1.94
N LYS A 85 15.87 -6.95 -1.93
CA LYS A 85 15.84 -5.54 -1.53
C LYS A 85 14.65 -5.34 -0.56
N PRO A 86 14.86 -4.85 0.67
CA PRO A 86 13.85 -4.85 1.72
C PRO A 86 12.75 -3.80 1.47
N ILE A 87 11.54 -4.27 1.15
CA ILE A 87 10.35 -3.43 0.98
C ILE A 87 9.75 -3.05 2.35
N ARG A 88 9.28 -1.81 2.46
CA ARG A 88 8.57 -1.26 3.62
C ARG A 88 7.11 -1.07 3.27
N VAL A 89 6.21 -1.59 4.10
CA VAL A 89 4.76 -1.66 3.83
C VAL A 89 3.96 -1.02 4.96
N ASN A 90 2.93 -0.23 4.62
CA ASN A 90 2.08 0.52 5.55
C ASN A 90 0.78 0.97 4.87
N LYS A 91 -0.14 1.62 5.59
CA LYS A 91 -1.38 2.20 5.04
C LYS A 91 -1.06 3.40 4.14
N ALA A 92 -1.76 3.56 3.01
CA ALA A 92 -1.66 4.78 2.21
C ALA A 92 -2.37 5.99 2.89
N SER A 93 -3.15 5.75 3.95
CA SER A 93 -3.76 6.75 4.85
C SER A 93 -2.85 7.16 6.04
N ALA A 94 -1.65 6.58 6.19
CA ALA A 94 -0.74 6.85 7.30
C ALA A 94 -0.21 8.31 7.30
N HIS A 95 0.07 8.84 8.50
CA HIS A 95 0.40 10.26 8.74
C HIS A 95 1.34 10.45 9.94
N ASN A 96 1.76 11.70 10.20
CA ASN A 96 2.44 12.09 11.44
C ASN A 96 1.89 13.44 11.96
N LYS A 97 0.57 13.67 11.80
CA LYS A 97 -0.13 14.92 12.11
C LYS A 97 -0.69 14.95 13.54
N ASN A 98 -1.29 13.84 13.97
CA ASN A 98 -1.90 13.67 15.30
C ASN A 98 -1.11 12.66 16.16
N LEU A 99 -0.98 12.95 17.46
CA LEU A 99 -0.30 12.08 18.44
C LEU A 99 -0.86 12.28 19.87
N SER A 100 -1.04 13.54 20.29
CA SER A 100 -1.57 13.91 21.62
C SER A 100 -3.07 13.60 21.78
N GLY A 101 -3.52 13.50 23.04
CA GLY A 101 -4.92 13.26 23.41
C GLY A 101 -5.26 13.66 24.86
N PRO A 102 -6.55 13.58 25.25
CA PRO A 102 -7.03 13.99 26.57
C PRO A 102 -6.64 13.01 27.70
N SER A 103 -6.70 13.50 28.95
CA SER A 103 -6.34 12.80 30.19
C SER A 103 -4.87 12.34 30.31
N SER A 104 -4.49 11.90 31.51
CA SER A 104 -3.15 11.43 31.88
C SER A 104 -3.15 10.06 32.59
N GLY A 105 -4.34 9.46 32.80
CA GLY A 105 -4.54 8.14 33.44
C GLY A 105 -4.03 6.96 32.60
N GLY A 1 1.08 4.49 20.19
CA GLY A 1 1.04 5.37 19.00
C GLY A 1 0.21 4.78 17.87
N SER A 2 0.08 5.52 16.77
CA SER A 2 -0.69 5.14 15.57
C SER A 2 0.05 5.49 14.28
N SER A 3 -0.16 4.68 13.24
CA SER A 3 0.26 4.92 11.85
C SER A 3 -0.97 4.81 10.92
N GLY A 4 -2.08 5.42 11.32
CA GLY A 4 -3.40 5.20 10.71
C GLY A 4 -3.95 3.83 11.11
N SER A 5 -3.69 3.40 12.35
CA SER A 5 -3.98 2.06 12.89
C SER A 5 -4.91 2.10 14.10
N SER A 6 -4.84 3.15 14.93
CA SER A 6 -5.83 3.42 16.01
C SER A 6 -7.11 4.09 15.49
N GLY A 7 -7.13 4.51 14.22
CA GLY A 7 -8.30 5.03 13.50
C GLY A 7 -7.98 5.51 12.07
N PRO A 8 -8.99 5.75 11.23
CA PRO A 8 -8.86 5.98 9.80
C PRO A 8 -8.63 7.46 9.42
N ILE A 9 -8.36 7.71 8.13
CA ILE A 9 -8.35 9.06 7.52
C ILE A 9 -9.77 9.44 7.02
N SER A 10 -10.05 10.74 6.94
CA SER A 10 -11.31 11.28 6.37
C SER A 10 -11.43 11.16 4.85
N GLU A 11 -10.35 10.74 4.16
CA GLU A 11 -10.28 10.61 2.69
C GLU A 11 -10.96 9.32 2.20
N ARG A 12 -12.30 9.35 2.10
CA ARG A 12 -13.18 8.30 1.56
C ARG A 12 -12.89 6.90 2.13
N ASN A 13 -12.08 6.10 1.43
CA ASN A 13 -11.67 4.73 1.79
C ASN A 13 -10.17 4.49 1.57
N GLN A 14 -9.31 5.53 1.63
CA GLN A 14 -7.87 5.41 1.35
C GLN A 14 -7.12 4.48 2.32
N ASP A 15 -7.70 4.17 3.48
CA ASP A 15 -7.24 3.11 4.39
C ASP A 15 -7.15 1.73 3.72
N ALA A 16 -7.93 1.46 2.66
CA ALA A 16 -7.89 0.21 1.91
C ALA A 16 -6.73 0.14 0.89
N THR A 17 -5.94 1.20 0.73
CA THR A 17 -4.72 1.22 -0.10
C THR A 17 -3.49 1.15 0.80
N VAL A 18 -2.53 0.29 0.46
CA VAL A 18 -1.22 0.18 1.10
C VAL A 18 -0.13 0.79 0.22
N TYR A 19 0.90 1.36 0.85
CA TYR A 19 2.14 1.82 0.24
C TYR A 19 3.22 0.73 0.38
N VAL A 20 4.06 0.59 -0.64
CA VAL A 20 5.24 -0.29 -0.67
C VAL A 20 6.45 0.50 -1.18
N GLY A 21 7.42 0.75 -0.32
CA GLY A 21 8.68 1.44 -0.65
C GLY A 21 9.87 0.49 -0.70
N GLY A 22 10.85 0.79 -1.55
CA GLY A 22 12.13 0.05 -1.64
C GLY A 22 12.10 -1.10 -2.66
N LEU A 23 11.38 -0.90 -3.77
CA LEU A 23 11.15 -1.90 -4.81
C LEU A 23 12.39 -2.12 -5.67
N ASP A 24 12.55 -3.33 -6.20
CA ASP A 24 13.61 -3.68 -7.13
C ASP A 24 13.21 -3.42 -8.59
N GLU A 25 14.16 -3.24 -9.50
CA GLU A 25 13.91 -2.99 -10.93
C GLU A 25 13.10 -4.10 -11.65
N LYS A 26 13.07 -5.33 -11.10
CA LYS A 26 12.26 -6.44 -11.60
C LYS A 26 10.79 -6.42 -11.16
N VAL A 27 10.42 -5.56 -10.20
CA VAL A 27 9.03 -5.40 -9.73
C VAL A 27 8.18 -4.66 -10.77
N SER A 28 6.95 -5.14 -10.99
CA SER A 28 5.92 -4.48 -11.83
C SER A 28 4.55 -4.46 -11.13
N GLU A 29 3.61 -3.64 -11.60
CA GLU A 29 2.26 -3.54 -11.01
C GLU A 29 1.51 -4.91 -10.97
N PRO A 30 1.53 -5.76 -12.02
CA PRO A 30 0.95 -7.10 -11.96
C PRO A 30 1.57 -8.01 -10.88
N LEU A 31 2.85 -7.82 -10.54
CA LEU A 31 3.48 -8.52 -9.42
C LEU A 31 2.89 -8.04 -8.10
N LEU A 32 2.83 -6.73 -7.88
CA LEU A 32 2.27 -6.17 -6.65
C LEU A 32 0.78 -6.50 -6.48
N TRP A 33 0.08 -6.82 -7.56
CA TRP A 33 -1.28 -7.36 -7.50
C TRP A 33 -1.27 -8.82 -7.05
N GLU A 34 -0.71 -9.72 -7.86
CA GLU A 34 -0.77 -11.17 -7.64
C GLU A 34 -0.04 -11.66 -6.39
N LEU A 35 1.03 -10.97 -5.98
CA LEU A 35 1.76 -11.26 -4.74
C LEU A 35 0.92 -10.93 -3.49
N PHE A 36 0.10 -9.87 -3.55
CA PHE A 36 -0.68 -9.34 -2.42
C PHE A 36 -2.06 -9.97 -2.30
N LEU A 37 -2.52 -10.74 -3.29
CA LEU A 37 -3.73 -11.58 -3.21
C LEU A 37 -3.72 -12.57 -2.03
N GLN A 38 -2.54 -12.87 -1.48
CA GLN A 38 -2.33 -13.67 -0.27
C GLN A 38 -2.89 -13.01 0.99
N ALA A 39 -2.88 -11.67 1.05
CA ALA A 39 -3.45 -10.91 2.16
C ALA A 39 -4.99 -10.85 2.09
N GLY A 40 -5.52 -10.54 0.90
CA GLY A 40 -6.95 -10.42 0.62
C GLY A 40 -7.23 -10.05 -0.85
N PRO A 41 -8.49 -9.78 -1.21
CA PRO A 41 -8.87 -9.42 -2.58
C PRO A 41 -8.30 -8.05 -3.00
N VAL A 42 -7.37 -8.07 -3.95
CA VAL A 42 -6.78 -6.88 -4.58
C VAL A 42 -7.64 -6.43 -5.76
N VAL A 43 -7.88 -5.12 -5.82
CA VAL A 43 -8.81 -4.45 -6.75
C VAL A 43 -8.06 -3.63 -7.80
N ASN A 44 -6.92 -3.05 -7.43
CA ASN A 44 -6.10 -2.15 -8.26
C ASN A 44 -4.65 -2.06 -7.72
N THR A 45 -3.72 -1.57 -8.54
CA THR A 45 -2.31 -1.28 -8.19
C THR A 45 -1.83 0.03 -8.84
N HIS A 46 -0.83 0.69 -8.24
CA HIS A 46 -0.21 1.89 -8.80
C HIS A 46 1.31 1.90 -8.56
N MET A 47 2.12 2.18 -9.58
CA MET A 47 3.56 2.43 -9.43
C MET A 47 3.95 3.69 -10.23
N PRO A 48 4.23 4.83 -9.58
CA PRO A 48 4.66 6.06 -10.25
C PRO A 48 5.94 5.86 -11.08
N LYS A 49 5.98 6.50 -12.27
CA LYS A 49 7.05 6.34 -13.28
C LYS A 49 7.89 7.61 -13.47
N ASP A 50 9.16 7.43 -13.75
CA ASP A 50 10.10 8.48 -14.15
C ASP A 50 9.75 9.06 -15.54
N ARG A 51 9.85 10.39 -15.70
CA ARG A 51 9.42 11.12 -16.92
C ARG A 51 10.43 11.13 -18.09
N VAL A 52 11.55 10.41 -17.98
CA VAL A 52 12.67 10.41 -18.95
C VAL A 52 13.09 8.99 -19.32
N THR A 53 13.10 8.06 -18.35
CA THR A 53 13.47 6.65 -18.54
C THR A 53 12.25 5.71 -18.52
N GLY A 54 11.13 6.21 -18.00
CA GLY A 54 9.86 5.48 -17.94
C GLY A 54 9.82 4.33 -16.92
N GLN A 55 10.89 4.12 -16.14
CA GLN A 55 10.98 3.09 -15.09
C GLN A 55 10.27 3.54 -13.81
N HIS A 56 9.95 2.61 -12.90
CA HIS A 56 9.31 2.97 -11.63
C HIS A 56 10.24 3.75 -10.68
N GLN A 57 9.66 4.58 -9.81
CA GLN A 57 10.39 5.50 -8.93
C GLN A 57 10.88 4.87 -7.60
N GLY A 58 10.94 3.53 -7.52
CA GLY A 58 11.38 2.78 -6.34
C GLY A 58 10.28 2.48 -5.31
N TYR A 59 9.04 2.88 -5.57
CA TYR A 59 7.88 2.64 -4.71
C TYR A 59 6.58 2.41 -5.51
N GLY A 60 5.59 1.82 -4.86
CA GLY A 60 4.29 1.45 -5.40
C GLY A 60 3.18 1.39 -4.35
N PHE A 61 1.99 1.01 -4.79
CA PHE A 61 0.76 0.92 -4.00
C PHE A 61 -0.10 -0.26 -4.44
N VAL A 62 -0.87 -0.83 -3.49
CA VAL A 62 -1.84 -1.91 -3.71
C VAL A 62 -3.16 -1.57 -3.06
N GLU A 63 -4.27 -1.69 -3.79
CA GLU A 63 -5.62 -1.34 -3.33
C GLU A 63 -6.45 -2.61 -3.07
N PHE A 64 -6.90 -2.78 -1.84
CA PHE A 64 -7.75 -3.89 -1.40
C PHE A 64 -9.23 -3.53 -1.41
N LEU A 65 -10.08 -4.56 -1.38
CA LEU A 65 -11.53 -4.39 -1.31
C LEU A 65 -11.99 -3.72 0.00
N SER A 66 -11.28 -4.02 1.11
CA SER A 66 -11.61 -3.52 2.44
C SER A 66 -10.36 -3.19 3.26
N GLU A 67 -10.55 -2.34 4.25
CA GLU A 67 -9.49 -1.79 5.10
C GLU A 67 -8.80 -2.86 5.96
N GLU A 68 -9.54 -3.86 6.43
CA GLU A 68 -8.99 -4.99 7.22
C GLU A 68 -8.06 -5.91 6.38
N ASP A 69 -8.27 -5.97 5.07
CA ASP A 69 -7.39 -6.69 4.14
C ASP A 69 -6.08 -5.92 3.88
N ALA A 70 -6.14 -4.59 3.87
CA ALA A 70 -4.97 -3.72 3.78
C ALA A 70 -4.15 -3.75 5.09
N ASP A 71 -4.81 -3.64 6.25
CA ASP A 71 -4.18 -3.77 7.57
C ASP A 71 -3.42 -5.10 7.74
N TYR A 72 -3.93 -6.19 7.14
CA TYR A 72 -3.30 -7.51 7.16
C TYR A 72 -2.14 -7.63 6.17
N ALA A 73 -2.22 -7.01 4.99
CA ALA A 73 -1.13 -7.03 4.01
C ALA A 73 0.13 -6.34 4.57
N ILE A 74 -0.05 -5.27 5.36
CA ILE A 74 1.01 -4.56 6.08
C ILE A 74 1.68 -5.48 7.13
N LYS A 75 0.92 -6.39 7.76
CA LYS A 75 1.43 -7.37 8.72
C LYS A 75 2.29 -8.46 8.07
N ILE A 76 1.96 -8.91 6.85
CA ILE A 76 2.63 -10.07 6.22
C ILE A 76 3.68 -9.76 5.15
N MET A 77 3.77 -8.51 4.65
CA MET A 77 4.69 -8.11 3.56
C MET A 77 5.79 -7.12 3.97
N ASP A 78 5.82 -6.67 5.24
CA ASP A 78 6.77 -5.64 5.70
C ASP A 78 8.17 -6.18 6.08
N MET A 79 9.21 -5.41 5.73
CA MET A 79 10.65 -5.71 5.91
C MET A 79 11.13 -7.03 5.27
N ILE A 80 10.38 -7.50 4.27
CA ILE A 80 10.64 -8.69 3.45
C ILE A 80 11.46 -8.34 2.21
N LYS A 81 12.28 -9.27 1.72
CA LYS A 81 13.29 -9.02 0.67
C LYS A 81 12.82 -9.48 -0.72
N LEU A 82 11.86 -8.76 -1.29
CA LEU A 82 11.38 -8.99 -2.67
C LEU A 82 12.56 -8.86 -3.66
N TYR A 83 12.83 -9.89 -4.46
CA TYR A 83 14.07 -9.98 -5.27
C TYR A 83 15.40 -9.63 -4.54
N GLY A 84 15.51 -9.83 -3.22
CA GLY A 84 16.75 -9.59 -2.45
C GLY A 84 17.02 -8.13 -2.01
N LYS A 85 15.99 -7.28 -1.94
CA LYS A 85 15.99 -5.88 -1.54
C LYS A 85 14.81 -5.64 -0.58
N PRO A 86 15.03 -5.17 0.65
CA PRO A 86 14.01 -5.12 1.69
C PRO A 86 12.95 -4.04 1.42
N ILE A 87 11.68 -4.46 1.27
CA ILE A 87 10.53 -3.57 1.08
C ILE A 87 9.93 -3.13 2.43
N ARG A 88 9.52 -1.86 2.51
CA ARG A 88 8.79 -1.27 3.65
C ARG A 88 7.31 -1.13 3.27
N VAL A 89 6.40 -1.63 4.10
CA VAL A 89 4.95 -1.65 3.81
C VAL A 89 4.18 -0.92 4.91
N ASN A 90 3.20 -0.09 4.53
CA ASN A 90 2.34 0.65 5.46
C ASN A 90 1.04 1.13 4.78
N LYS A 91 0.17 1.84 5.50
CA LYS A 91 -1.03 2.49 4.94
C LYS A 91 -0.62 3.57 3.92
N ALA A 92 -1.36 3.71 2.81
CA ALA A 92 -1.15 4.81 1.87
C ALA A 92 -1.49 6.19 2.48
N SER A 93 -2.45 6.20 3.42
CA SER A 93 -2.78 7.33 4.30
C SER A 93 -2.58 6.91 5.76
N ALA A 94 -1.34 6.98 6.24
CA ALA A 94 -0.93 6.57 7.59
C ALA A 94 -1.29 7.61 8.69
N HIS A 95 -2.53 8.12 8.64
CA HIS A 95 -3.09 9.17 9.49
C HIS A 95 -4.36 8.70 10.20
N ASN A 96 -4.56 9.19 11.44
CA ASN A 96 -5.76 8.97 12.23
C ASN A 96 -6.48 10.31 12.50
N LYS A 97 -7.73 10.42 12.04
CA LYS A 97 -8.62 11.59 12.20
C LYS A 97 -9.81 11.33 13.16
N ASN A 98 -9.81 10.21 13.88
CA ASN A 98 -10.77 9.90 14.94
C ASN A 98 -10.60 10.85 16.15
N LEU A 99 -11.67 11.06 16.93
CA LEU A 99 -11.72 11.98 18.07
C LEU A 99 -11.08 11.39 19.34
N SER A 100 -10.60 12.27 20.23
CA SER A 100 -10.04 11.93 21.54
C SER A 100 -10.22 13.09 22.55
N GLY A 101 -10.16 12.78 23.85
CA GLY A 101 -10.31 13.74 24.95
C GLY A 101 -11.70 14.37 25.06
N PRO A 102 -12.73 13.63 25.54
CA PRO A 102 -14.10 14.13 25.67
C PRO A 102 -14.25 15.33 26.64
N SER A 103 -15.27 16.15 26.41
CA SER A 103 -15.62 17.29 27.28
C SER A 103 -16.34 16.83 28.56
N SER A 104 -16.25 17.63 29.63
CA SER A 104 -16.89 17.38 30.93
C SER A 104 -17.24 18.69 31.66
N GLY A 105 -18.19 18.63 32.60
CA GLY A 105 -18.69 19.77 33.40
C GLY A 105 -17.70 20.27 34.45
N GLY A 1 -2.34 18.42 -5.45
CA GLY A 1 -2.03 17.10 -4.89
C GLY A 1 -1.06 17.22 -3.71
N SER A 2 0.05 16.48 -3.76
CA SER A 2 1.11 16.48 -2.74
C SER A 2 2.51 16.42 -3.38
N SER A 3 3.57 16.58 -2.59
CA SER A 3 4.98 16.61 -3.04
C SER A 3 5.25 17.64 -4.16
N GLY A 4 4.54 18.77 -4.14
CA GLY A 4 4.61 19.83 -5.15
C GLY A 4 3.81 19.59 -6.44
N SER A 5 3.08 18.47 -6.56
CA SER A 5 2.24 18.18 -7.73
C SER A 5 0.94 18.98 -7.73
N SER A 6 0.60 19.55 -8.89
CA SER A 6 -0.66 20.26 -9.16
C SER A 6 -1.84 19.32 -9.50
N GLY A 7 -1.60 18.02 -9.66
CA GLY A 7 -2.62 17.03 -10.04
C GLY A 7 -3.67 16.76 -8.94
N PRO A 8 -4.90 16.33 -9.31
CA PRO A 8 -5.97 16.00 -8.37
C PRO A 8 -5.80 14.59 -7.75
N ILE A 9 -6.62 14.29 -6.74
CA ILE A 9 -6.78 12.95 -6.15
C ILE A 9 -8.26 12.66 -5.85
N SER A 10 -8.67 11.39 -5.98
CA SER A 10 -10.07 10.96 -5.79
C SER A 10 -10.51 10.84 -4.32
N GLU A 11 -9.55 10.85 -3.37
CA GLU A 11 -9.70 10.71 -1.90
C GLU A 11 -10.36 9.42 -1.36
N ARG A 12 -11.28 8.78 -2.11
CA ARG A 12 -12.09 7.64 -1.68
C ARG A 12 -11.27 6.39 -1.27
N ASN A 13 -11.71 5.73 -0.20
CA ASN A 13 -11.21 4.46 0.34
C ASN A 13 -9.67 4.31 0.47
N GLN A 14 -8.92 5.40 0.65
CA GLN A 14 -7.45 5.38 0.61
C GLN A 14 -6.83 4.61 1.80
N ASP A 15 -7.58 4.40 2.89
CA ASP A 15 -7.19 3.51 4.01
C ASP A 15 -7.17 2.02 3.62
N ALA A 16 -7.91 1.64 2.55
CA ALA A 16 -7.86 0.31 1.94
C ALA A 16 -6.75 0.17 0.87
N THR A 17 -5.96 1.23 0.64
CA THR A 17 -4.74 1.19 -0.17
C THR A 17 -3.52 1.11 0.75
N VAL A 18 -2.55 0.27 0.40
CA VAL A 18 -1.24 0.18 1.07
C VAL A 18 -0.15 0.79 0.19
N TYR A 19 0.83 1.41 0.82
CA TYR A 19 2.08 1.89 0.21
C TYR A 19 3.17 0.83 0.42
N VAL A 20 4.04 0.66 -0.58
CA VAL A 20 5.23 -0.21 -0.54
C VAL A 20 6.44 0.58 -1.03
N GLY A 21 7.43 0.80 -0.16
CA GLY A 21 8.69 1.47 -0.48
C GLY A 21 9.90 0.53 -0.48
N GLY A 22 10.90 0.84 -1.32
CA GLY A 22 12.18 0.11 -1.39
C GLY A 22 12.20 -1.00 -2.45
N LEU A 23 11.49 -0.81 -3.57
CA LEU A 23 11.23 -1.81 -4.59
C LEU A 23 12.43 -2.01 -5.52
N ASP A 24 12.55 -3.20 -6.09
CA ASP A 24 13.58 -3.55 -7.06
C ASP A 24 13.13 -3.28 -8.51
N GLU A 25 14.06 -3.07 -9.45
CA GLU A 25 13.77 -2.78 -10.86
C GLU A 25 12.95 -3.87 -11.58
N LYS A 26 12.91 -5.10 -11.07
CA LYS A 26 12.09 -6.22 -11.60
C LYS A 26 10.62 -6.19 -11.12
N VAL A 27 10.27 -5.32 -10.17
CA VAL A 27 8.90 -5.18 -9.64
C VAL A 27 8.02 -4.34 -10.59
N SER A 28 6.76 -4.76 -10.78
CA SER A 28 5.74 -3.98 -11.51
C SER A 28 4.33 -4.19 -10.95
N GLU A 29 3.37 -3.36 -11.35
CA GLU A 29 1.95 -3.44 -10.94
C GLU A 29 1.29 -4.83 -11.05
N PRO A 30 1.44 -5.61 -12.14
CA PRO A 30 0.86 -6.96 -12.21
C PRO A 30 1.53 -7.96 -11.27
N LEU A 31 2.82 -7.75 -10.93
CA LEU A 31 3.48 -8.53 -9.87
C LEU A 31 2.85 -8.21 -8.53
N LEU A 32 2.78 -6.92 -8.18
CA LEU A 32 2.25 -6.48 -6.88
C LEU A 32 0.84 -7.01 -6.64
N TRP A 33 -0.01 -6.98 -7.67
CA TRP A 33 -1.39 -7.46 -7.57
C TRP A 33 -1.43 -8.93 -7.16
N GLU A 34 -0.84 -9.81 -7.98
CA GLU A 34 -0.83 -11.25 -7.74
C GLU A 34 -0.04 -11.67 -6.48
N LEU A 35 0.99 -10.90 -6.10
CA LEU A 35 1.76 -11.12 -4.88
C LEU A 35 0.96 -10.78 -3.61
N PHE A 36 0.10 -9.75 -3.66
CA PHE A 36 -0.67 -9.26 -2.50
C PHE A 36 -2.04 -9.94 -2.34
N LEU A 37 -2.48 -10.73 -3.33
CA LEU A 37 -3.64 -11.64 -3.21
C LEU A 37 -3.55 -12.61 -2.02
N GLN A 38 -2.34 -12.86 -1.51
CA GLN A 38 -2.08 -13.65 -0.30
C GLN A 38 -2.71 -13.03 0.96
N ALA A 39 -2.77 -11.71 1.03
CA ALA A 39 -3.36 -10.98 2.15
C ALA A 39 -4.91 -10.93 2.07
N GLY A 40 -5.44 -10.64 0.89
CA GLY A 40 -6.88 -10.52 0.63
C GLY A 40 -7.20 -10.13 -0.83
N PRO A 41 -8.47 -9.85 -1.15
CA PRO A 41 -8.89 -9.49 -2.50
C PRO A 41 -8.32 -8.12 -2.93
N VAL A 42 -7.39 -8.14 -3.89
CA VAL A 42 -6.81 -6.96 -4.54
C VAL A 42 -7.70 -6.52 -5.70
N VAL A 43 -7.95 -5.21 -5.76
CA VAL A 43 -8.90 -4.56 -6.69
C VAL A 43 -8.16 -3.75 -7.78
N ASN A 44 -7.03 -3.16 -7.42
CA ASN A 44 -6.23 -2.25 -8.26
C ASN A 44 -4.77 -2.15 -7.73
N THR A 45 -3.84 -1.69 -8.57
CA THR A 45 -2.44 -1.38 -8.21
C THR A 45 -1.98 -0.06 -8.86
N HIS A 46 -0.96 0.59 -8.28
CA HIS A 46 -0.35 1.80 -8.84
C HIS A 46 1.17 1.81 -8.63
N MET A 47 1.95 2.13 -9.66
CA MET A 47 3.41 2.35 -9.56
C MET A 47 3.78 3.64 -10.30
N PRO A 48 4.10 4.74 -9.60
CA PRO A 48 4.53 5.99 -10.22
C PRO A 48 5.82 5.81 -11.06
N LYS A 49 5.84 6.39 -12.27
CA LYS A 49 6.91 6.22 -13.27
C LYS A 49 7.74 7.50 -13.47
N ASP A 50 9.01 7.32 -13.79
CA ASP A 50 9.93 8.38 -14.22
C ASP A 50 9.54 8.98 -15.59
N ARG A 51 9.82 10.27 -15.81
CA ARG A 51 9.39 11.03 -16.99
C ARG A 51 10.30 10.98 -18.23
N VAL A 52 11.43 10.26 -18.17
CA VAL A 52 12.42 10.16 -19.27
C VAL A 52 12.92 8.73 -19.49
N THR A 53 13.01 7.94 -18.42
CA THR A 53 13.46 6.54 -18.44
C THR A 53 12.29 5.56 -18.32
N GLY A 54 11.14 6.04 -17.84
CA GLY A 54 9.86 5.33 -17.82
C GLY A 54 9.75 4.16 -16.82
N GLN A 55 10.81 3.89 -16.05
CA GLN A 55 10.84 2.90 -14.95
C GLN A 55 10.20 3.47 -13.68
N HIS A 56 9.86 2.61 -12.71
CA HIS A 56 9.21 3.04 -11.47
C HIS A 56 10.15 3.85 -10.54
N GLN A 57 9.56 4.67 -9.67
CA GLN A 57 10.27 5.61 -8.79
C GLN A 57 10.78 5.00 -7.46
N GLY A 58 10.85 3.67 -7.35
CA GLY A 58 11.32 2.93 -6.16
C GLY A 58 10.22 2.58 -5.14
N TYR A 59 8.97 2.96 -5.40
CA TYR A 59 7.81 2.69 -4.56
C TYR A 59 6.53 2.45 -5.38
N GLY A 60 5.56 1.76 -4.77
CA GLY A 60 4.30 1.32 -5.36
C GLY A 60 3.14 1.31 -4.37
N PHE A 61 1.95 0.96 -4.85
CA PHE A 61 0.71 0.87 -4.08
C PHE A 61 -0.16 -0.32 -4.50
N VAL A 62 -0.92 -0.85 -3.56
CA VAL A 62 -1.90 -1.95 -3.77
C VAL A 62 -3.22 -1.61 -3.07
N GLU A 63 -4.34 -1.73 -3.78
CA GLU A 63 -5.69 -1.39 -3.30
C GLU A 63 -6.52 -2.65 -3.04
N PHE A 64 -7.00 -2.80 -1.81
CA PHE A 64 -7.83 -3.93 -1.36
C PHE A 64 -9.32 -3.59 -1.35
N LEU A 65 -10.16 -4.64 -1.35
CA LEU A 65 -11.62 -4.49 -1.30
C LEU A 65 -12.10 -3.81 0.00
N SER A 66 -11.40 -4.07 1.11
CA SER A 66 -11.73 -3.55 2.44
C SER A 66 -10.47 -3.16 3.23
N GLU A 67 -10.62 -2.23 4.18
CA GLU A 67 -9.53 -1.70 5.01
C GLU A 67 -8.89 -2.76 5.91
N GLU A 68 -9.65 -3.76 6.39
CA GLU A 68 -9.12 -4.87 7.20
C GLU A 68 -8.23 -5.84 6.39
N ASP A 69 -8.44 -5.92 5.08
CA ASP A 69 -7.57 -6.69 4.17
C ASP A 69 -6.26 -5.94 3.87
N ALA A 70 -6.30 -4.60 3.82
CA ALA A 70 -5.10 -3.77 3.69
C ALA A 70 -4.26 -3.81 4.98
N ASP A 71 -4.91 -3.70 6.14
CA ASP A 71 -4.25 -3.76 7.45
C ASP A 71 -3.54 -5.10 7.71
N TYR A 72 -4.03 -6.19 7.11
CA TYR A 72 -3.41 -7.51 7.14
C TYR A 72 -2.24 -7.65 6.15
N ALA A 73 -2.33 -7.01 4.97
CA ALA A 73 -1.23 -7.03 4.00
C ALA A 73 0.02 -6.34 4.57
N ILE A 74 -0.18 -5.25 5.33
CA ILE A 74 0.86 -4.53 6.08
C ILE A 74 1.51 -5.45 7.12
N LYS A 75 0.73 -6.29 7.80
CA LYS A 75 1.22 -7.25 8.81
C LYS A 75 2.17 -8.30 8.21
N ILE A 76 1.90 -8.78 6.99
CA ILE A 76 2.69 -9.86 6.35
C ILE A 76 3.80 -9.38 5.39
N MET A 77 3.65 -8.23 4.72
CA MET A 77 4.58 -7.76 3.67
C MET A 77 5.63 -6.74 4.13
N ASP A 78 5.62 -6.36 5.40
CA ASP A 78 6.59 -5.42 5.97
C ASP A 78 7.88 -6.14 6.40
N MET A 79 9.04 -5.50 6.15
CA MET A 79 10.39 -6.06 6.36
C MET A 79 10.69 -7.34 5.53
N ILE A 80 9.85 -7.64 4.53
CA ILE A 80 10.08 -8.66 3.49
C ILE A 80 11.18 -8.19 2.52
N LYS A 81 11.80 -9.13 1.80
CA LYS A 81 12.87 -8.90 0.82
C LYS A 81 12.49 -9.38 -0.59
N LEU A 82 11.54 -8.67 -1.23
CA LEU A 82 11.14 -8.93 -2.62
C LEU A 82 12.36 -8.80 -3.56
N TYR A 83 12.62 -9.82 -4.40
CA TYR A 83 13.87 -9.93 -5.17
C TYR A 83 15.19 -9.67 -4.39
N GLY A 84 15.25 -9.91 -3.07
CA GLY A 84 16.46 -9.75 -2.25
C GLY A 84 16.84 -8.31 -1.85
N LYS A 85 15.86 -7.39 -1.82
CA LYS A 85 15.96 -5.97 -1.46
C LYS A 85 14.84 -5.66 -0.45
N PRO A 86 15.17 -5.20 0.77
CA PRO A 86 14.19 -5.06 1.86
C PRO A 86 13.19 -3.92 1.60
N ILE A 87 11.89 -4.23 1.75
CA ILE A 87 10.77 -3.30 1.58
C ILE A 87 10.18 -2.84 2.92
N ARG A 88 9.43 -1.73 2.90
CA ARG A 88 8.61 -1.24 4.02
C ARG A 88 7.18 -0.96 3.56
N VAL A 89 6.19 -1.31 4.39
CA VAL A 89 4.77 -1.32 4.03
C VAL A 89 3.92 -0.66 5.12
N ASN A 90 2.95 0.18 4.72
CA ASN A 90 2.02 0.90 5.60
C ASN A 90 0.73 1.31 4.86
N LYS A 91 -0.28 1.85 5.56
CA LYS A 91 -1.48 2.45 4.93
C LYS A 91 -1.05 3.62 4.03
N ALA A 92 -1.68 3.80 2.87
CA ALA A 92 -1.35 4.89 1.94
C ALA A 92 -1.69 6.30 2.49
N SER A 93 -2.60 6.37 3.49
CA SER A 93 -2.96 7.58 4.24
C SER A 93 -2.73 7.39 5.75
N ALA A 94 -1.57 6.86 6.15
CA ALA A 94 -1.20 6.63 7.55
C ALA A 94 -0.99 7.92 8.37
N HIS A 95 -1.14 7.80 9.70
CA HIS A 95 -0.93 8.87 10.70
C HIS A 95 -0.20 8.34 11.94
N ASN A 96 0.43 9.24 12.70
CA ASN A 96 1.03 8.92 14.00
C ASN A 96 -0.06 8.83 15.09
N LYS A 97 0.14 7.95 16.09
CA LYS A 97 -0.81 7.75 17.21
C LYS A 97 -0.71 8.90 18.24
N ASN A 98 -1.82 9.62 18.42
CA ASN A 98 -1.97 10.67 19.44
C ASN A 98 -2.59 10.13 20.76
N LEU A 99 -3.32 9.01 20.69
CA LEU A 99 -3.98 8.36 21.84
C LEU A 99 -2.97 7.72 22.81
N SER A 100 -3.33 7.65 24.09
CA SER A 100 -2.53 7.07 25.18
C SER A 100 -2.35 5.53 25.06
N GLY A 101 -1.42 4.99 25.86
CA GLY A 101 -1.26 3.54 26.09
C GLY A 101 -2.34 2.94 27.01
N PRO A 102 -2.17 1.67 27.45
CA PRO A 102 -3.12 1.01 28.35
C PRO A 102 -3.20 1.69 29.73
N SER A 103 -4.35 1.56 30.39
CA SER A 103 -4.64 2.20 31.70
C SER A 103 -4.04 1.49 32.90
N SER A 104 -3.71 0.19 32.78
CA SER A 104 -3.24 -0.70 33.86
C SER A 104 -4.17 -0.74 35.10
N GLY A 105 -5.47 -0.50 34.91
CA GLY A 105 -6.51 -0.52 35.96
C GLY A 105 -6.79 -1.92 36.52
N GLY A 1 0.47 2.13 21.47
CA GLY A 1 0.54 2.44 20.01
C GLY A 1 -0.12 3.77 19.69
N SER A 2 -0.65 3.90 18.47
CA SER A 2 -1.33 5.12 17.98
C SER A 2 -2.61 5.43 18.76
N SER A 3 -2.88 6.72 19.01
CA SER A 3 -4.06 7.19 19.76
C SER A 3 -5.38 7.05 18.99
N GLY A 4 -5.32 7.09 17.66
CA GLY A 4 -6.48 6.94 16.75
C GLY A 4 -6.26 7.61 15.40
N SER A 5 -7.31 7.59 14.56
CA SER A 5 -7.37 8.27 13.25
C SER A 5 -8.82 8.61 12.91
N SER A 6 -9.11 9.84 12.46
CA SER A 6 -10.47 10.34 12.17
C SER A 6 -10.61 11.02 10.81
N GLY A 7 -11.82 10.95 10.22
CA GLY A 7 -12.15 11.53 8.91
C GLY A 7 -11.59 10.72 7.72
N PRO A 8 -12.37 9.77 7.15
CA PRO A 8 -11.99 9.02 5.94
C PRO A 8 -11.68 9.93 4.74
N ILE A 9 -10.79 9.48 3.85
CA ILE A 9 -10.26 10.29 2.75
C ILE A 9 -11.28 10.55 1.62
N SER A 10 -11.11 11.67 0.90
CA SER A 10 -11.91 12.07 -0.26
C SER A 10 -11.26 11.78 -1.63
N GLU A 11 -10.05 11.21 -1.66
CA GLU A 11 -9.26 10.93 -2.86
C GLU A 11 -8.82 9.46 -2.95
N ARG A 12 -8.99 8.84 -4.13
CA ARG A 12 -8.82 7.40 -4.39
C ARG A 12 -9.48 6.53 -3.30
N ASN A 13 -8.80 5.48 -2.84
CA ASN A 13 -9.22 4.57 -1.78
C ASN A 13 -8.08 4.37 -0.75
N GLN A 14 -7.34 5.44 -0.41
CA GLN A 14 -6.09 5.37 0.36
C GLN A 14 -6.21 4.70 1.75
N ASP A 15 -7.41 4.67 2.35
CA ASP A 15 -7.68 3.97 3.63
C ASP A 15 -7.76 2.44 3.50
N ALA A 16 -7.98 1.91 2.30
CA ALA A 16 -7.94 0.48 1.96
C ALA A 16 -6.84 0.16 0.93
N THR A 17 -5.94 1.10 0.67
CA THR A 17 -4.75 0.94 -0.18
C THR A 17 -3.51 0.93 0.73
N VAL A 18 -2.57 0.03 0.46
CA VAL A 18 -1.25 0.04 1.12
C VAL A 18 -0.22 0.69 0.21
N TYR A 19 0.75 1.37 0.81
CA TYR A 19 1.95 1.89 0.16
C TYR A 19 3.08 0.87 0.36
N VAL A 20 3.92 0.67 -0.66
CA VAL A 20 5.09 -0.21 -0.65
C VAL A 20 6.30 0.55 -1.18
N GLY A 21 7.28 0.82 -0.31
CA GLY A 21 8.53 1.49 -0.66
C GLY A 21 9.74 0.54 -0.67
N GLY A 22 10.68 0.79 -1.58
CA GLY A 22 11.95 0.03 -1.69
C GLY A 22 11.96 -1.05 -2.79
N LEU A 23 11.20 -0.83 -3.86
CA LEU A 23 10.95 -1.79 -4.93
C LEU A 23 12.14 -1.90 -5.89
N ASP A 24 12.39 -3.11 -6.39
CA ASP A 24 13.44 -3.39 -7.37
C ASP A 24 12.97 -3.13 -8.82
N GLU A 25 13.89 -2.92 -9.75
CA GLU A 25 13.59 -2.71 -11.19
C GLU A 25 12.82 -3.88 -11.85
N LYS A 26 12.87 -5.10 -11.29
CA LYS A 26 12.08 -6.26 -11.76
C LYS A 26 10.62 -6.28 -11.27
N VAL A 27 10.25 -5.43 -10.31
CA VAL A 27 8.87 -5.32 -9.80
C VAL A 27 7.94 -4.67 -10.84
N SER A 28 6.71 -5.17 -10.94
CA SER A 28 5.64 -4.64 -11.81
C SER A 28 4.30 -4.55 -11.08
N GLU A 29 3.36 -3.76 -11.59
CA GLU A 29 2.01 -3.66 -11.00
C GLU A 29 1.25 -5.00 -10.97
N PRO A 30 1.31 -5.87 -12.00
CA PRO A 30 0.78 -7.23 -11.91
C PRO A 30 1.45 -8.10 -10.85
N LEU A 31 2.75 -7.90 -10.56
CA LEU A 31 3.43 -8.61 -9.47
C LEU A 31 2.85 -8.16 -8.12
N LEU A 32 2.77 -6.85 -7.91
CA LEU A 32 2.22 -6.28 -6.67
C LEU A 32 0.75 -6.65 -6.45
N TRP A 33 0.02 -7.00 -7.51
CA TRP A 33 -1.32 -7.55 -7.41
C TRP A 33 -1.28 -9.00 -6.92
N GLU A 34 -0.73 -9.90 -7.74
CA GLU A 34 -0.76 -11.35 -7.49
C GLU A 34 0.01 -11.78 -6.23
N LEU A 35 1.08 -11.06 -5.87
CA LEU A 35 1.86 -11.32 -4.65
C LEU A 35 1.07 -10.96 -3.38
N PHE A 36 0.18 -9.97 -3.44
CA PHE A 36 -0.58 -9.43 -2.31
C PHE A 36 -1.96 -10.09 -2.13
N LEU A 37 -2.41 -10.89 -3.10
CA LEU A 37 -3.60 -11.76 -2.98
C LEU A 37 -3.53 -12.74 -1.77
N GLN A 38 -2.33 -12.96 -1.23
CA GLN A 38 -2.09 -13.72 0.00
C GLN A 38 -2.70 -13.05 1.25
N ALA A 39 -2.74 -11.72 1.28
CA ALA A 39 -3.33 -10.95 2.38
C ALA A 39 -4.87 -10.89 2.29
N GLY A 40 -5.39 -10.61 1.09
CA GLY A 40 -6.82 -10.51 0.83
C GLY A 40 -7.14 -10.18 -0.64
N PRO A 41 -8.41 -9.89 -0.97
CA PRO A 41 -8.84 -9.56 -2.33
C PRO A 41 -8.27 -8.20 -2.78
N VAL A 42 -7.30 -8.25 -3.70
CA VAL A 42 -6.73 -7.09 -4.38
C VAL A 42 -7.63 -6.68 -5.56
N VAL A 43 -7.91 -5.39 -5.66
CA VAL A 43 -8.87 -4.77 -6.58
C VAL A 43 -8.16 -3.98 -7.69
N ASN A 44 -7.01 -3.37 -7.37
CA ASN A 44 -6.23 -2.49 -8.25
C ASN A 44 -4.78 -2.35 -7.72
N THR A 45 -3.85 -1.91 -8.58
CA THR A 45 -2.45 -1.56 -8.23
C THR A 45 -2.01 -0.27 -8.92
N HIS A 46 -1.04 0.44 -8.32
CA HIS A 46 -0.46 1.67 -8.88
C HIS A 46 1.05 1.75 -8.61
N MET A 47 1.85 2.07 -9.61
CA MET A 47 3.30 2.36 -9.45
C MET A 47 3.66 3.62 -10.25
N PRO A 48 3.85 4.78 -9.60
CA PRO A 48 4.19 6.03 -10.28
C PRO A 48 5.44 5.93 -11.17
N LYS A 49 5.31 6.39 -12.42
CA LYS A 49 6.36 6.34 -13.45
C LYS A 49 7.17 7.64 -13.51
N ASP A 50 8.44 7.50 -13.86
CA ASP A 50 9.44 8.56 -13.91
C ASP A 50 9.37 9.43 -15.18
N ARG A 51 9.70 10.72 -15.05
CA ARG A 51 9.60 11.72 -16.14
C ARG A 51 10.84 11.86 -17.04
N VAL A 52 11.86 11.00 -16.87
CA VAL A 52 13.15 11.07 -17.58
C VAL A 52 13.54 9.70 -18.16
N THR A 53 13.28 8.63 -17.42
CA THR A 53 13.63 7.23 -17.77
C THR A 53 12.40 6.37 -18.05
N GLY A 54 11.22 6.78 -17.56
CA GLY A 54 9.95 6.09 -17.73
C GLY A 54 9.77 4.81 -16.89
N GLN A 55 10.76 4.45 -16.07
CA GLN A 55 10.69 3.34 -15.09
C GLN A 55 9.84 3.74 -13.88
N HIS A 56 9.52 2.80 -12.98
CA HIS A 56 8.90 3.15 -11.69
C HIS A 56 9.91 3.86 -10.76
N GLN A 57 9.42 4.73 -9.87
CA GLN A 57 10.27 5.56 -8.98
C GLN A 57 10.65 4.90 -7.64
N GLY A 58 10.68 3.55 -7.59
CA GLY A 58 11.12 2.78 -6.42
C GLY A 58 10.03 2.51 -5.37
N TYR A 59 8.78 2.89 -5.63
CA TYR A 59 7.64 2.65 -4.75
C TYR A 59 6.34 2.38 -5.55
N GLY A 60 5.37 1.78 -4.88
CA GLY A 60 4.07 1.38 -5.43
C GLY A 60 2.95 1.35 -4.39
N PHE A 61 1.77 0.94 -4.83
CA PHE A 61 0.55 0.83 -4.04
C PHE A 61 -0.28 -0.41 -4.43
N VAL A 62 -1.01 -0.97 -3.47
CA VAL A 62 -1.94 -2.10 -3.67
C VAL A 62 -3.28 -1.82 -3.00
N GLU A 63 -4.36 -1.84 -3.76
CA GLU A 63 -5.72 -1.50 -3.32
C GLU A 63 -6.51 -2.76 -2.97
N PHE A 64 -6.96 -2.87 -1.73
CA PHE A 64 -7.79 -3.97 -1.25
C PHE A 64 -9.28 -3.62 -1.21
N LEU A 65 -10.12 -4.66 -1.19
CA LEU A 65 -11.58 -4.50 -1.12
C LEU A 65 -12.03 -3.79 0.17
N SER A 66 -11.32 -4.03 1.28
CA SER A 66 -11.63 -3.49 2.61
C SER A 66 -10.37 -3.13 3.41
N GLU A 67 -10.51 -2.20 4.36
CA GLU A 67 -9.41 -1.74 5.22
C GLU A 67 -8.78 -2.86 6.08
N GLU A 68 -9.57 -3.83 6.52
CA GLU A 68 -9.08 -4.98 7.29
C GLU A 68 -8.21 -5.94 6.47
N ASP A 69 -8.35 -5.94 5.14
CA ASP A 69 -7.47 -6.69 4.22
C ASP A 69 -6.18 -5.93 3.93
N ALA A 70 -6.22 -4.58 3.92
CA ALA A 70 -5.02 -3.74 3.85
C ALA A 70 -4.18 -3.86 5.13
N ASP A 71 -4.83 -3.84 6.31
CA ASP A 71 -4.19 -4.08 7.62
C ASP A 71 -3.52 -5.47 7.71
N TYR A 72 -4.01 -6.46 6.98
CA TYR A 72 -3.37 -7.77 6.87
C TYR A 72 -2.12 -7.71 5.99
N ALA A 73 -2.15 -6.98 4.86
CA ALA A 73 -1.00 -6.90 3.96
C ALA A 73 0.18 -6.13 4.58
N ILE A 74 -0.11 -5.08 5.35
CA ILE A 74 0.88 -4.36 6.16
C ILE A 74 1.56 -5.30 7.17
N LYS A 75 0.77 -6.23 7.74
CA LYS A 75 1.22 -7.18 8.76
C LYS A 75 2.18 -8.24 8.23
N ILE A 76 1.97 -8.73 7.01
CA ILE A 76 2.81 -9.76 6.37
C ILE A 76 3.93 -9.23 5.45
N MET A 77 3.73 -8.13 4.70
CA MET A 77 4.66 -7.69 3.65
C MET A 77 5.69 -6.64 4.10
N ASP A 78 5.65 -6.23 5.36
CA ASP A 78 6.62 -5.28 5.92
C ASP A 78 7.91 -5.97 6.35
N MET A 79 9.06 -5.32 6.10
CA MET A 79 10.42 -5.86 6.30
C MET A 79 10.74 -7.14 5.49
N ILE A 80 9.91 -7.49 4.51
CA ILE A 80 10.15 -8.52 3.50
C ILE A 80 11.21 -8.04 2.48
N LYS A 81 11.86 -8.97 1.78
CA LYS A 81 12.93 -8.71 0.80
C LYS A 81 12.55 -9.15 -0.62
N LEU A 82 11.62 -8.44 -1.26
CA LEU A 82 11.21 -8.69 -2.66
C LEU A 82 12.43 -8.57 -3.59
N TYR A 83 12.71 -9.59 -4.42
CA TYR A 83 13.97 -9.70 -5.19
C TYR A 83 15.28 -9.43 -4.39
N GLY A 84 15.33 -9.70 -3.07
CA GLY A 84 16.55 -9.59 -2.25
C GLY A 84 16.93 -8.18 -1.77
N LYS A 85 15.98 -7.24 -1.77
CA LYS A 85 16.10 -5.82 -1.36
C LYS A 85 14.92 -5.49 -0.43
N PRO A 86 15.17 -5.00 0.79
CA PRO A 86 14.15 -4.86 1.82
C PRO A 86 13.13 -3.75 1.51
N ILE A 87 11.84 -4.08 1.64
CA ILE A 87 10.69 -3.17 1.46
C ILE A 87 10.10 -2.72 2.81
N ARG A 88 9.32 -1.64 2.78
CA ARG A 88 8.49 -1.15 3.89
C ARG A 88 7.05 -0.92 3.45
N VAL A 89 6.09 -1.27 4.32
CA VAL A 89 4.65 -1.27 4.00
C VAL A 89 3.83 -0.58 5.10
N ASN A 90 2.86 0.25 4.71
CA ASN A 90 1.96 1.01 5.59
C ASN A 90 0.68 1.41 4.84
N LYS A 91 -0.30 2.00 5.55
CA LYS A 91 -1.50 2.59 4.93
C LYS A 91 -1.09 3.71 3.96
N ALA A 92 -1.76 3.80 2.82
CA ALA A 92 -1.51 4.88 1.86
C ALA A 92 -2.10 6.24 2.32
N SER A 93 -2.84 6.25 3.44
CA SER A 93 -3.36 7.43 4.17
C SER A 93 -2.72 7.66 5.55
N ALA A 94 -1.59 7.00 5.86
CA ALA A 94 -1.00 6.96 7.21
C ALA A 94 -0.73 8.34 7.86
N HIS A 95 -0.53 9.39 7.04
CA HIS A 95 -0.34 10.78 7.47
C HIS A 95 -1.54 11.38 8.23
N ASN A 96 -2.73 10.77 8.10
CA ASN A 96 -3.97 11.23 8.75
C ASN A 96 -3.97 11.10 10.29
N LYS A 97 -3.01 10.36 10.87
CA LYS A 97 -2.81 10.17 12.33
C LYS A 97 -2.72 11.49 13.12
N ASN A 98 -2.37 12.61 12.47
CA ASN A 98 -2.41 13.96 13.04
C ASN A 98 -3.80 14.37 13.59
N LEU A 99 -4.88 13.82 13.03
CA LEU A 99 -6.25 13.92 13.55
C LEU A 99 -6.68 12.56 14.13
N SER A 100 -6.70 12.45 15.47
CA SER A 100 -6.87 11.18 16.18
C SER A 100 -8.30 10.84 16.62
N GLY A 101 -9.23 11.80 16.56
CA GLY A 101 -10.62 11.62 16.97
C GLY A 101 -11.57 12.72 16.42
N PRO A 102 -12.89 12.60 16.65
CA PRO A 102 -13.87 13.57 16.15
C PRO A 102 -13.60 15.00 16.63
N SER A 103 -13.68 15.97 15.70
CA SER A 103 -13.44 17.41 15.95
C SER A 103 -12.08 17.73 16.62
N SER A 104 -11.04 16.93 16.34
CA SER A 104 -9.67 17.13 16.87
C SER A 104 -9.08 18.50 16.44
N GLY A 105 -8.38 19.17 17.35
CA GLY A 105 -7.76 20.49 17.17
C GLY A 105 -6.50 20.45 16.30
N GLY A 1 -18.66 -16.24 11.42
CA GLY A 1 -17.44 -16.81 10.83
C GLY A 1 -16.55 -15.74 10.21
N SER A 2 -15.78 -16.11 9.18
CA SER A 2 -14.86 -15.21 8.46
C SER A 2 -15.57 -14.13 7.65
N SER A 3 -14.90 -13.00 7.42
CA SER A 3 -15.40 -11.87 6.62
C SER A 3 -15.64 -12.23 5.15
N GLY A 4 -16.70 -11.69 4.54
CA GLY A 4 -17.10 -11.97 3.17
C GLY A 4 -18.53 -11.52 2.85
N SER A 5 -19.19 -12.22 1.90
CA SER A 5 -20.59 -12.03 1.50
C SER A 5 -20.98 -10.61 1.02
N SER A 6 -20.02 -9.85 0.49
CA SER A 6 -20.22 -8.52 -0.10
C SER A 6 -19.20 -8.24 -1.22
N GLY A 7 -19.63 -7.51 -2.26
CA GLY A 7 -18.80 -7.11 -3.42
C GLY A 7 -18.16 -5.72 -3.28
N PRO A 8 -17.62 -5.16 -4.38
CA PRO A 8 -17.10 -3.79 -4.43
C PRO A 8 -18.16 -2.73 -4.08
N ILE A 9 -17.70 -1.61 -3.51
CA ILE A 9 -18.54 -0.50 -3.02
C ILE A 9 -18.06 0.88 -3.49
N SER A 10 -18.95 1.88 -3.45
CA SER A 10 -18.66 3.27 -3.84
C SER A 10 -17.93 4.09 -2.76
N GLU A 11 -17.91 3.61 -1.52
CA GLU A 11 -17.22 4.24 -0.36
C GLU A 11 -15.71 3.94 -0.38
N ARG A 12 -15.03 4.34 -1.46
CA ARG A 12 -13.61 4.11 -1.71
C ARG A 12 -12.74 4.96 -0.76
N ASN A 13 -11.91 4.31 0.06
CA ASN A 13 -11.12 4.93 1.12
C ASN A 13 -9.61 4.73 0.91
N GLN A 14 -8.80 5.76 1.22
CA GLN A 14 -7.33 5.70 1.14
C GLN A 14 -6.74 4.61 2.06
N ASP A 15 -7.40 4.32 3.19
CA ASP A 15 -7.01 3.29 4.16
C ASP A 15 -7.13 1.85 3.62
N ALA A 16 -7.89 1.63 2.53
CA ALA A 16 -7.97 0.34 1.84
C ALA A 16 -6.84 0.14 0.81
N THR A 17 -6.00 1.15 0.58
CA THR A 17 -4.77 1.05 -0.22
C THR A 17 -3.56 0.98 0.71
N VAL A 18 -2.59 0.12 0.40
CA VAL A 18 -1.28 0.07 1.05
C VAL A 18 -0.22 0.68 0.15
N TYR A 19 0.77 1.32 0.74
CA TYR A 19 2.00 1.80 0.10
C TYR A 19 3.11 0.76 0.27
N VAL A 20 3.96 0.61 -0.74
CA VAL A 20 5.14 -0.28 -0.76
C VAL A 20 6.35 0.52 -1.26
N GLY A 21 7.32 0.79 -0.40
CA GLY A 21 8.56 1.48 -0.73
C GLY A 21 9.78 0.56 -0.74
N GLY A 22 10.75 0.82 -1.63
CA GLY A 22 12.02 0.10 -1.72
C GLY A 22 12.05 -0.99 -2.79
N LEU A 23 11.31 -0.79 -3.89
CA LEU A 23 11.16 -1.72 -5.00
C LEU A 23 12.41 -1.81 -5.87
N ASP A 24 12.44 -2.76 -6.80
CA ASP A 24 13.56 -2.98 -7.73
C ASP A 24 13.08 -3.10 -9.19
N GLU A 25 13.98 -2.99 -10.18
CA GLU A 25 13.63 -2.86 -11.60
C GLU A 25 12.83 -4.04 -12.20
N LYS A 26 12.82 -5.20 -11.53
CA LYS A 26 12.04 -6.40 -11.91
C LYS A 26 10.58 -6.38 -11.41
N VAL A 27 10.25 -5.50 -10.44
CA VAL A 27 8.90 -5.34 -9.89
C VAL A 27 7.97 -4.66 -10.90
N SER A 28 6.72 -5.14 -10.99
CA SER A 28 5.67 -4.58 -11.86
C SER A 28 4.31 -4.51 -11.14
N GLU A 29 3.38 -3.70 -11.64
CA GLU A 29 2.03 -3.59 -11.07
C GLU A 29 1.26 -4.93 -11.05
N PRO A 30 1.33 -5.79 -12.08
CA PRO A 30 0.81 -7.16 -12.01
C PRO A 30 1.47 -8.03 -10.95
N LEU A 31 2.77 -7.83 -10.64
CA LEU A 31 3.44 -8.54 -9.56
C LEU A 31 2.87 -8.10 -8.22
N LEU A 32 2.80 -6.78 -7.98
CA LEU A 32 2.25 -6.23 -6.73
C LEU A 32 0.78 -6.60 -6.52
N TRP A 33 0.05 -6.91 -7.58
CA TRP A 33 -1.30 -7.46 -7.49
C TRP A 33 -1.26 -8.92 -7.03
N GLU A 34 -0.71 -9.81 -7.86
CA GLU A 34 -0.74 -11.27 -7.64
C GLU A 34 0.02 -11.73 -6.39
N LEU A 35 1.08 -11.02 -6.01
CA LEU A 35 1.85 -11.29 -4.79
C LEU A 35 1.04 -10.97 -3.51
N PHE A 36 0.18 -9.94 -3.56
CA PHE A 36 -0.60 -9.43 -2.41
C PHE A 36 -1.97 -10.12 -2.27
N LEU A 37 -2.41 -10.90 -3.26
CA LEU A 37 -3.60 -11.78 -3.16
C LEU A 37 -3.53 -12.78 -1.99
N GLN A 38 -2.33 -13.02 -1.45
CA GLN A 38 -2.08 -13.81 -0.23
C GLN A 38 -2.69 -13.17 1.02
N ALA A 39 -2.73 -11.83 1.07
CA ALA A 39 -3.32 -11.10 2.19
C ALA A 39 -4.86 -11.05 2.11
N GLY A 40 -5.40 -10.78 0.92
CA GLY A 40 -6.84 -10.67 0.66
C GLY A 40 -7.15 -10.28 -0.80
N PRO A 41 -8.43 -10.00 -1.13
CA PRO A 41 -8.86 -9.64 -2.48
C PRO A 41 -8.30 -8.27 -2.91
N VAL A 42 -7.35 -8.29 -3.85
CA VAL A 42 -6.78 -7.10 -4.49
C VAL A 42 -7.66 -6.67 -5.66
N VAL A 43 -7.91 -5.36 -5.76
CA VAL A 43 -8.86 -4.72 -6.69
C VAL A 43 -8.14 -3.89 -7.76
N ASN A 44 -6.99 -3.29 -7.40
CA ASN A 44 -6.21 -2.37 -8.24
C ASN A 44 -4.75 -2.25 -7.72
N THR A 45 -3.83 -1.80 -8.58
CA THR A 45 -2.43 -1.45 -8.24
C THR A 45 -1.99 -0.15 -8.91
N HIS A 46 -0.99 0.54 -8.33
CA HIS A 46 -0.40 1.75 -8.91
C HIS A 46 1.12 1.78 -8.67
N MET A 47 1.93 2.09 -9.68
CA MET A 47 3.36 2.37 -9.53
C MET A 47 3.74 3.62 -10.34
N PRO A 48 3.97 4.78 -9.70
CA PRO A 48 4.38 6.00 -10.39
C PRO A 48 5.67 5.82 -11.21
N LYS A 49 5.70 6.38 -12.43
CA LYS A 49 6.80 6.22 -13.40
C LYS A 49 7.71 7.46 -13.47
N ASP A 50 8.96 7.23 -13.85
CA ASP A 50 9.99 8.26 -14.07
C ASP A 50 9.82 8.96 -15.42
N ARG A 51 10.09 10.27 -15.51
CA ARG A 51 9.89 11.10 -16.71
C ARG A 51 11.05 11.07 -17.73
N VAL A 52 12.10 10.28 -17.51
CA VAL A 52 13.33 10.22 -18.33
C VAL A 52 13.71 8.76 -18.65
N THR A 53 13.58 7.85 -17.69
CA THR A 53 13.90 6.42 -17.83
C THR A 53 12.65 5.55 -18.03
N GLY A 54 11.49 6.07 -17.62
CA GLY A 54 10.18 5.45 -17.86
C GLY A 54 9.86 4.21 -17.01
N GLN A 55 10.79 3.76 -16.15
CA GLN A 55 10.57 2.73 -15.13
C GLN A 55 9.96 3.34 -13.87
N HIS A 56 9.58 2.53 -12.87
CA HIS A 56 8.97 3.03 -11.64
C HIS A 56 9.94 3.85 -10.76
N GLN A 57 9.38 4.71 -9.89
CA GLN A 57 10.14 5.62 -9.02
C GLN A 57 10.68 4.97 -7.72
N GLY A 58 10.72 3.63 -7.65
CA GLY A 58 11.18 2.87 -6.47
C GLY A 58 10.10 2.56 -5.43
N TYR A 59 8.85 2.95 -5.68
CA TYR A 59 7.69 2.67 -4.81
C TYR A 59 6.40 2.40 -5.61
N GLY A 60 5.43 1.77 -4.95
CA GLY A 60 4.14 1.36 -5.51
C GLY A 60 3.03 1.31 -4.46
N PHE A 61 1.84 0.91 -4.90
CA PHE A 61 0.61 0.82 -4.11
C PHE A 61 -0.23 -0.40 -4.51
N VAL A 62 -0.97 -0.96 -3.55
CA VAL A 62 -1.91 -2.08 -3.75
C VAL A 62 -3.23 -1.78 -3.05
N GLU A 63 -4.34 -1.89 -3.77
CA GLU A 63 -5.69 -1.56 -3.28
C GLU A 63 -6.52 -2.82 -3.01
N PHE A 64 -7.04 -2.96 -1.80
CA PHE A 64 -7.86 -4.08 -1.35
C PHE A 64 -9.35 -3.75 -1.33
N LEU A 65 -10.19 -4.79 -1.34
CA LEU A 65 -11.64 -4.66 -1.28
C LEU A 65 -12.11 -3.98 0.01
N SER A 66 -11.42 -4.25 1.12
CA SER A 66 -11.72 -3.71 2.46
C SER A 66 -10.46 -3.36 3.23
N GLU A 67 -10.62 -2.42 4.16
CA GLU A 67 -9.53 -1.88 4.97
C GLU A 67 -8.85 -2.94 5.86
N GLU A 68 -9.60 -3.92 6.36
CA GLU A 68 -9.07 -5.03 7.17
C GLU A 68 -8.17 -6.00 6.36
N ASP A 69 -8.37 -6.08 5.05
CA ASP A 69 -7.51 -6.85 4.14
C ASP A 69 -6.20 -6.10 3.83
N ALA A 70 -6.25 -4.76 3.77
CA ALA A 70 -5.06 -3.92 3.66
C ALA A 70 -4.24 -3.94 4.96
N ASP A 71 -4.90 -3.84 6.12
CA ASP A 71 -4.26 -3.88 7.45
C ASP A 71 -3.50 -5.20 7.70
N TYR A 72 -3.97 -6.30 7.11
CA TYR A 72 -3.31 -7.60 7.15
C TYR A 72 -2.15 -7.73 6.14
N ALA A 73 -2.26 -7.11 4.96
CA ALA A 73 -1.18 -7.12 3.98
C ALA A 73 0.06 -6.39 4.51
N ILE A 74 -0.13 -5.31 5.26
CA ILE A 74 0.92 -4.59 5.99
C ILE A 74 1.59 -5.50 7.03
N LYS A 75 0.81 -6.31 7.75
CA LYS A 75 1.32 -7.25 8.77
C LYS A 75 2.26 -8.30 8.18
N ILE A 76 1.98 -8.81 6.97
CA ILE A 76 2.78 -9.88 6.34
C ILE A 76 3.87 -9.38 5.37
N MET A 77 3.68 -8.26 4.65
CA MET A 77 4.59 -7.80 3.58
C MET A 77 5.62 -6.75 4.00
N ASP A 78 5.61 -6.33 5.26
CA ASP A 78 6.58 -5.35 5.79
C ASP A 78 7.91 -6.01 6.20
N MET A 79 9.02 -5.36 5.90
CA MET A 79 10.40 -5.88 6.04
C MET A 79 10.71 -7.18 5.27
N ILE A 80 9.83 -7.57 4.34
CA ILE A 80 10.06 -8.64 3.36
C ILE A 80 11.10 -8.19 2.32
N LYS A 81 11.79 -9.12 1.68
CA LYS A 81 12.88 -8.87 0.72
C LYS A 81 12.51 -9.30 -0.71
N LEU A 82 11.61 -8.56 -1.35
CA LEU A 82 11.23 -8.75 -2.76
C LEU A 82 12.48 -8.63 -3.67
N TYR A 83 12.75 -9.61 -4.53
CA TYR A 83 14.04 -9.73 -5.27
C TYR A 83 15.33 -9.54 -4.43
N GLY A 84 15.34 -9.87 -3.12
CA GLY A 84 16.53 -9.77 -2.25
C GLY A 84 16.90 -8.33 -1.81
N LYS A 85 15.90 -7.47 -1.63
CA LYS A 85 15.98 -6.04 -1.36
C LYS A 85 14.80 -5.67 -0.42
N PRO A 86 15.05 -5.16 0.80
CA PRO A 86 14.01 -4.99 1.81
C PRO A 86 13.00 -3.89 1.45
N ILE A 87 11.72 -4.26 1.39
CA ILE A 87 10.58 -3.35 1.20
C ILE A 87 9.95 -2.94 2.53
N ARG A 88 9.44 -1.72 2.61
CA ARG A 88 8.62 -1.23 3.73
C ARG A 88 7.17 -1.00 3.29
N VAL A 89 6.22 -1.41 4.14
CA VAL A 89 4.78 -1.41 3.83
C VAL A 89 3.97 -0.75 4.94
N ASN A 90 3.00 0.10 4.58
CA ASN A 90 2.08 0.81 5.49
C ASN A 90 0.77 1.20 4.77
N LYS A 91 -0.22 1.70 5.53
CA LYS A 91 -1.46 2.27 4.95
C LYS A 91 -1.09 3.45 4.04
N ALA A 92 -1.75 3.64 2.90
CA ALA A 92 -1.48 4.77 2.00
C ALA A 92 -1.98 6.13 2.56
N SER A 93 -2.63 6.12 3.73
CA SER A 93 -3.00 7.27 4.55
C SER A 93 -1.92 7.67 5.59
N ALA A 94 -0.96 6.78 5.89
CA ALA A 94 0.00 6.95 6.99
C ALA A 94 1.08 8.02 6.75
N HIS A 95 1.18 8.54 5.52
CA HIS A 95 2.07 9.66 5.17
C HIS A 95 1.60 11.02 5.73
N ASN A 96 0.33 11.13 6.14
CA ASN A 96 -0.27 12.34 6.70
C ASN A 96 0.06 12.54 8.20
N LYS A 97 0.07 13.80 8.65
CA LYS A 97 0.39 14.28 10.01
C LYS A 97 1.81 13.95 10.52
N ASN A 98 2.19 14.60 11.62
CA ASN A 98 3.46 14.43 12.33
C ASN A 98 3.28 14.69 13.86
N LEU A 99 4.22 14.22 14.69
CA LEU A 99 4.25 14.47 16.13
C LEU A 99 4.80 15.87 16.45
N SER A 100 4.10 16.63 17.28
CA SER A 100 4.46 18.00 17.69
C SER A 100 4.57 18.21 19.21
N GLY A 101 4.34 17.16 20.02
CA GLY A 101 4.43 17.22 21.48
C GLY A 101 5.87 17.28 22.01
N PRO A 102 6.11 17.87 23.21
CA PRO A 102 7.43 17.97 23.81
C PRO A 102 7.95 16.63 24.35
N SER A 103 9.28 16.45 24.35
CA SER A 103 9.96 15.24 24.84
C SER A 103 10.26 15.24 26.36
N SER A 104 10.24 16.43 27.00
CA SER A 104 10.49 16.62 28.43
C SER A 104 9.78 17.88 28.96
N GLY A 105 9.63 17.98 30.29
CA GLY A 105 8.96 19.09 31.00
C GLY A 105 9.10 19.01 32.52
N GLY A 1 -22.07 1.82 4.41
CA GLY A 1 -21.86 3.13 5.09
C GLY A 1 -20.71 3.07 6.08
N SER A 2 -20.30 4.24 6.59
CA SER A 2 -19.22 4.39 7.60
C SER A 2 -19.48 5.59 8.52
N SER A 3 -18.95 5.54 9.74
CA SER A 3 -18.92 6.65 10.69
C SER A 3 -17.86 7.71 10.35
N GLY A 4 -16.81 7.33 9.60
CA GLY A 4 -15.67 8.18 9.28
C GLY A 4 -14.73 8.51 10.46
N SER A 5 -14.94 7.89 11.63
CA SER A 5 -14.22 8.21 12.88
C SER A 5 -12.70 8.06 12.73
N SER A 6 -11.96 9.12 13.10
CA SER A 6 -10.49 9.22 13.02
C SER A 6 -9.89 9.05 11.62
N GLY A 7 -10.70 9.10 10.55
CA GLY A 7 -10.26 8.89 9.16
C GLY A 7 -9.44 10.06 8.60
N PRO A 8 -8.31 9.81 7.88
CA PRO A 8 -7.44 10.86 7.35
C PRO A 8 -7.96 11.51 6.06
N ILE A 9 -8.82 10.82 5.28
CA ILE A 9 -9.41 11.30 4.03
C ILE A 9 -10.81 10.70 3.81
N SER A 10 -11.71 11.49 3.22
CA SER A 10 -13.09 11.11 2.86
C SER A 10 -13.34 11.01 1.35
N GLU A 11 -12.40 11.45 0.51
CA GLU A 11 -12.58 11.53 -0.96
C GLU A 11 -12.26 10.22 -1.71
N ARG A 12 -11.43 9.35 -1.11
CA ARG A 12 -11.00 8.03 -1.63
C ARG A 12 -10.87 7.03 -0.49
N ASN A 13 -11.03 5.74 -0.81
CA ASN A 13 -10.82 4.60 0.10
C ASN A 13 -9.33 4.30 0.38
N GLN A 14 -8.51 5.33 0.61
CA GLN A 14 -7.05 5.23 0.68
C GLN A 14 -6.55 4.45 1.92
N ASP A 15 -7.40 4.22 2.92
CA ASP A 15 -7.15 3.30 4.05
C ASP A 15 -7.22 1.82 3.64
N ALA A 16 -7.93 1.49 2.56
CA ALA A 16 -7.93 0.16 1.95
C ALA A 16 -6.78 -0.02 0.93
N THR A 17 -5.99 1.04 0.67
CA THR A 17 -4.75 0.97 -0.12
C THR A 17 -3.54 0.92 0.81
N VAL A 18 -2.51 0.14 0.45
CA VAL A 18 -1.20 0.12 1.13
C VAL A 18 -0.13 0.73 0.23
N TYR A 19 0.87 1.36 0.84
CA TYR A 19 2.11 1.83 0.21
C TYR A 19 3.20 0.78 0.41
N VAL A 20 4.05 0.60 -0.60
CA VAL A 20 5.20 -0.31 -0.60
C VAL A 20 6.43 0.43 -1.12
N GLY A 21 7.37 0.76 -0.23
CA GLY A 21 8.63 1.41 -0.58
C GLY A 21 9.81 0.44 -0.61
N GLY A 22 10.77 0.67 -1.51
CA GLY A 22 12.03 -0.09 -1.59
C GLY A 22 12.01 -1.21 -2.64
N LEU A 23 11.29 -1.01 -3.74
CA LEU A 23 11.06 -1.99 -4.80
C LEU A 23 12.30 -2.17 -5.67
N ASP A 24 12.45 -3.37 -6.24
CA ASP A 24 13.54 -3.70 -7.17
C ASP A 24 13.13 -3.43 -8.64
N GLU A 25 14.09 -3.23 -9.54
CA GLU A 25 13.83 -2.98 -10.97
C GLU A 25 13.05 -4.10 -11.69
N LYS A 26 13.03 -5.33 -11.14
CA LYS A 26 12.22 -6.45 -11.65
C LYS A 26 10.74 -6.45 -11.20
N VAL A 27 10.36 -5.55 -10.30
CA VAL A 27 8.97 -5.40 -9.81
C VAL A 27 8.11 -4.65 -10.84
N SER A 28 6.86 -5.11 -11.02
CA SER A 28 5.82 -4.45 -11.84
C SER A 28 4.46 -4.47 -11.14
N GLU A 29 3.52 -3.62 -11.56
CA GLU A 29 2.17 -3.55 -10.95
C GLU A 29 1.39 -4.89 -10.96
N PRO A 30 1.44 -5.73 -12.03
CA PRO A 30 0.82 -7.05 -12.01
C PRO A 30 1.48 -8.02 -11.01
N LEU A 31 2.78 -7.86 -10.73
CA LEU A 31 3.46 -8.65 -9.69
C LEU A 31 2.89 -8.28 -8.33
N LEU A 32 2.87 -6.99 -8.00
CA LEU A 32 2.36 -6.52 -6.70
C LEU A 32 0.94 -7.00 -6.46
N TRP A 33 0.08 -6.97 -7.48
CA TRP A 33 -1.29 -7.46 -7.40
C TRP A 33 -1.34 -8.93 -6.99
N GLU A 34 -0.78 -9.81 -7.83
CA GLU A 34 -0.81 -11.27 -7.59
C GLU A 34 -0.04 -11.72 -6.34
N LEU A 35 1.01 -10.99 -5.95
CA LEU A 35 1.79 -11.25 -4.74
C LEU A 35 1.01 -10.88 -3.46
N PHE A 36 0.20 -9.83 -3.49
CA PHE A 36 -0.55 -9.30 -2.33
C PHE A 36 -1.93 -9.95 -2.16
N LEU A 37 -2.42 -10.72 -3.15
CA LEU A 37 -3.61 -11.58 -3.04
C LEU A 37 -3.59 -12.54 -1.83
N GLN A 38 -2.40 -12.83 -1.30
CA GLN A 38 -2.17 -13.63 -0.09
C GLN A 38 -2.76 -12.98 1.17
N ALA A 39 -2.78 -11.64 1.22
CA ALA A 39 -3.37 -10.88 2.33
C ALA A 39 -4.91 -10.80 2.23
N GLY A 40 -5.41 -10.49 1.03
CA GLY A 40 -6.84 -10.38 0.73
C GLY A 40 -7.13 -10.04 -0.74
N PRO A 41 -8.41 -9.82 -1.11
CA PRO A 41 -8.81 -9.51 -2.47
C PRO A 41 -8.27 -8.13 -2.92
N VAL A 42 -7.36 -8.15 -3.89
CA VAL A 42 -6.77 -6.97 -4.53
C VAL A 42 -7.64 -6.52 -5.70
N VAL A 43 -7.89 -5.21 -5.77
CA VAL A 43 -8.83 -4.53 -6.69
C VAL A 43 -8.09 -3.70 -7.74
N ASN A 44 -6.94 -3.13 -7.39
CA ASN A 44 -6.14 -2.21 -8.21
C ASN A 44 -4.68 -2.13 -7.69
N THR A 45 -3.74 -1.69 -8.53
CA THR A 45 -2.33 -1.38 -8.17
C THR A 45 -1.86 -0.09 -8.83
N HIS A 46 -0.86 0.58 -8.23
CA HIS A 46 -0.24 1.78 -8.79
C HIS A 46 1.27 1.79 -8.52
N MET A 47 2.10 2.10 -9.50
CA MET A 47 3.53 2.37 -9.34
C MET A 47 3.92 3.62 -10.13
N PRO A 48 4.16 4.78 -9.48
CA PRO A 48 4.54 6.02 -10.16
C PRO A 48 5.84 5.86 -10.98
N LYS A 49 5.86 6.47 -12.17
CA LYS A 49 6.95 6.37 -13.15
C LYS A 49 7.77 7.66 -13.27
N ASP A 50 9.05 7.51 -13.60
CA ASP A 50 9.97 8.60 -13.91
C ASP A 50 9.60 9.30 -15.24
N ARG A 51 9.69 10.64 -15.28
CA ARG A 51 9.23 11.47 -16.41
C ARG A 51 10.19 11.56 -17.61
N VAL A 52 11.28 10.77 -17.63
CA VAL A 52 12.34 10.83 -18.65
C VAL A 52 12.69 9.43 -19.18
N THR A 53 12.68 8.42 -18.31
CA THR A 53 13.06 7.03 -18.59
C THR A 53 11.89 6.05 -18.46
N GLY A 54 10.78 6.50 -17.85
CA GLY A 54 9.54 5.75 -17.72
C GLY A 54 9.58 4.54 -16.78
N GLN A 55 10.68 4.34 -16.06
CA GLN A 55 10.85 3.27 -15.06
C GLN A 55 10.17 3.65 -13.74
N HIS A 56 9.84 2.69 -12.87
CA HIS A 56 9.22 3.01 -11.57
C HIS A 56 10.19 3.74 -10.63
N GLN A 57 9.66 4.57 -9.73
CA GLN A 57 10.44 5.46 -8.86
C GLN A 57 10.92 4.80 -7.54
N GLY A 58 10.94 3.47 -7.46
CA GLY A 58 11.37 2.69 -6.29
C GLY A 58 10.27 2.38 -5.27
N TYR A 59 9.03 2.78 -5.54
CA TYR A 59 7.86 2.54 -4.67
C TYR A 59 6.57 2.30 -5.46
N GLY A 60 5.59 1.69 -4.80
CA GLY A 60 4.29 1.32 -5.36
C GLY A 60 3.17 1.29 -4.32
N PHE A 61 1.98 0.89 -4.77
CA PHE A 61 0.75 0.82 -3.99
C PHE A 61 -0.10 -0.39 -4.40
N VAL A 62 -0.86 -0.95 -3.44
CA VAL A 62 -1.82 -2.04 -3.68
C VAL A 62 -3.16 -1.72 -3.00
N GLU A 63 -4.25 -1.79 -3.74
CA GLU A 63 -5.60 -1.45 -3.28
C GLU A 63 -6.42 -2.72 -3.02
N PHE A 64 -6.86 -2.90 -1.78
CA PHE A 64 -7.72 -4.00 -1.34
C PHE A 64 -9.20 -3.61 -1.34
N LEU A 65 -10.06 -4.64 -1.29
CA LEU A 65 -11.51 -4.46 -1.20
C LEU A 65 -11.92 -3.78 0.12
N SER A 66 -11.18 -4.04 1.21
CA SER A 66 -11.50 -3.53 2.56
C SER A 66 -10.25 -3.19 3.37
N GLU A 67 -10.45 -2.33 4.37
CA GLU A 67 -9.39 -1.78 5.22
C GLU A 67 -8.69 -2.86 6.08
N GLU A 68 -9.42 -3.89 6.51
CA GLU A 68 -8.87 -5.01 7.28
C GLU A 68 -7.95 -5.93 6.45
N ASP A 69 -8.15 -5.98 5.12
CA ASP A 69 -7.27 -6.69 4.20
C ASP A 69 -5.97 -5.90 3.94
N ALA A 70 -6.05 -4.56 3.96
CA ALA A 70 -4.87 -3.70 3.92
C ALA A 70 -4.04 -3.82 5.22
N ASP A 71 -4.69 -3.80 6.39
CA ASP A 71 -4.04 -4.04 7.69
C ASP A 71 -3.29 -5.38 7.74
N TYR A 72 -3.82 -6.42 7.10
CA TYR A 72 -3.20 -7.74 7.03
C TYR A 72 -1.99 -7.75 6.07
N ALA A 73 -2.05 -7.04 4.94
CA ALA A 73 -0.92 -6.95 4.01
C ALA A 73 0.27 -6.21 4.65
N ILE A 74 0.00 -5.21 5.47
CA ILE A 74 1.01 -4.50 6.28
C ILE A 74 1.66 -5.45 7.31
N LYS A 75 0.89 -6.40 7.86
CA LYS A 75 1.37 -7.42 8.80
C LYS A 75 2.34 -8.42 8.14
N ILE A 76 2.05 -8.88 6.92
CA ILE A 76 2.86 -9.91 6.25
C ILE A 76 3.98 -9.38 5.33
N MET A 77 3.76 -8.28 4.59
CA MET A 77 4.68 -7.82 3.52
C MET A 77 5.75 -6.82 3.99
N ASP A 78 5.75 -6.47 5.27
CA ASP A 78 6.72 -5.53 5.85
C ASP A 78 8.02 -6.23 6.27
N MET A 79 9.16 -5.59 5.97
CA MET A 79 10.53 -6.14 6.10
C MET A 79 10.80 -7.42 5.27
N ILE A 80 9.88 -7.80 4.37
CA ILE A 80 10.09 -8.85 3.35
C ILE A 80 11.12 -8.37 2.30
N LYS A 81 11.83 -9.31 1.68
CA LYS A 81 12.90 -9.04 0.70
C LYS A 81 12.52 -9.49 -0.72
N LEU A 82 11.58 -8.78 -1.34
CA LEU A 82 11.17 -9.01 -2.74
C LEU A 82 12.39 -8.88 -3.68
N TYR A 83 12.68 -9.89 -4.50
CA TYR A 83 13.94 -9.99 -5.27
C TYR A 83 15.25 -9.69 -4.48
N GLY A 84 15.31 -9.92 -3.16
CA GLY A 84 16.52 -9.74 -2.34
C GLY A 84 16.84 -8.28 -1.93
N LYS A 85 15.82 -7.42 -1.83
CA LYS A 85 15.87 -6.01 -1.47
C LYS A 85 14.69 -5.72 -0.50
N PRO A 86 14.95 -5.26 0.74
CA PRO A 86 13.93 -5.15 1.77
C PRO A 86 12.90 -4.05 1.47
N ILE A 87 11.61 -4.42 1.51
CA ILE A 87 10.47 -3.53 1.31
C ILE A 87 9.83 -3.09 2.65
N ARG A 88 9.35 -1.85 2.68
CA ARG A 88 8.67 -1.21 3.82
C ARG A 88 7.20 -0.96 3.47
N VAL A 89 6.26 -1.37 4.32
CA VAL A 89 4.82 -1.37 4.04
C VAL A 89 4.02 -0.67 5.14
N ASN A 90 3.07 0.18 4.74
CA ASN A 90 2.13 0.89 5.62
C ASN A 90 0.83 1.24 4.85
N LYS A 91 -0.18 1.78 5.54
CA LYS A 91 -1.40 2.33 4.92
C LYS A 91 -1.00 3.44 3.93
N ALA A 92 -1.70 3.57 2.80
CA ALA A 92 -1.40 4.60 1.80
C ALA A 92 -1.78 6.02 2.27
N SER A 93 -2.56 6.13 3.35
CA SER A 93 -2.79 7.36 4.12
C SER A 93 -2.80 7.01 5.61
N ALA A 94 -2.01 7.74 6.40
CA ALA A 94 -1.75 7.44 7.82
C ALA A 94 -1.86 8.68 8.73
N HIS A 95 -2.60 9.71 8.27
CA HIS A 95 -2.70 11.04 8.92
C HIS A 95 -3.81 11.13 9.97
N ASN A 96 -4.02 10.07 10.76
CA ASN A 96 -4.98 9.99 11.88
C ASN A 96 -4.48 10.75 13.14
N LYS A 97 -4.00 11.99 12.95
CA LYS A 97 -3.29 12.82 13.94
C LYS A 97 -4.16 13.33 15.09
N ASN A 98 -5.49 13.25 14.94
CA ASN A 98 -6.48 13.47 15.99
C ASN A 98 -7.55 12.35 15.97
N LEU A 99 -7.93 11.85 17.15
CA LEU A 99 -8.90 10.75 17.30
C LEU A 99 -10.30 11.27 17.64
N SER A 100 -11.33 10.64 17.07
CA SER A 100 -12.75 10.96 17.30
C SER A 100 -13.32 10.25 18.54
N GLY A 101 -14.36 10.83 19.15
CA GLY A 101 -15.09 10.25 20.29
C GLY A 101 -16.22 11.13 20.85
N PRO A 102 -17.14 11.68 20.03
CA PRO A 102 -18.20 12.60 20.49
C PRO A 102 -19.24 11.92 21.40
N SER A 103 -19.38 10.60 21.35
CA SER A 103 -20.33 9.82 22.15
C SER A 103 -19.89 9.59 23.61
N SER A 104 -18.62 9.86 23.94
CA SER A 104 -18.05 9.66 25.29
C SER A 104 -18.53 10.71 26.31
N GLY A 105 -18.64 10.30 27.58
CA GLY A 105 -19.08 11.16 28.70
C GLY A 105 -19.13 10.40 30.03
N GLY A 1 0.83 -0.86 17.06
CA GLY A 1 -0.03 0.26 16.62
C GLY A 1 0.40 1.58 17.26
N SER A 2 -0.12 2.69 16.73
CA SER A 2 0.14 4.06 17.23
C SER A 2 -0.63 4.38 18.53
N SER A 3 -0.10 5.35 19.30
CA SER A 3 -0.69 5.86 20.54
C SER A 3 -1.71 6.99 20.31
N GLY A 4 -2.56 7.25 21.31
CA GLY A 4 -3.62 8.27 21.25
C GLY A 4 -4.79 7.90 20.34
N SER A 5 -5.58 8.90 19.92
CA SER A 5 -6.75 8.76 19.04
C SER A 5 -6.37 8.50 17.58
N SER A 6 -7.24 7.82 16.84
CA SER A 6 -7.06 7.46 15.42
C SER A 6 -8.39 7.47 14.64
N GLY A 7 -8.30 7.48 13.30
CA GLY A 7 -9.46 7.47 12.39
C GLY A 7 -9.07 7.43 10.91
N PRO A 8 -10.04 7.29 9.99
CA PRO A 8 -9.80 7.20 8.55
C PRO A 8 -9.43 8.56 7.91
N ILE A 9 -8.87 8.52 6.70
CA ILE A 9 -8.58 9.71 5.89
C ILE A 9 -9.86 10.35 5.32
N SER A 10 -9.83 11.66 5.07
CA SER A 10 -10.97 12.45 4.57
C SER A 10 -11.28 12.25 3.07
N GLU A 11 -10.42 11.57 2.30
CA GLU A 11 -10.52 11.46 0.84
C GLU A 11 -10.34 10.02 0.33
N ARG A 12 -11.28 9.56 -0.52
CA ARG A 12 -11.31 8.23 -1.18
C ARG A 12 -11.23 7.03 -0.19
N ASN A 13 -11.03 5.83 -0.72
CA ASN A 13 -10.84 4.58 0.02
C ASN A 13 -9.38 4.33 0.45
N GLN A 14 -8.58 5.37 0.71
CA GLN A 14 -7.13 5.24 0.90
C GLN A 14 -6.70 4.46 2.16
N ASP A 15 -7.59 4.21 3.12
CA ASP A 15 -7.34 3.27 4.23
C ASP A 15 -7.32 1.80 3.78
N ALA A 16 -7.96 1.49 2.64
CA ALA A 16 -7.88 0.20 1.95
C ALA A 16 -6.72 0.14 0.94
N THR A 17 -5.95 1.22 0.77
CA THR A 17 -4.72 1.25 -0.03
C THR A 17 -3.49 1.15 0.90
N VAL A 18 -2.52 0.31 0.53
CA VAL A 18 -1.20 0.22 1.19
C VAL A 18 -0.13 0.84 0.31
N TYR A 19 0.87 1.44 0.93
CA TYR A 19 2.11 1.91 0.31
C TYR A 19 3.19 0.83 0.44
N VAL A 20 4.04 0.68 -0.57
CA VAL A 20 5.20 -0.23 -0.60
C VAL A 20 6.43 0.55 -1.07
N GLY A 21 7.41 0.75 -0.19
CA GLY A 21 8.67 1.44 -0.50
C GLY A 21 9.88 0.50 -0.50
N GLY A 22 10.85 0.76 -1.38
CA GLY A 22 12.12 0.02 -1.47
C GLY A 22 12.11 -1.09 -2.52
N LEU A 23 11.39 -0.89 -3.62
CA LEU A 23 11.18 -1.87 -4.67
C LEU A 23 12.44 -2.08 -5.53
N ASP A 24 12.57 -3.26 -6.11
CA ASP A 24 13.63 -3.58 -7.06
C ASP A 24 13.21 -3.32 -8.52
N GLU A 25 14.16 -3.12 -9.44
CA GLU A 25 13.90 -2.88 -10.86
C GLU A 25 13.10 -4.00 -11.57
N LYS A 26 13.09 -5.23 -11.01
CA LYS A 26 12.29 -6.37 -11.50
C LYS A 26 10.81 -6.31 -11.12
N VAL A 27 10.41 -5.42 -10.19
CA VAL A 27 9.03 -5.28 -9.70
C VAL A 27 8.14 -4.58 -10.74
N SER A 28 6.88 -5.04 -10.87
CA SER A 28 5.84 -4.43 -11.73
C SER A 28 4.48 -4.36 -11.00
N GLU A 29 3.55 -3.55 -11.51
CA GLU A 29 2.20 -3.47 -10.92
C GLU A 29 1.45 -4.82 -10.92
N PRO A 30 1.47 -5.64 -12.00
CA PRO A 30 0.95 -7.00 -11.95
C PRO A 30 1.59 -7.90 -10.90
N LEU A 31 2.88 -7.70 -10.56
CA LEU A 31 3.52 -8.41 -9.46
C LEU A 31 2.92 -7.97 -8.12
N LEU A 32 2.87 -6.66 -7.87
CA LEU A 32 2.30 -6.12 -6.63
C LEU A 32 0.82 -6.46 -6.45
N TRP A 33 0.11 -6.77 -7.53
CA TRP A 33 -1.23 -7.32 -7.47
C TRP A 33 -1.22 -8.78 -7.02
N GLU A 34 -0.67 -9.67 -7.86
CA GLU A 34 -0.73 -11.12 -7.64
C GLU A 34 0.02 -11.61 -6.39
N LEU A 35 1.08 -10.91 -5.99
CA LEU A 35 1.83 -11.20 -4.76
C LEU A 35 1.02 -10.87 -3.49
N PHE A 36 0.17 -9.83 -3.55
CA PHE A 36 -0.59 -9.31 -2.41
C PHE A 36 -1.97 -9.97 -2.27
N LEU A 37 -2.43 -10.74 -3.26
CA LEU A 37 -3.62 -11.59 -3.17
C LEU A 37 -3.60 -12.60 -1.99
N GLN A 38 -2.41 -12.87 -1.44
CA GLN A 38 -2.20 -13.68 -0.23
C GLN A 38 -2.80 -13.04 1.02
N ALA A 39 -2.82 -11.70 1.10
CA ALA A 39 -3.42 -10.97 2.21
C ALA A 39 -4.95 -10.88 2.09
N GLY A 40 -5.45 -10.57 0.90
CA GLY A 40 -6.88 -10.48 0.58
C GLY A 40 -7.14 -10.08 -0.87
N PRO A 41 -8.40 -9.84 -1.26
CA PRO A 41 -8.78 -9.46 -2.63
C PRO A 41 -8.23 -8.09 -3.01
N VAL A 42 -7.30 -8.07 -3.97
CA VAL A 42 -6.72 -6.86 -4.57
C VAL A 42 -7.59 -6.39 -5.74
N VAL A 43 -7.84 -5.09 -5.79
CA VAL A 43 -8.77 -4.40 -6.69
C VAL A 43 -8.04 -3.56 -7.74
N ASN A 44 -6.89 -2.98 -7.37
CA ASN A 44 -6.09 -2.06 -8.18
C ASN A 44 -4.63 -1.97 -7.65
N THR A 45 -3.71 -1.45 -8.46
CA THR A 45 -2.28 -1.19 -8.11
C THR A 45 -1.79 0.11 -8.76
N HIS A 46 -0.79 0.76 -8.16
CA HIS A 46 -0.18 2.00 -8.69
C HIS A 46 1.34 2.01 -8.47
N MET A 47 2.13 2.29 -9.50
CA MET A 47 3.58 2.55 -9.38
C MET A 47 3.94 3.78 -10.23
N PRO A 48 4.14 4.97 -9.64
CA PRO A 48 4.46 6.19 -10.38
C PRO A 48 5.78 6.11 -11.15
N LYS A 49 5.74 6.41 -12.45
CA LYS A 49 6.88 6.29 -13.37
C LYS A 49 7.68 7.59 -13.51
N ASP A 50 8.97 7.45 -13.80
CA ASP A 50 9.86 8.55 -14.19
C ASP A 50 9.48 9.10 -15.59
N ARG A 51 9.49 10.44 -15.76
CA ARG A 51 9.01 11.11 -16.98
C ARG A 51 9.99 11.14 -18.17
N VAL A 52 11.13 10.46 -18.08
CA VAL A 52 12.21 10.47 -19.10
C VAL A 52 12.66 9.05 -19.45
N THR A 53 12.70 8.16 -18.46
CA THR A 53 13.13 6.76 -18.59
C THR A 53 11.96 5.77 -18.50
N GLY A 54 10.82 6.22 -17.98
CA GLY A 54 9.56 5.48 -17.98
C GLY A 54 9.48 4.28 -17.03
N GLN A 55 10.49 4.10 -16.16
CA GLN A 55 10.56 3.05 -15.13
C GLN A 55 10.06 3.57 -13.77
N HIS A 56 9.75 2.67 -12.84
CA HIS A 56 9.26 3.04 -11.50
C HIS A 56 10.34 3.73 -10.65
N GLN A 57 9.90 4.51 -9.65
CA GLN A 57 10.74 5.38 -8.83
C GLN A 57 11.14 4.78 -7.46
N GLY A 58 11.12 3.45 -7.35
CA GLY A 58 11.49 2.70 -6.14
C GLY A 58 10.35 2.45 -5.14
N TYR A 59 9.12 2.84 -5.48
CA TYR A 59 7.93 2.65 -4.64
C TYR A 59 6.65 2.40 -5.46
N GLY A 60 5.63 1.85 -4.78
CA GLY A 60 4.33 1.51 -5.33
C GLY A 60 3.22 1.49 -4.28
N PHE A 61 2.02 1.10 -4.71
CA PHE A 61 0.81 0.97 -3.90
C PHE A 61 -0.05 -0.22 -4.35
N VAL A 62 -0.82 -0.78 -3.41
CA VAL A 62 -1.79 -1.87 -3.65
C VAL A 62 -3.12 -1.52 -2.99
N GLU A 63 -4.23 -1.66 -3.72
CA GLU A 63 -5.58 -1.33 -3.25
C GLU A 63 -6.39 -2.61 -3.02
N PHE A 64 -6.85 -2.80 -1.78
CA PHE A 64 -7.69 -3.92 -1.36
C PHE A 64 -9.17 -3.57 -1.36
N LEU A 65 -10.02 -4.61 -1.34
CA LEU A 65 -11.47 -4.45 -1.26
C LEU A 65 -11.92 -3.80 0.06
N SER A 66 -11.21 -4.11 1.16
CA SER A 66 -11.53 -3.65 2.52
C SER A 66 -10.28 -3.28 3.30
N GLU A 67 -10.47 -2.39 4.26
CA GLU A 67 -9.44 -1.89 5.18
C GLU A 67 -8.78 -3.02 6.01
N GLU A 68 -9.55 -4.07 6.33
CA GLU A 68 -9.08 -5.24 7.07
C GLU A 68 -8.08 -6.09 6.27
N ASP A 69 -8.27 -6.16 4.95
CA ASP A 69 -7.36 -6.86 4.03
C ASP A 69 -6.07 -6.06 3.79
N ALA A 70 -6.16 -4.73 3.84
CA ALA A 70 -5.00 -3.83 3.77
C ALA A 70 -4.17 -3.92 5.07
N ASP A 71 -4.80 -3.87 6.24
CA ASP A 71 -4.14 -4.05 7.54
C ASP A 71 -3.39 -5.39 7.64
N TYR A 72 -3.93 -6.45 7.04
CA TYR A 72 -3.29 -7.77 6.98
C TYR A 72 -2.08 -7.77 6.03
N ALA A 73 -2.13 -7.08 4.89
CA ALA A 73 -1.00 -6.97 3.97
C ALA A 73 0.17 -6.20 4.60
N ILE A 74 -0.13 -5.16 5.39
CA ILE A 74 0.88 -4.43 6.19
C ILE A 74 1.52 -5.34 7.24
N LYS A 75 0.76 -6.30 7.80
CA LYS A 75 1.27 -7.29 8.77
C LYS A 75 2.24 -8.29 8.12
N ILE A 76 1.96 -8.80 6.92
CA ILE A 76 2.78 -9.85 6.28
C ILE A 76 3.90 -9.32 5.37
N MET A 77 3.69 -8.24 4.61
CA MET A 77 4.62 -7.78 3.55
C MET A 77 5.67 -6.78 4.02
N ASP A 78 5.65 -6.40 5.29
CA ASP A 78 6.62 -5.47 5.87
C ASP A 78 7.91 -6.19 6.31
N MET A 79 9.08 -5.56 6.06
CA MET A 79 10.42 -6.16 6.22
C MET A 79 10.70 -7.43 5.37
N ILE A 80 9.80 -7.77 4.43
CA ILE A 80 10.01 -8.80 3.41
C ILE A 80 11.06 -8.33 2.39
N LYS A 81 11.78 -9.27 1.76
CA LYS A 81 12.87 -9.00 0.80
C LYS A 81 12.51 -9.43 -0.63
N LEU A 82 11.59 -8.70 -1.25
CA LEU A 82 11.18 -8.91 -2.65
C LEU A 82 12.40 -8.79 -3.58
N TYR A 83 12.67 -9.83 -4.39
CA TYR A 83 13.93 -9.94 -5.16
C TYR A 83 15.24 -9.64 -4.39
N GLY A 84 15.31 -9.89 -3.07
CA GLY A 84 16.54 -9.73 -2.27
C GLY A 84 16.87 -8.29 -1.84
N LYS A 85 15.86 -7.42 -1.71
CA LYS A 85 15.92 -6.01 -1.33
C LYS A 85 14.74 -5.73 -0.36
N PRO A 86 15.00 -5.28 0.87
CA PRO A 86 13.96 -5.15 1.91
C PRO A 86 12.96 -4.04 1.59
N ILE A 87 11.68 -4.41 1.53
CA ILE A 87 10.54 -3.49 1.34
C ILE A 87 9.91 -3.09 2.68
N ARG A 88 9.41 -1.86 2.75
CA ARG A 88 8.59 -1.34 3.86
C ARG A 88 7.14 -1.14 3.43
N VAL A 89 6.19 -1.53 4.28
CA VAL A 89 4.74 -1.49 3.98
C VAL A 89 3.98 -0.82 5.12
N ASN A 90 3.01 0.03 4.77
CA ASN A 90 2.13 0.77 5.69
C ASN A 90 0.88 1.28 4.94
N LYS A 91 -0.05 1.94 5.64
CA LYS A 91 -1.22 2.64 5.06
C LYS A 91 -0.76 3.71 4.05
N ALA A 92 -1.47 3.86 2.93
CA ALA A 92 -1.14 4.87 1.92
C ALA A 92 -1.34 6.33 2.41
N SER A 93 -2.23 6.53 3.37
CA SER A 93 -2.50 7.83 4.03
C SER A 93 -2.32 7.74 5.56
N ALA A 94 -1.16 7.23 6.00
CA ALA A 94 -0.81 7.07 7.42
C ALA A 94 -0.75 8.42 8.19
N HIS A 95 -0.96 8.35 9.51
CA HIS A 95 -0.91 9.51 10.41
C HIS A 95 0.53 9.93 10.77
N ASN A 96 0.71 11.22 11.07
CA ASN A 96 1.98 11.85 11.46
C ASN A 96 1.91 12.52 12.87
N LYS A 97 0.96 12.11 13.70
CA LYS A 97 0.66 12.69 15.03
C LYS A 97 1.80 12.48 16.03
N ASN A 98 2.01 13.48 16.91
CA ASN A 98 3.13 13.57 17.85
C ASN A 98 2.70 13.94 19.29
N LEU A 99 1.43 13.73 19.64
CA LEU A 99 0.85 14.07 20.95
C LEU A 99 1.51 13.30 22.11
N SER A 100 1.79 13.99 23.22
CA SER A 100 2.49 13.48 24.41
C SER A 100 1.61 12.75 25.44
N GLY A 101 0.32 12.52 25.11
CA GLY A 101 -0.68 11.93 26.01
C GLY A 101 -1.36 12.95 26.96
N PRO A 102 -2.23 12.49 27.87
CA PRO A 102 -3.00 13.34 28.79
C PRO A 102 -2.11 13.97 29.88
N SER A 103 -2.55 15.12 30.40
CA SER A 103 -1.91 15.85 31.52
C SER A 103 -2.24 15.28 32.91
N SER A 104 -3.37 14.55 33.03
CA SER A 104 -3.93 13.95 34.26
C SER A 104 -4.28 14.95 35.40
N GLY A 105 -5.03 14.47 36.39
CA GLY A 105 -5.50 15.24 37.56
C GLY A 105 -6.27 14.40 38.56
N GLY A 1 -5.78 18.13 13.66
CA GLY A 1 -4.89 16.94 13.68
C GLY A 1 -4.65 16.39 12.29
N SER A 2 -3.54 15.65 12.10
CA SER A 2 -3.14 15.06 10.81
C SER A 2 -3.89 13.76 10.45
N SER A 3 -4.57 13.13 11.42
CA SER A 3 -5.39 11.93 11.24
C SER A 3 -6.62 11.94 12.16
N GLY A 4 -7.64 11.13 11.82
CA GLY A 4 -8.90 11.01 12.55
C GLY A 4 -9.96 10.20 11.80
N SER A 5 -11.16 10.08 12.38
CA SER A 5 -12.31 9.38 11.78
C SER A 5 -12.92 10.15 10.60
N SER A 6 -13.42 9.41 9.60
CA SER A 6 -14.03 9.95 8.38
C SER A 6 -15.29 9.17 7.98
N GLY A 7 -16.23 9.82 7.28
CA GLY A 7 -17.43 9.20 6.72
C GLY A 7 -17.17 8.31 5.48
N PRO A 8 -18.17 7.56 5.01
CA PRO A 8 -18.05 6.66 3.85
C PRO A 8 -18.12 7.43 2.52
N ILE A 9 -17.07 8.19 2.21
CA ILE A 9 -16.97 9.03 0.98
C ILE A 9 -16.75 8.21 -0.30
N SER A 10 -16.20 6.99 -0.18
CA SER A 10 -15.85 6.02 -1.24
C SER A 10 -14.83 6.47 -2.30
N GLU A 11 -14.87 7.72 -2.77
CA GLU A 11 -14.06 8.26 -3.88
C GLU A 11 -12.62 8.66 -3.47
N ARG A 12 -12.04 7.95 -2.48
CA ARG A 12 -10.66 8.14 -1.97
C ARG A 12 -9.97 6.80 -1.68
N ASN A 13 -10.59 5.96 -0.85
CA ASN A 13 -10.15 4.62 -0.44
C ASN A 13 -8.69 4.47 0.03
N GLN A 14 -8.06 5.55 0.52
CA GLN A 14 -6.63 5.57 0.90
C GLN A 14 -6.29 4.72 2.14
N ASP A 15 -7.29 4.30 2.92
CA ASP A 15 -7.11 3.36 4.03
C ASP A 15 -7.25 1.89 3.61
N ALA A 16 -7.97 1.60 2.51
CA ALA A 16 -8.01 0.27 1.90
C ALA A 16 -6.87 0.05 0.89
N THR A 17 -6.18 1.11 0.48
CA THR A 17 -4.92 1.06 -0.28
C THR A 17 -3.74 1.04 0.68
N VAL A 18 -2.74 0.21 0.41
CA VAL A 18 -1.43 0.22 1.11
C VAL A 18 -0.37 0.86 0.21
N TYR A 19 0.61 1.50 0.82
CA TYR A 19 1.85 1.99 0.20
C TYR A 19 2.95 0.93 0.40
N VAL A 20 3.82 0.76 -0.59
CA VAL A 20 4.95 -0.18 -0.58
C VAL A 20 6.20 0.55 -1.07
N GLY A 21 7.16 0.81 -0.19
CA GLY A 21 8.42 1.49 -0.51
C GLY A 21 9.62 0.55 -0.52
N GLY A 22 10.57 0.77 -1.43
CA GLY A 22 11.84 0.03 -1.53
C GLY A 22 11.85 -1.06 -2.62
N LEU A 23 11.12 -0.83 -3.72
CA LEU A 23 10.90 -1.79 -4.80
C LEU A 23 12.14 -1.90 -5.70
N ASP A 24 12.39 -3.11 -6.21
CA ASP A 24 13.47 -3.37 -7.17
C ASP A 24 13.04 -3.09 -8.62
N GLU A 25 13.99 -2.85 -9.52
CA GLU A 25 13.73 -2.60 -10.95
C GLU A 25 12.98 -3.73 -11.68
N LYS A 26 12.99 -4.97 -11.15
CA LYS A 26 12.21 -6.11 -11.67
C LYS A 26 10.75 -6.14 -11.22
N VAL A 27 10.33 -5.26 -10.31
CA VAL A 27 8.93 -5.13 -9.83
C VAL A 27 8.08 -4.35 -10.85
N SER A 28 6.82 -4.77 -11.05
CA SER A 28 5.79 -4.03 -11.80
C SER A 28 4.40 -4.23 -11.16
N GLU A 29 3.40 -3.43 -11.51
CA GLU A 29 2.07 -3.52 -10.88
C GLU A 29 1.41 -4.92 -10.96
N PRO A 30 1.49 -5.67 -12.08
CA PRO A 30 0.95 -7.04 -12.12
C PRO A 30 1.63 -8.01 -11.15
N LEU A 31 2.91 -7.78 -10.80
CA LEU A 31 3.59 -8.53 -9.75
C LEU A 31 2.95 -8.22 -8.41
N LEU A 32 2.89 -6.94 -8.03
CA LEU A 32 2.36 -6.52 -6.72
C LEU A 32 0.94 -7.05 -6.50
N TRP A 33 0.09 -6.99 -7.53
CA TRP A 33 -1.28 -7.48 -7.46
C TRP A 33 -1.33 -8.95 -7.06
N GLU A 34 -0.74 -9.83 -7.89
CA GLU A 34 -0.74 -11.28 -7.65
C GLU A 34 0.04 -11.71 -6.40
N LEU A 35 1.07 -10.95 -6.01
CA LEU A 35 1.85 -11.19 -4.80
C LEU A 35 1.07 -10.85 -3.52
N PHE A 36 0.24 -9.80 -3.55
CA PHE A 36 -0.52 -9.29 -2.39
C PHE A 36 -1.89 -9.97 -2.22
N LEU A 37 -2.36 -10.74 -3.20
CA LEU A 37 -3.53 -11.63 -3.09
C LEU A 37 -3.48 -12.60 -1.88
N GLN A 38 -2.28 -12.86 -1.37
CA GLN A 38 -2.03 -13.68 -0.17
C GLN A 38 -2.62 -13.05 1.11
N ALA A 39 -2.65 -11.71 1.18
CA ALA A 39 -3.25 -10.97 2.29
C ALA A 39 -4.78 -10.92 2.20
N GLY A 40 -5.31 -10.60 1.01
CA GLY A 40 -6.75 -10.54 0.73
C GLY A 40 -7.04 -10.18 -0.73
N PRO A 41 -8.32 -9.96 -1.09
CA PRO A 41 -8.74 -9.64 -2.45
C PRO A 41 -8.21 -8.26 -2.88
N VAL A 42 -7.30 -8.26 -3.85
CA VAL A 42 -6.72 -7.05 -4.48
C VAL A 42 -7.60 -6.62 -5.66
N VAL A 43 -7.88 -5.32 -5.72
CA VAL A 43 -8.85 -4.68 -6.62
C VAL A 43 -8.18 -3.78 -7.68
N ASN A 44 -7.05 -3.16 -7.32
CA ASN A 44 -6.31 -2.20 -8.13
C ASN A 44 -4.85 -2.08 -7.63
N THR A 45 -3.94 -1.54 -8.45
CA THR A 45 -2.52 -1.27 -8.14
C THR A 45 -2.04 0.04 -8.79
N HIS A 46 -1.04 0.69 -8.21
CA HIS A 46 -0.40 1.90 -8.76
C HIS A 46 1.11 1.90 -8.50
N MET A 47 1.94 2.22 -9.50
CA MET A 47 3.37 2.49 -9.32
C MET A 47 3.74 3.73 -10.14
N PRO A 48 3.96 4.90 -9.51
CA PRO A 48 4.39 6.12 -10.20
C PRO A 48 5.66 5.91 -11.03
N LYS A 49 5.70 6.53 -12.23
CA LYS A 49 6.75 6.33 -13.25
C LYS A 49 7.62 7.58 -13.47
N ASP A 50 8.82 7.35 -13.99
CA ASP A 50 9.79 8.36 -14.41
C ASP A 50 9.42 9.02 -15.76
N ARG A 51 9.84 10.28 -15.97
CA ARG A 51 9.44 11.10 -17.13
C ARG A 51 10.35 11.03 -18.36
N VAL A 52 11.41 10.21 -18.35
CA VAL A 52 12.36 10.07 -19.48
C VAL A 52 12.73 8.61 -19.78
N THR A 53 12.76 7.75 -18.75
CA THR A 53 13.09 6.32 -18.87
C THR A 53 11.85 5.45 -18.71
N GLY A 54 10.79 5.99 -18.09
CA GLY A 54 9.54 5.29 -17.82
C GLY A 54 9.62 4.17 -16.77
N GLN A 55 10.75 4.04 -16.07
CA GLN A 55 10.94 3.15 -14.92
C GLN A 55 10.06 3.59 -13.74
N HIS A 56 9.79 2.72 -12.76
CA HIS A 56 9.07 3.13 -11.54
C HIS A 56 9.96 3.95 -10.58
N GLN A 57 9.34 4.76 -9.72
CA GLN A 57 10.03 5.69 -8.81
C GLN A 57 10.57 5.04 -7.50
N GLY A 58 10.66 3.70 -7.42
CA GLY A 58 11.14 2.95 -6.26
C GLY A 58 10.06 2.60 -5.23
N TYR A 59 8.81 3.00 -5.46
CA TYR A 59 7.65 2.70 -4.60
C TYR A 59 6.38 2.45 -5.42
N GLY A 60 5.40 1.81 -4.77
CA GLY A 60 4.11 1.44 -5.34
C GLY A 60 2.98 1.42 -4.30
N PHE A 61 1.81 0.98 -4.75
CA PHE A 61 0.58 0.89 -3.96
C PHE A 61 -0.27 -0.32 -4.39
N VAL A 62 -1.01 -0.89 -3.45
CA VAL A 62 -1.94 -2.01 -3.67
C VAL A 62 -3.28 -1.74 -2.99
N GLU A 63 -4.38 -1.81 -3.74
CA GLU A 63 -5.73 -1.52 -3.25
C GLU A 63 -6.50 -2.81 -2.93
N PHE A 64 -6.95 -2.95 -1.69
CA PHE A 64 -7.76 -4.07 -1.24
C PHE A 64 -9.25 -3.74 -1.22
N LEU A 65 -10.09 -4.79 -1.22
CA LEU A 65 -11.55 -4.66 -1.12
C LEU A 65 -12.00 -3.99 0.18
N SER A 66 -11.28 -4.24 1.29
CA SER A 66 -11.59 -3.73 2.63
C SER A 66 -10.34 -3.37 3.42
N GLU A 67 -10.48 -2.48 4.41
CA GLU A 67 -9.38 -2.00 5.27
C GLU A 67 -8.75 -3.12 6.11
N GLU A 68 -9.53 -4.12 6.54
CA GLU A 68 -9.03 -5.28 7.29
C GLU A 68 -8.12 -6.21 6.46
N ASP A 69 -8.27 -6.20 5.12
CA ASP A 69 -7.38 -6.91 4.19
C ASP A 69 -6.09 -6.10 3.92
N ALA A 70 -6.18 -4.77 3.94
CA ALA A 70 -5.01 -3.89 3.86
C ALA A 70 -4.15 -3.99 5.12
N ASP A 71 -4.77 -3.96 6.30
CA ASP A 71 -4.10 -4.16 7.60
C ASP A 71 -3.35 -5.51 7.67
N TYR A 72 -3.88 -6.56 7.02
CA TYR A 72 -3.21 -7.86 6.93
C TYR A 72 -2.00 -7.82 6.00
N ALA A 73 -2.05 -7.07 4.89
CA ALA A 73 -0.90 -6.92 4.00
C ALA A 73 0.23 -6.11 4.67
N ILE A 74 -0.12 -5.12 5.49
CA ILE A 74 0.83 -4.40 6.35
C ILE A 74 1.46 -5.32 7.41
N LYS A 75 0.76 -6.36 7.85
CA LYS A 75 1.28 -7.40 8.76
C LYS A 75 2.28 -8.33 8.05
N ILE A 76 1.97 -8.85 6.86
CA ILE A 76 2.81 -9.87 6.21
C ILE A 76 3.91 -9.32 5.30
N MET A 77 3.66 -8.26 4.52
CA MET A 77 4.57 -7.77 3.46
C MET A 77 5.60 -6.75 3.94
N ASP A 78 5.58 -6.41 5.22
CA ASP A 78 6.52 -5.46 5.83
C ASP A 78 7.81 -6.18 6.29
N MET A 79 8.97 -5.55 6.01
CA MET A 79 10.31 -6.14 6.16
C MET A 79 10.58 -7.40 5.32
N ILE A 80 9.70 -7.75 4.38
CA ILE A 80 9.92 -8.78 3.35
C ILE A 80 10.95 -8.27 2.33
N LYS A 81 11.71 -9.18 1.71
CA LYS A 81 12.80 -8.88 0.77
C LYS A 81 12.45 -9.27 -0.67
N LEU A 82 11.52 -8.54 -1.30
CA LEU A 82 11.15 -8.71 -2.71
C LEU A 82 12.40 -8.53 -3.59
N TYR A 83 12.73 -9.53 -4.44
CA TYR A 83 14.02 -9.61 -5.16
C TYR A 83 15.30 -9.30 -4.31
N GLY A 84 15.31 -9.61 -3.00
CA GLY A 84 16.50 -9.50 -2.14
C GLY A 84 16.80 -8.09 -1.56
N LYS A 85 15.82 -7.17 -1.57
CA LYS A 85 15.89 -5.78 -1.09
C LYS A 85 14.66 -5.54 -0.20
N PRO A 86 14.84 -5.12 1.07
CA PRO A 86 13.76 -5.05 2.05
C PRO A 86 12.77 -3.92 1.76
N ILE A 87 11.48 -4.27 1.70
CA ILE A 87 10.35 -3.34 1.52
C ILE A 87 9.70 -2.94 2.84
N ARG A 88 9.13 -1.73 2.88
CA ARG A 88 8.28 -1.24 3.98
C ARG A 88 6.86 -0.98 3.49
N VAL A 89 5.87 -1.32 4.32
CA VAL A 89 4.44 -1.29 3.98
C VAL A 89 3.62 -0.58 5.07
N ASN A 90 2.71 0.30 4.66
CA ASN A 90 1.79 1.04 5.54
C ASN A 90 0.49 1.46 4.82
N LYS A 91 -0.47 2.04 5.54
CA LYS A 91 -1.69 2.65 4.95
C LYS A 91 -1.29 3.72 3.93
N ALA A 92 -1.94 3.79 2.76
CA ALA A 92 -1.63 4.83 1.77
C ALA A 92 -2.09 6.24 2.21
N SER A 93 -2.97 6.31 3.21
CA SER A 93 -3.38 7.52 3.93
C SER A 93 -2.28 8.11 4.85
N ALA A 94 -1.17 7.39 5.06
CA ALA A 94 -0.07 7.75 5.95
C ALA A 94 1.31 7.73 5.26
N HIS A 95 2.30 8.39 5.87
CA HIS A 95 3.69 8.47 5.38
C HIS A 95 4.62 7.41 6.00
N ASN A 96 4.14 6.68 7.03
CA ASN A 96 4.88 5.68 7.80
C ASN A 96 3.95 4.60 8.38
N LYS A 97 4.53 3.47 8.83
CA LYS A 97 3.82 2.41 9.56
C LYS A 97 3.44 2.88 10.97
N ASN A 98 2.31 2.38 11.50
CA ASN A 98 1.84 2.69 12.85
C ASN A 98 2.67 1.96 13.94
N LEU A 99 2.80 2.58 15.12
CA LEU A 99 3.45 2.04 16.32
C LEU A 99 2.62 2.25 17.61
N SER A 100 1.45 2.89 17.53
CA SER A 100 0.63 3.35 18.66
C SER A 100 -0.79 2.78 18.67
N GLY A 101 -1.45 2.80 19.84
CA GLY A 101 -2.82 2.32 20.05
C GLY A 101 -3.43 2.77 21.38
N PRO A 102 -4.70 2.41 21.66
CA PRO A 102 -5.40 2.81 22.88
C PRO A 102 -4.87 2.12 24.14
N SER A 103 -5.15 2.70 25.31
CA SER A 103 -4.72 2.21 26.63
C SER A 103 -5.53 1.01 27.16
N SER A 104 -6.70 0.73 26.56
CA SER A 104 -7.59 -0.40 26.89
C SER A 104 -8.35 -0.90 25.65
N GLY A 105 -8.85 -2.15 25.70
CA GLY A 105 -9.59 -2.82 24.62
C GLY A 105 -10.15 -4.18 25.03
N GLY A 1 -29.26 5.15 -12.04
CA GLY A 1 -28.41 4.09 -12.62
C GLY A 1 -26.97 4.18 -12.13
N SER A 2 -26.00 3.84 -12.97
CA SER A 2 -24.57 3.74 -12.63
C SER A 2 -23.91 5.07 -12.22
N SER A 3 -24.56 6.21 -12.48
CA SER A 3 -24.18 7.55 -12.03
C SER A 3 -24.42 7.81 -10.53
N GLY A 4 -25.19 6.96 -9.85
CA GLY A 4 -25.48 7.06 -8.41
C GLY A 4 -24.27 6.75 -7.51
N SER A 5 -24.28 7.30 -6.30
CA SER A 5 -23.21 7.18 -5.29
C SER A 5 -23.74 7.21 -3.86
N SER A 6 -22.90 6.81 -2.89
CA SER A 6 -23.20 6.85 -1.44
C SER A 6 -23.10 8.25 -0.82
N GLY A 7 -22.57 9.24 -1.56
CA GLY A 7 -22.36 10.61 -1.12
C GLY A 7 -21.51 11.44 -2.10
N PRO A 8 -21.15 12.69 -1.77
CA PRO A 8 -20.38 13.61 -2.63
C PRO A 8 -18.87 13.29 -2.63
N ILE A 9 -18.52 12.01 -2.80
CA ILE A 9 -17.15 11.46 -2.74
C ILE A 9 -16.51 11.30 -4.14
N SER A 10 -15.18 11.24 -4.18
CA SER A 10 -14.37 11.21 -5.41
C SER A 10 -14.07 9.79 -5.95
N GLU A 11 -14.75 8.76 -5.42
CA GLU A 11 -14.62 7.34 -5.80
C GLU A 11 -13.18 6.78 -5.67
N ARG A 12 -12.45 7.24 -4.64
CA ARG A 12 -11.07 6.82 -4.31
C ARG A 12 -10.80 6.81 -2.80
N ASN A 13 -9.77 6.08 -2.38
CA ASN A 13 -9.43 5.82 -0.97
C ASN A 13 -7.91 5.76 -0.73
N GLN A 14 -7.49 5.90 0.54
CA GLN A 14 -6.10 5.80 0.99
C GLN A 14 -5.92 4.96 2.28
N ASP A 15 -6.99 4.33 2.77
CA ASP A 15 -7.00 3.43 3.93
C ASP A 15 -7.13 1.95 3.54
N ALA A 16 -7.92 1.65 2.49
CA ALA A 16 -7.97 0.34 1.84
C ALA A 16 -6.90 0.17 0.74
N THR A 17 -6.11 1.21 0.47
CA THR A 17 -4.90 1.17 -0.37
C THR A 17 -3.66 1.24 0.52
N VAL A 18 -2.69 0.36 0.29
CA VAL A 18 -1.39 0.34 0.97
C VAL A 18 -0.30 0.92 0.08
N TYR A 19 0.72 1.53 0.69
CA TYR A 19 1.96 1.97 0.07
C TYR A 19 3.04 0.89 0.26
N VAL A 20 3.91 0.72 -0.74
CA VAL A 20 5.08 -0.18 -0.71
C VAL A 20 6.31 0.58 -1.21
N GLY A 21 7.29 0.81 -0.34
CA GLY A 21 8.55 1.47 -0.67
C GLY A 21 9.76 0.53 -0.67
N GLY A 22 10.75 0.83 -1.51
CA GLY A 22 12.02 0.10 -1.58
C GLY A 22 12.03 -1.02 -2.64
N LEU A 23 11.33 -0.81 -3.75
CA LEU A 23 11.08 -1.82 -4.78
C LEU A 23 12.23 -1.93 -5.77
N ASP A 24 12.50 -3.14 -6.24
CA ASP A 24 13.53 -3.44 -7.24
C ASP A 24 13.06 -3.18 -8.68
N GLU A 25 13.99 -2.94 -9.62
CA GLU A 25 13.68 -2.71 -11.04
C GLU A 25 12.90 -3.85 -11.73
N LYS A 26 12.94 -5.08 -11.19
CA LYS A 26 12.16 -6.23 -11.68
C LYS A 26 10.69 -6.23 -11.21
N VAL A 27 10.31 -5.40 -10.24
CA VAL A 27 8.94 -5.29 -9.71
C VAL A 27 8.02 -4.53 -10.68
N SER A 28 6.79 -5.00 -10.86
CA SER A 28 5.74 -4.32 -11.65
C SER A 28 4.34 -4.52 -11.05
N GLU A 29 3.35 -3.75 -11.50
CA GLU A 29 1.97 -3.81 -11.00
C GLU A 29 1.33 -5.22 -11.06
N PRO A 30 1.48 -6.03 -12.14
CA PRO A 30 0.97 -7.40 -12.16
C PRO A 30 1.63 -8.32 -11.12
N LEU A 31 2.89 -8.06 -10.76
CA LEU A 31 3.56 -8.77 -9.68
C LEU A 31 2.91 -8.42 -8.35
N LEU A 32 2.82 -7.11 -8.03
CA LEU A 32 2.28 -6.64 -6.75
C LEU A 32 0.87 -7.17 -6.50
N TRP A 33 0.03 -7.17 -7.52
CA TRP A 33 -1.35 -7.67 -7.42
C TRP A 33 -1.37 -9.13 -6.97
N GLU A 34 -0.79 -10.02 -7.76
CA GLU A 34 -0.77 -11.47 -7.48
C GLU A 34 0.01 -11.85 -6.21
N LEU A 35 1.03 -11.07 -5.85
CA LEU A 35 1.81 -11.27 -4.63
C LEU A 35 1.01 -10.90 -3.37
N PHE A 36 0.15 -9.87 -3.43
CA PHE A 36 -0.61 -9.34 -2.29
C PHE A 36 -1.98 -10.03 -2.10
N LEU A 37 -2.43 -10.84 -3.07
CA LEU A 37 -3.59 -11.74 -2.94
C LEU A 37 -3.52 -12.69 -1.72
N GLN A 38 -2.32 -12.92 -1.19
CA GLN A 38 -2.06 -13.71 0.03
C GLN A 38 -2.67 -13.08 1.29
N ALA A 39 -2.73 -11.73 1.33
CA ALA A 39 -3.34 -10.99 2.44
C ALA A 39 -4.87 -10.94 2.36
N GLY A 40 -5.40 -10.68 1.15
CA GLY A 40 -6.83 -10.58 0.88
C GLY A 40 -7.14 -10.25 -0.58
N PRO A 41 -8.42 -9.99 -0.93
CA PRO A 41 -8.84 -9.69 -2.29
C PRO A 41 -8.30 -8.32 -2.77
N VAL A 42 -7.35 -8.37 -3.70
CA VAL A 42 -6.78 -7.20 -4.38
C VAL A 42 -7.67 -6.80 -5.56
N VAL A 43 -7.94 -5.50 -5.67
CA VAL A 43 -8.91 -4.89 -6.60
C VAL A 43 -8.21 -4.07 -7.70
N ASN A 44 -7.08 -3.45 -7.35
CA ASN A 44 -6.32 -2.52 -8.20
C ASN A 44 -4.86 -2.37 -7.68
N THR A 45 -3.97 -1.85 -8.52
CA THR A 45 -2.56 -1.54 -8.21
C THR A 45 -2.12 -0.21 -8.85
N HIS A 46 -1.08 0.43 -8.31
CA HIS A 46 -0.45 1.61 -8.90
C HIS A 46 1.07 1.58 -8.71
N MET A 47 1.84 2.02 -9.71
CA MET A 47 3.29 2.23 -9.62
C MET A 47 3.64 3.52 -10.36
N PRO A 48 3.89 4.65 -9.67
CA PRO A 48 4.29 5.91 -10.30
C PRO A 48 5.53 5.77 -11.18
N LYS A 49 5.48 6.30 -12.41
CA LYS A 49 6.55 6.22 -13.42
C LYS A 49 7.30 7.55 -13.55
N ASP A 50 8.61 7.47 -13.73
CA ASP A 50 9.51 8.60 -13.94
C ASP A 50 9.29 9.29 -15.30
N ARG A 51 9.34 10.63 -15.34
CA ARG A 51 9.01 11.43 -16.54
C ARG A 51 10.17 11.62 -17.56
N VAL A 52 11.31 10.95 -17.38
CA VAL A 52 12.52 11.10 -18.21
C VAL A 52 13.08 9.74 -18.62
N THR A 53 13.03 8.75 -17.72
CA THR A 53 13.57 7.39 -17.89
C THR A 53 12.46 6.34 -18.05
N GLY A 54 11.24 6.67 -17.62
CA GLY A 54 10.05 5.85 -17.81
C GLY A 54 9.94 4.58 -16.96
N GLN A 55 10.91 4.33 -16.08
CA GLN A 55 10.85 3.25 -15.07
C GLN A 55 9.98 3.66 -13.87
N HIS A 56 9.64 2.72 -12.97
CA HIS A 56 9.00 3.07 -11.70
C HIS A 56 9.93 3.85 -10.76
N GLN A 57 9.36 4.63 -9.85
CA GLN A 57 10.09 5.58 -8.98
C GLN A 57 10.61 4.96 -7.66
N GLY A 58 10.70 3.62 -7.57
CA GLY A 58 11.18 2.89 -6.39
C GLY A 58 10.10 2.55 -5.35
N TYR A 59 8.84 2.92 -5.60
CA TYR A 59 7.68 2.65 -4.74
C TYR A 59 6.40 2.40 -5.56
N GLY A 60 5.45 1.69 -4.95
CA GLY A 60 4.18 1.26 -5.52
C GLY A 60 3.03 1.30 -4.49
N PHE A 61 1.84 0.90 -4.93
CA PHE A 61 0.62 0.80 -4.12
C PHE A 61 -0.23 -0.41 -4.52
N VAL A 62 -0.99 -0.94 -3.56
CA VAL A 62 -1.94 -2.06 -3.77
C VAL A 62 -3.26 -1.76 -3.07
N GLU A 63 -4.39 -1.93 -3.77
CA GLU A 63 -5.74 -1.63 -3.28
C GLU A 63 -6.53 -2.90 -2.99
N PHE A 64 -7.08 -3.00 -1.77
CA PHE A 64 -7.90 -4.11 -1.30
C PHE A 64 -9.39 -3.78 -1.28
N LEU A 65 -10.22 -4.83 -1.26
CA LEU A 65 -11.67 -4.70 -1.20
C LEU A 65 -12.15 -3.98 0.07
N SER A 66 -11.43 -4.18 1.19
CA SER A 66 -11.75 -3.58 2.48
C SER A 66 -10.48 -3.18 3.26
N GLU A 67 -10.62 -2.22 4.17
CA GLU A 67 -9.51 -1.68 4.98
C GLU A 67 -8.88 -2.73 5.91
N GLU A 68 -9.66 -3.70 6.40
CA GLU A 68 -9.14 -4.79 7.23
C GLU A 68 -8.25 -5.79 6.47
N ASP A 69 -8.44 -5.90 5.13
CA ASP A 69 -7.57 -6.70 4.26
C ASP A 69 -6.28 -5.94 3.91
N ALA A 70 -6.33 -4.60 3.82
CA ALA A 70 -5.14 -3.76 3.64
C ALA A 70 -4.28 -3.76 4.92
N ASP A 71 -4.91 -3.65 6.09
CA ASP A 71 -4.23 -3.71 7.40
C ASP A 71 -3.54 -5.06 7.64
N TYR A 72 -4.04 -6.14 7.02
CA TYR A 72 -3.41 -7.47 7.06
C TYR A 72 -2.22 -7.59 6.10
N ALA A 73 -2.26 -6.93 4.93
CA ALA A 73 -1.12 -6.92 4.01
C ALA A 73 0.08 -6.19 4.63
N ILE A 74 -0.18 -5.14 5.42
CA ILE A 74 0.83 -4.42 6.20
C ILE A 74 1.46 -5.30 7.30
N LYS A 75 0.68 -6.23 7.88
CA LYS A 75 1.18 -7.22 8.85
C LYS A 75 2.17 -8.22 8.22
N ILE A 76 1.92 -8.69 7.00
CA ILE A 76 2.76 -9.74 6.37
C ILE A 76 3.87 -9.20 5.45
N MET A 77 3.64 -8.13 4.68
CA MET A 77 4.55 -7.66 3.62
C MET A 77 5.59 -6.64 4.07
N ASP A 78 5.58 -6.24 5.33
CA ASP A 78 6.56 -5.28 5.85
C ASP A 78 7.89 -5.96 6.20
N MET A 79 9.02 -5.29 5.88
CA MET A 79 10.39 -5.82 5.93
C MET A 79 10.68 -7.04 5.02
N ILE A 80 9.73 -7.46 4.19
CA ILE A 80 9.88 -8.58 3.25
C ILE A 80 10.87 -8.27 2.12
N LYS A 81 11.66 -9.25 1.72
CA LYS A 81 12.79 -9.12 0.79
C LYS A 81 12.41 -9.51 -0.64
N LEU A 82 11.51 -8.74 -1.25
CA LEU A 82 11.14 -8.90 -2.65
C LEU A 82 12.38 -8.72 -3.54
N TYR A 83 12.72 -9.71 -4.38
CA TYR A 83 14.02 -9.77 -5.09
C TYR A 83 15.28 -9.47 -4.22
N GLY A 84 15.28 -9.80 -2.92
CA GLY A 84 16.45 -9.70 -2.03
C GLY A 84 16.73 -8.32 -1.38
N LYS A 85 15.77 -7.38 -1.43
CA LYS A 85 15.84 -6.00 -0.93
C LYS A 85 14.62 -5.75 -0.02
N PRO A 86 14.81 -5.47 1.28
CA PRO A 86 13.73 -5.39 2.26
C PRO A 86 12.86 -4.15 2.05
N ILE A 87 11.56 -4.34 1.83
CA ILE A 87 10.57 -3.28 1.54
C ILE A 87 9.97 -2.66 2.82
N ARG A 88 9.24 -1.55 2.70
CA ARG A 88 8.44 -0.92 3.76
C ARG A 88 6.98 -0.84 3.34
N VAL A 89 6.05 -1.22 4.21
CA VAL A 89 4.60 -1.27 3.90
C VAL A 89 3.78 -0.58 5.00
N ASN A 90 2.83 0.27 4.59
CA ASN A 90 1.92 1.03 5.48
C ASN A 90 0.65 1.45 4.72
N LYS A 91 -0.35 2.00 5.42
CA LYS A 91 -1.55 2.62 4.79
C LYS A 91 -1.10 3.78 3.88
N ALA A 92 -1.76 3.99 2.74
CA ALA A 92 -1.37 5.06 1.80
C ALA A 92 -1.57 6.47 2.38
N SER A 93 -2.56 6.65 3.27
CA SER A 93 -2.76 7.88 4.07
C SER A 93 -1.91 7.85 5.34
N ALA A 94 -2.16 6.86 6.21
CA ALA A 94 -1.62 6.76 7.58
C ALA A 94 -1.88 7.99 8.47
N HIS A 95 -2.84 8.86 8.11
CA HIS A 95 -3.13 10.14 8.77
C HIS A 95 -4.64 10.44 8.90
N ASN A 96 -5.49 9.41 8.76
CA ASN A 96 -6.95 9.52 8.79
C ASN A 96 -7.48 9.96 10.18
N LYS A 97 -8.42 10.92 10.19
CA LYS A 97 -9.04 11.50 11.40
C LYS A 97 -10.36 10.82 11.81
N ASN A 98 -10.89 9.89 11.00
CA ASN A 98 -12.13 9.17 11.27
C ASN A 98 -12.06 8.30 12.54
N LEU A 99 -13.20 8.13 13.23
CA LEU A 99 -13.36 7.36 14.47
C LEU A 99 -12.39 7.80 15.59
N SER A 100 -12.30 9.12 15.81
CA SER A 100 -11.53 9.72 16.91
C SER A 100 -12.17 9.48 18.29
N GLY A 101 -13.51 9.49 18.35
CA GLY A 101 -14.31 9.08 19.52
C GLY A 101 -14.67 7.59 19.52
N PRO A 102 -15.29 7.07 20.59
CA PRO A 102 -15.70 5.65 20.69
C PRO A 102 -16.73 5.24 19.63
N SER A 103 -16.69 3.97 19.21
CA SER A 103 -17.69 3.37 18.30
C SER A 103 -19.08 3.22 18.93
N SER A 104 -19.17 3.24 20.27
CA SER A 104 -20.41 3.25 21.06
C SER A 104 -21.02 4.65 21.27
N GLY A 105 -20.35 5.72 20.82
CA GLY A 105 -20.78 7.12 20.94
C GLY A 105 -22.05 7.46 20.15
N GLY A 1 -25.99 21.67 6.18
CA GLY A 1 -26.18 20.60 5.17
C GLY A 1 -25.09 20.66 4.12
N SER A 2 -24.45 19.52 3.83
CA SER A 2 -23.28 19.40 2.92
C SER A 2 -22.13 20.37 3.27
N SER A 3 -21.90 20.56 4.58
CA SER A 3 -21.01 21.56 5.17
C SER A 3 -20.22 21.00 6.37
N GLY A 4 -19.14 21.67 6.78
CA GLY A 4 -18.31 21.29 7.93
C GLY A 4 -17.65 19.90 7.80
N SER A 5 -17.43 19.42 6.58
CA SER A 5 -17.00 18.04 6.24
C SER A 5 -17.94 16.93 6.76
N SER A 6 -19.20 17.25 7.04
CA SER A 6 -20.24 16.29 7.43
C SER A 6 -20.83 15.55 6.22
N GLY A 7 -21.50 14.41 6.46
CA GLY A 7 -22.06 13.55 5.42
C GLY A 7 -21.00 12.65 4.75
N PRO A 8 -20.90 12.62 3.41
CA PRO A 8 -19.97 11.73 2.69
C PRO A 8 -18.50 12.09 2.88
N ILE A 9 -17.62 11.11 2.66
CA ILE A 9 -16.16 11.23 2.77
C ILE A 9 -15.53 12.10 1.66
N SER A 10 -14.38 12.70 1.95
CA SER A 10 -13.65 13.64 1.07
C SER A 10 -12.58 12.99 0.16
N GLU A 11 -12.35 11.68 0.30
CA GLU A 11 -11.35 10.91 -0.46
C GLU A 11 -11.90 9.53 -0.88
N ARG A 12 -11.45 9.03 -2.03
CA ARG A 12 -11.82 7.71 -2.58
C ARG A 12 -11.02 6.61 -1.89
N ASN A 13 -11.54 6.13 -0.74
CA ASN A 13 -10.89 5.22 0.19
C ASN A 13 -9.52 5.72 0.71
N GLN A 14 -8.42 5.32 0.08
CA GLN A 14 -7.02 5.54 0.52
C GLN A 14 -6.65 4.88 1.88
N ASP A 15 -7.62 4.27 2.56
CA ASP A 15 -7.49 3.47 3.78
C ASP A 15 -7.32 1.97 3.47
N ALA A 16 -8.08 1.46 2.48
CA ALA A 16 -7.89 0.13 1.91
C ALA A 16 -6.75 0.07 0.86
N THR A 17 -6.12 1.21 0.56
CA THR A 17 -4.89 1.26 -0.24
C THR A 17 -3.66 1.24 0.68
N VAL A 18 -2.67 0.41 0.36
CA VAL A 18 -1.36 0.35 1.03
C VAL A 18 -0.28 0.98 0.18
N TYR A 19 0.70 1.60 0.83
CA TYR A 19 1.94 2.10 0.24
C TYR A 19 3.06 1.05 0.41
N VAL A 20 3.92 0.92 -0.59
CA VAL A 20 5.07 0.00 -0.62
C VAL A 20 6.30 0.75 -1.12
N GLY A 21 7.26 1.03 -0.23
CA GLY A 21 8.54 1.67 -0.56
C GLY A 21 9.70 0.67 -0.59
N GLY A 22 10.70 0.97 -1.41
CA GLY A 22 11.97 0.21 -1.48
C GLY A 22 11.97 -0.92 -2.51
N LEU A 23 11.27 -0.72 -3.63
CA LEU A 23 11.03 -1.72 -4.66
C LEU A 23 12.22 -1.86 -5.62
N ASP A 24 12.47 -3.08 -6.08
CA ASP A 24 13.53 -3.39 -7.04
C ASP A 24 13.10 -3.11 -8.50
N GLU A 25 14.05 -2.88 -9.41
CA GLU A 25 13.78 -2.62 -10.83
C GLU A 25 13.02 -3.75 -11.56
N LYS A 26 13.02 -4.98 -11.03
CA LYS A 26 12.26 -6.13 -11.56
C LYS A 26 10.79 -6.17 -11.10
N VAL A 27 10.39 -5.31 -10.17
CA VAL A 27 8.99 -5.19 -9.67
C VAL A 27 8.11 -4.42 -10.66
N SER A 28 6.87 -4.86 -10.86
CA SER A 28 5.84 -4.14 -11.64
C SER A 28 4.44 -4.30 -11.05
N GLU A 29 3.46 -3.51 -11.48
CA GLU A 29 2.07 -3.54 -10.99
C GLU A 29 1.40 -4.94 -11.09
N PRO A 30 1.54 -5.72 -12.19
CA PRO A 30 1.01 -7.08 -12.25
C PRO A 30 1.65 -8.03 -11.22
N LEU A 31 2.93 -7.82 -10.86
CA LEU A 31 3.58 -8.57 -9.79
C LEU A 31 2.95 -8.21 -8.45
N LEU A 32 2.89 -6.92 -8.12
CA LEU A 32 2.36 -6.46 -6.83
C LEU A 32 0.95 -6.98 -6.59
N TRP A 33 0.09 -6.94 -7.61
CA TRP A 33 -1.28 -7.43 -7.54
C TRP A 33 -1.33 -8.90 -7.13
N GLU A 34 -0.73 -9.79 -7.93
CA GLU A 34 -0.73 -11.24 -7.69
C GLU A 34 0.05 -11.65 -6.42
N LEU A 35 1.07 -10.89 -6.03
CA LEU A 35 1.85 -11.12 -4.80
C LEU A 35 1.04 -10.76 -3.54
N PHE A 36 0.21 -9.72 -3.59
CA PHE A 36 -0.57 -9.21 -2.45
C PHE A 36 -1.94 -9.89 -2.30
N LEU A 37 -2.40 -10.67 -3.29
CA LEU A 37 -3.58 -11.55 -3.18
C LEU A 37 -3.52 -12.52 -1.98
N GLN A 38 -2.32 -12.81 -1.47
CA GLN A 38 -2.07 -13.63 -0.29
C GLN A 38 -2.67 -13.03 1.00
N ALA A 39 -2.72 -11.69 1.08
CA ALA A 39 -3.31 -10.97 2.20
C ALA A 39 -4.85 -10.90 2.11
N GLY A 40 -5.37 -10.59 0.93
CA GLY A 40 -6.80 -10.50 0.63
C GLY A 40 -7.10 -10.12 -0.82
N PRO A 41 -8.37 -9.87 -1.18
CA PRO A 41 -8.78 -9.51 -2.53
C PRO A 41 -8.24 -8.14 -2.95
N VAL A 42 -7.32 -8.16 -3.92
CA VAL A 42 -6.74 -6.96 -4.55
C VAL A 42 -7.62 -6.52 -5.72
N VAL A 43 -7.93 -5.22 -5.76
CA VAL A 43 -8.88 -4.57 -6.67
C VAL A 43 -8.17 -3.74 -7.75
N ASN A 44 -7.03 -3.14 -7.39
CA ASN A 44 -6.24 -2.22 -8.23
C ASN A 44 -4.79 -2.11 -7.70
N THR A 45 -3.88 -1.55 -8.51
CA THR A 45 -2.48 -1.22 -8.16
C THR A 45 -2.06 0.13 -8.74
N HIS A 46 -1.01 0.75 -8.21
CA HIS A 46 -0.39 1.96 -8.78
C HIS A 46 1.13 1.92 -8.64
N MET A 47 1.87 2.42 -9.64
CA MET A 47 3.31 2.65 -9.60
C MET A 47 3.62 3.96 -10.33
N PRO A 48 3.92 5.07 -9.62
CA PRO A 48 4.40 6.31 -10.22
C PRO A 48 5.67 6.08 -11.06
N LYS A 49 5.72 6.66 -12.27
CA LYS A 49 6.77 6.44 -13.28
C LYS A 49 7.68 7.64 -13.49
N ASP A 50 8.95 7.37 -13.78
CA ASP A 50 9.97 8.34 -14.20
C ASP A 50 9.69 8.91 -15.61
N ARG A 51 10.02 10.19 -15.82
CA ARG A 51 9.72 10.93 -17.07
C ARG A 51 10.78 10.85 -18.18
N VAL A 52 11.83 10.02 -18.01
CA VAL A 52 12.98 9.91 -18.93
C VAL A 52 13.26 8.46 -19.30
N THR A 53 13.10 7.54 -18.35
CA THR A 53 13.37 6.10 -18.49
C THR A 53 12.10 5.25 -18.41
N GLY A 54 10.99 5.84 -17.94
CA GLY A 54 9.68 5.21 -17.85
C GLY A 54 9.55 4.11 -16.79
N GLN A 55 10.59 3.87 -15.99
CA GLN A 55 10.60 2.89 -14.90
C GLN A 55 9.86 3.42 -13.66
N HIS A 56 9.51 2.57 -12.69
CA HIS A 56 8.90 3.02 -11.44
C HIS A 56 9.88 3.83 -10.57
N GLN A 57 9.35 4.71 -9.71
CA GLN A 57 10.12 5.66 -8.89
C GLN A 57 10.66 5.06 -7.56
N GLY A 58 10.76 3.73 -7.45
CA GLY A 58 11.23 3.01 -6.25
C GLY A 58 10.14 2.71 -5.22
N TYR A 59 8.90 3.13 -5.46
CA TYR A 59 7.74 2.88 -4.61
C TYR A 59 6.45 2.67 -5.44
N GLY A 60 5.51 1.91 -4.87
CA GLY A 60 4.25 1.50 -5.46
C GLY A 60 3.11 1.47 -4.43
N PHE A 61 1.91 1.09 -4.88
CA PHE A 61 0.71 0.97 -4.06
C PHE A 61 -0.15 -0.23 -4.49
N VAL A 62 -0.93 -0.78 -3.55
CA VAL A 62 -1.87 -1.89 -3.78
C VAL A 62 -3.21 -1.56 -3.11
N GLU A 63 -4.32 -1.76 -3.81
CA GLU A 63 -5.67 -1.42 -3.34
C GLU A 63 -6.48 -2.68 -3.04
N PHE A 64 -6.92 -2.85 -1.79
CA PHE A 64 -7.75 -3.96 -1.34
C PHE A 64 -9.25 -3.61 -1.34
N LEU A 65 -10.08 -4.64 -1.28
CA LEU A 65 -11.53 -4.50 -1.20
C LEU A 65 -11.99 -3.81 0.11
N SER A 66 -11.28 -4.07 1.21
CA SER A 66 -11.60 -3.56 2.55
C SER A 66 -10.34 -3.23 3.37
N GLU A 67 -10.47 -2.36 4.36
CA GLU A 67 -9.37 -1.91 5.22
C GLU A 67 -8.76 -3.06 6.04
N GLU A 68 -9.56 -4.05 6.47
CA GLU A 68 -9.06 -5.22 7.21
C GLU A 68 -8.17 -6.15 6.36
N ASP A 69 -8.33 -6.14 5.03
CA ASP A 69 -7.46 -6.85 4.10
C ASP A 69 -6.15 -6.07 3.84
N ALA A 70 -6.23 -4.74 3.85
CA ALA A 70 -5.04 -3.88 3.76
C ALA A 70 -4.18 -3.97 5.03
N ASP A 71 -4.80 -3.93 6.22
CA ASP A 71 -4.14 -4.10 7.52
C ASP A 71 -3.38 -5.44 7.62
N TYR A 72 -3.91 -6.51 7.01
CA TYR A 72 -3.23 -7.80 6.94
C TYR A 72 -2.03 -7.77 5.99
N ALA A 73 -2.11 -7.08 4.85
CA ALA A 73 -0.98 -6.94 3.93
C ALA A 73 0.17 -6.14 4.56
N ILE A 74 -0.15 -5.11 5.35
CA ILE A 74 0.84 -4.35 6.15
C ILE A 74 1.49 -5.25 7.21
N LYS A 75 0.77 -6.24 7.76
CA LYS A 75 1.29 -7.22 8.71
C LYS A 75 2.29 -8.19 8.07
N ILE A 76 1.99 -8.72 6.88
CA ILE A 76 2.84 -9.75 6.24
C ILE A 76 3.96 -9.18 5.36
N MET A 77 3.70 -8.16 4.53
CA MET A 77 4.62 -7.68 3.48
C MET A 77 5.66 -6.66 3.95
N ASP A 78 5.64 -6.31 5.23
CA ASP A 78 6.57 -5.31 5.78
C ASP A 78 7.92 -5.92 6.17
N MET A 79 9.01 -5.26 5.74
CA MET A 79 10.40 -5.73 5.80
C MET A 79 10.66 -7.05 5.02
N ILE A 80 9.76 -7.44 4.11
CA ILE A 80 9.94 -8.56 3.18
C ILE A 80 10.94 -8.20 2.07
N LYS A 81 11.78 -9.15 1.68
CA LYS A 81 12.91 -8.94 0.75
C LYS A 81 12.57 -9.35 -0.68
N LEU A 82 11.60 -8.66 -1.28
CA LEU A 82 11.23 -8.84 -2.69
C LEU A 82 12.45 -8.57 -3.59
N TYR A 83 12.85 -9.55 -4.41
CA TYR A 83 14.13 -9.54 -5.14
C TYR A 83 15.39 -9.12 -4.31
N GLY A 84 15.44 -9.41 -2.99
CA GLY A 84 16.62 -9.17 -2.15
C GLY A 84 16.80 -7.76 -1.57
N LYS A 85 15.76 -6.91 -1.59
CA LYS A 85 15.71 -5.55 -1.04
C LYS A 85 14.50 -5.45 -0.11
N PRO A 86 14.68 -5.12 1.18
CA PRO A 86 13.62 -5.12 2.18
C PRO A 86 12.64 -3.96 1.95
N ILE A 87 11.43 -4.29 1.50
CA ILE A 87 10.34 -3.32 1.24
C ILE A 87 9.69 -2.89 2.55
N ARG A 88 9.22 -1.64 2.62
CA ARG A 88 8.46 -1.12 3.78
C ARG A 88 7.02 -0.82 3.40
N VAL A 89 6.08 -1.26 4.24
CA VAL A 89 4.64 -1.26 3.92
C VAL A 89 3.84 -0.58 5.03
N ASN A 90 2.86 0.25 4.65
CA ASN A 90 1.90 0.89 5.56
C ASN A 90 0.63 1.35 4.81
N LYS A 91 -0.33 1.97 5.50
CA LYS A 91 -1.51 2.60 4.89
C LYS A 91 -1.09 3.73 3.93
N ALA A 92 -1.80 3.91 2.82
CA ALA A 92 -1.53 5.03 1.89
C ALA A 92 -1.89 6.40 2.52
N SER A 93 -2.87 6.43 3.44
CA SER A 93 -3.19 7.55 4.33
C SER A 93 -3.01 7.10 5.79
N ALA A 94 -2.10 7.76 6.52
CA ALA A 94 -1.63 7.35 7.85
C ALA A 94 -1.57 8.54 8.84
N HIS A 95 -1.24 8.25 10.11
CA HIS A 95 -1.10 9.23 11.21
C HIS A 95 -2.35 10.10 11.46
N ASN A 96 -3.54 9.49 11.38
CA ASN A 96 -4.82 10.14 11.67
C ASN A 96 -5.00 10.44 13.18
N LYS A 97 -5.90 11.36 13.52
CA LYS A 97 -6.23 11.79 14.90
C LYS A 97 -6.77 10.63 15.74
N ASN A 98 -6.39 10.60 17.03
CA ASN A 98 -6.79 9.59 18.02
C ASN A 98 -7.61 10.19 19.19
N LEU A 99 -8.24 9.31 19.97
CA LEU A 99 -8.99 9.63 21.20
C LEU A 99 -8.29 9.01 22.43
N SER A 100 -8.33 9.69 23.58
CA SER A 100 -7.72 9.20 24.83
C SER A 100 -8.45 8.00 25.44
N GLY A 101 -9.77 7.92 25.24
CA GLY A 101 -10.63 6.79 25.61
C GLY A 101 -12.12 7.12 25.46
N PRO A 102 -13.00 6.12 25.25
CA PRO A 102 -14.45 6.33 25.14
C PRO A 102 -15.07 6.80 26.48
N SER A 103 -16.05 7.69 26.41
CA SER A 103 -16.78 8.27 27.56
C SER A 103 -15.88 8.89 28.65
N SER A 104 -14.69 9.40 28.26
CA SER A 104 -13.68 9.95 29.18
C SER A 104 -13.95 11.39 29.66
N GLY A 105 -14.92 12.09 29.05
CA GLY A 105 -15.36 13.45 29.40
C GLY A 105 -14.37 14.55 28.99
N GLY A 1 6.23 10.30 17.17
CA GLY A 1 6.65 8.92 16.81
C GLY A 1 5.47 8.08 16.36
N SER A 2 5.75 7.00 15.62
CA SER A 2 4.77 6.05 15.03
C SER A 2 3.82 6.67 13.97
N SER A 3 3.11 5.81 13.23
CA SER A 3 2.08 6.21 12.25
C SER A 3 0.78 6.67 12.92
N GLY A 4 -0.04 7.44 12.19
CA GLY A 4 -1.39 7.84 12.62
C GLY A 4 -2.38 6.66 12.69
N SER A 5 -3.50 6.89 13.36
CA SER A 5 -4.49 5.87 13.75
C SER A 5 -5.29 5.24 12.59
N SER A 6 -5.39 5.90 11.43
CA SER A 6 -6.19 5.51 10.24
C SER A 6 -7.68 5.29 10.56
N GLY A 7 -8.50 4.83 9.58
CA GLY A 7 -9.90 4.49 9.85
C GLY A 7 -10.61 3.67 8.75
N PRO A 8 -11.68 2.92 9.08
CA PRO A 8 -12.42 2.05 8.16
C PRO A 8 -13.43 2.83 7.27
N ILE A 9 -12.94 3.86 6.57
CA ILE A 9 -13.72 4.68 5.62
C ILE A 9 -14.10 3.89 4.36
N SER A 10 -15.32 4.10 3.86
CA SER A 10 -15.84 3.54 2.61
C SER A 10 -15.99 4.58 1.50
N GLU A 11 -15.91 5.87 1.84
CA GLU A 11 -16.10 7.02 0.93
C GLU A 11 -14.83 7.37 0.14
N ARG A 12 -13.66 6.84 0.57
CA ARG A 12 -12.36 6.87 -0.10
C ARG A 12 -11.65 5.54 0.17
N ASN A 13 -10.93 4.98 -0.81
CA ASN A 13 -10.23 3.69 -0.66
C ASN A 13 -8.78 3.84 -0.14
N GLN A 14 -8.37 5.02 0.34
CA GLN A 14 -6.98 5.30 0.73
C GLN A 14 -6.54 4.49 1.97
N ASP A 15 -7.41 4.29 2.96
CA ASP A 15 -7.14 3.42 4.11
C ASP A 15 -7.20 1.92 3.73
N ALA A 16 -7.93 1.58 2.66
CA ALA A 16 -7.95 0.27 2.02
C ALA A 16 -6.82 0.09 0.99
N THR A 17 -5.91 1.06 0.86
CA THR A 17 -4.72 1.00 0.01
C THR A 17 -3.47 0.95 0.89
N VAL A 18 -2.49 0.14 0.53
CA VAL A 18 -1.18 0.06 1.19
C VAL A 18 -0.12 0.74 0.33
N TYR A 19 0.86 1.37 0.97
CA TYR A 19 2.07 1.90 0.37
C TYR A 19 3.21 0.87 0.51
N VAL A 20 4.03 0.72 -0.52
CA VAL A 20 5.18 -0.20 -0.57
C VAL A 20 6.40 0.57 -1.09
N GLY A 21 7.40 0.81 -0.24
CA GLY A 21 8.67 1.45 -0.61
C GLY A 21 9.84 0.47 -0.63
N GLY A 22 10.82 0.72 -1.50
CA GLY A 22 12.08 -0.04 -1.58
C GLY A 22 12.06 -1.17 -2.62
N LEU A 23 11.35 -0.96 -3.73
CA LEU A 23 11.11 -1.95 -4.78
C LEU A 23 12.37 -2.16 -5.64
N ASP A 24 12.50 -3.35 -6.21
CA ASP A 24 13.57 -3.70 -7.14
C ASP A 24 13.16 -3.43 -8.61
N GLU A 25 14.12 -3.22 -9.51
CA GLU A 25 13.87 -2.94 -10.93
C GLU A 25 13.05 -4.02 -11.68
N LYS A 26 13.00 -5.26 -11.17
CA LYS A 26 12.18 -6.35 -11.70
C LYS A 26 10.70 -6.32 -11.28
N VAL A 27 10.34 -5.48 -10.29
CA VAL A 27 8.96 -5.31 -9.80
C VAL A 27 8.09 -4.53 -10.80
N SER A 28 6.83 -4.93 -10.96
CA SER A 28 5.81 -4.16 -11.68
C SER A 28 4.42 -4.28 -11.03
N GLU A 29 3.47 -3.44 -11.41
CA GLU A 29 2.10 -3.43 -10.88
C GLU A 29 1.36 -4.78 -10.90
N PRO A 30 1.41 -5.60 -11.98
CA PRO A 30 0.77 -6.92 -11.97
C PRO A 30 1.47 -7.93 -11.06
N LEU A 31 2.78 -7.74 -10.79
CA LEU A 31 3.48 -8.54 -9.76
C LEU A 31 2.91 -8.19 -8.40
N LEU A 32 2.88 -6.90 -8.04
CA LEU A 32 2.37 -6.46 -6.74
C LEU A 32 0.96 -6.97 -6.50
N TRP A 33 0.10 -6.92 -7.51
CA TRP A 33 -1.27 -7.41 -7.43
C TRP A 33 -1.31 -8.89 -7.05
N GLU A 34 -0.74 -9.76 -7.88
CA GLU A 34 -0.76 -11.21 -7.67
C GLU A 34 0.02 -11.67 -6.42
N LEU A 35 1.05 -10.92 -6.02
CA LEU A 35 1.85 -11.18 -4.81
C LEU A 35 1.05 -10.85 -3.53
N PHE A 36 0.23 -9.79 -3.54
CA PHE A 36 -0.53 -9.30 -2.39
C PHE A 36 -1.91 -9.96 -2.23
N LEU A 37 -2.37 -10.73 -3.23
CA LEU A 37 -3.55 -11.62 -3.13
C LEU A 37 -3.49 -12.60 -1.94
N GLN A 38 -2.29 -12.89 -1.42
CA GLN A 38 -2.05 -13.70 -0.22
C GLN A 38 -2.65 -13.06 1.04
N ALA A 39 -2.69 -11.73 1.11
CA ALA A 39 -3.28 -11.00 2.22
C ALA A 39 -4.81 -10.95 2.15
N GLY A 40 -5.35 -10.67 0.96
CA GLY A 40 -6.78 -10.55 0.70
C GLY A 40 -7.10 -10.16 -0.75
N PRO A 41 -8.38 -9.88 -1.08
CA PRO A 41 -8.80 -9.53 -2.43
C PRO A 41 -8.24 -8.16 -2.87
N VAL A 42 -7.31 -8.19 -3.82
CA VAL A 42 -6.73 -7.00 -4.47
C VAL A 42 -7.61 -6.56 -5.65
N VAL A 43 -7.85 -5.25 -5.72
CA VAL A 43 -8.80 -4.59 -6.64
C VAL A 43 -8.07 -3.77 -7.72
N ASN A 44 -6.93 -3.17 -7.36
CA ASN A 44 -6.13 -2.27 -8.19
C ASN A 44 -4.68 -2.15 -7.67
N THR A 45 -3.74 -1.69 -8.50
CA THR A 45 -2.35 -1.36 -8.15
C THR A 45 -1.88 -0.05 -8.81
N HIS A 46 -0.91 0.63 -8.20
CA HIS A 46 -0.33 1.87 -8.74
C HIS A 46 1.18 1.94 -8.49
N MET A 47 1.99 2.24 -9.50
CA MET A 47 3.42 2.55 -9.36
C MET A 47 3.77 3.79 -10.20
N PRO A 48 3.93 4.98 -9.59
CA PRO A 48 4.22 6.22 -10.32
C PRO A 48 5.56 6.17 -11.08
N LYS A 49 5.53 6.52 -12.37
CA LYS A 49 6.68 6.38 -13.29
C LYS A 49 7.54 7.65 -13.39
N ASP A 50 8.81 7.45 -13.68
CA ASP A 50 9.82 8.48 -13.97
C ASP A 50 9.52 9.22 -15.28
N ARG A 51 9.77 10.54 -15.32
CA ARG A 51 9.44 11.44 -16.44
C ARG A 51 10.46 11.48 -17.59
N VAL A 52 11.49 10.61 -17.59
CA VAL A 52 12.60 10.62 -18.56
C VAL A 52 12.85 9.23 -19.15
N THR A 53 12.71 8.18 -18.33
CA THR A 53 12.97 6.78 -18.69
C THR A 53 11.72 5.91 -18.64
N GLY A 54 10.67 6.38 -17.96
CA GLY A 54 9.41 5.68 -17.77
C GLY A 54 9.48 4.46 -16.83
N GLN A 55 10.61 4.27 -16.13
CA GLN A 55 10.80 3.25 -15.09
C GLN A 55 9.99 3.59 -13.82
N HIS A 56 9.75 2.64 -12.92
CA HIS A 56 9.19 2.96 -11.60
C HIS A 56 10.21 3.67 -10.70
N GLN A 57 9.72 4.44 -9.73
CA GLN A 57 10.54 5.33 -8.89
C GLN A 57 10.96 4.72 -7.54
N GLY A 58 10.97 3.38 -7.44
CA GLY A 58 11.36 2.63 -6.24
C GLY A 58 10.22 2.39 -5.23
N TYR A 59 8.99 2.80 -5.54
CA TYR A 59 7.81 2.61 -4.68
C TYR A 59 6.52 2.33 -5.48
N GLY A 60 5.52 1.76 -4.80
CA GLY A 60 4.22 1.39 -5.35
C GLY A 60 3.11 1.34 -4.30
N PHE A 61 1.92 0.95 -4.74
CA PHE A 61 0.70 0.86 -3.95
C PHE A 61 -0.15 -0.35 -4.37
N VAL A 62 -0.89 -0.92 -3.42
CA VAL A 62 -1.85 -2.02 -3.65
C VAL A 62 -3.19 -1.71 -2.97
N GLU A 63 -4.29 -1.75 -3.71
CA GLU A 63 -5.64 -1.42 -3.25
C GLU A 63 -6.44 -2.71 -2.99
N PHE A 64 -6.95 -2.85 -1.77
CA PHE A 64 -7.77 -3.98 -1.33
C PHE A 64 -9.26 -3.65 -1.31
N LEU A 65 -10.10 -4.69 -1.30
CA LEU A 65 -11.56 -4.54 -1.23
C LEU A 65 -12.02 -3.86 0.06
N SER A 66 -11.31 -4.11 1.17
CA SER A 66 -11.65 -3.60 2.50
C SER A 66 -10.40 -3.21 3.30
N GLU A 67 -10.56 -2.31 4.27
CA GLU A 67 -9.46 -1.78 5.10
C GLU A 67 -8.82 -2.85 5.99
N GLU A 68 -9.57 -3.84 6.46
CA GLU A 68 -9.04 -4.95 7.27
C GLU A 68 -8.14 -5.90 6.46
N ASP A 69 -8.36 -6.00 5.14
CA ASP A 69 -7.49 -6.76 4.22
C ASP A 69 -6.19 -5.99 3.92
N ALA A 70 -6.25 -4.66 3.85
CA ALA A 70 -5.06 -3.82 3.70
C ALA A 70 -4.20 -3.84 4.97
N ASP A 71 -4.82 -3.72 6.15
CA ASP A 71 -4.13 -3.74 7.45
C ASP A 71 -3.38 -5.07 7.70
N TYR A 72 -3.89 -6.18 7.16
CA TYR A 72 -3.24 -7.49 7.20
C TYR A 72 -2.08 -7.63 6.18
N ALA A 73 -2.20 -7.02 5.00
CA ALA A 73 -1.13 -7.01 4.01
C ALA A 73 0.12 -6.28 4.54
N ILE A 74 -0.09 -5.20 5.29
CA ILE A 74 0.97 -4.45 6.00
C ILE A 74 1.64 -5.32 7.08
N LYS A 75 0.87 -6.18 7.76
CA LYS A 75 1.40 -7.12 8.76
C LYS A 75 2.33 -8.17 8.16
N ILE A 76 2.01 -8.72 6.98
CA ILE A 76 2.80 -9.80 6.36
C ILE A 76 3.90 -9.32 5.40
N MET A 77 3.70 -8.25 4.63
CA MET A 77 4.62 -7.82 3.55
C MET A 77 5.70 -6.82 3.98
N ASP A 78 5.73 -6.44 5.25
CA ASP A 78 6.71 -5.50 5.79
C ASP A 78 8.02 -6.19 6.19
N MET A 79 9.16 -5.57 5.85
CA MET A 79 10.51 -6.12 5.97
C MET A 79 10.77 -7.42 5.19
N ILE A 80 9.85 -7.80 4.29
CA ILE A 80 10.03 -8.86 3.29
C ILE A 80 11.05 -8.43 2.23
N LYS A 81 11.76 -9.39 1.63
CA LYS A 81 12.84 -9.15 0.65
C LYS A 81 12.46 -9.59 -0.77
N LEU A 82 11.54 -8.87 -1.39
CA LEU A 82 11.12 -9.08 -2.79
C LEU A 82 12.35 -8.94 -3.72
N TYR A 83 12.63 -9.96 -4.55
CA TYR A 83 13.90 -10.07 -5.32
C TYR A 83 15.21 -9.79 -4.52
N GLY A 84 15.26 -10.03 -3.20
CA GLY A 84 16.47 -9.86 -2.37
C GLY A 84 16.80 -8.41 -1.95
N LYS A 85 15.80 -7.53 -1.87
CA LYS A 85 15.85 -6.12 -1.49
C LYS A 85 14.69 -5.84 -0.52
N PRO A 86 14.94 -5.38 0.72
CA PRO A 86 13.90 -5.27 1.75
C PRO A 86 12.91 -4.14 1.45
N ILE A 87 11.62 -4.49 1.42
CA ILE A 87 10.50 -3.55 1.24
C ILE A 87 9.89 -3.11 2.58
N ARG A 88 9.45 -1.85 2.63
CA ARG A 88 8.78 -1.23 3.78
C ARG A 88 7.31 -0.96 3.42
N VAL A 89 6.37 -1.40 4.26
CA VAL A 89 4.92 -1.40 3.96
C VAL A 89 4.12 -0.72 5.07
N ASN A 90 3.12 0.08 4.70
CA ASN A 90 2.25 0.84 5.62
C ASN A 90 0.90 1.19 4.95
N LYS A 91 -0.05 1.81 5.67
CA LYS A 91 -1.27 2.39 5.09
C LYS A 91 -0.90 3.52 4.12
N ALA A 92 -1.63 3.65 3.00
CA ALA A 92 -1.51 4.81 2.11
C ALA A 92 -2.17 6.07 2.70
N SER A 93 -2.95 5.93 3.78
CA SER A 93 -3.47 7.02 4.62
C SER A 93 -2.48 7.36 5.74
N ALA A 94 -2.39 6.49 6.76
CA ALA A 94 -1.63 6.67 8.01
C ALA A 94 -1.95 7.99 8.74
N HIS A 95 -3.19 8.49 8.59
CA HIS A 95 -3.70 9.75 9.16
C HIS A 95 -4.03 9.59 10.65
N ASN A 96 -3.80 10.62 11.48
CA ASN A 96 -4.26 10.65 12.87
C ASN A 96 -5.70 11.19 12.93
N LYS A 97 -6.69 10.31 12.68
CA LYS A 97 -8.11 10.69 12.48
C LYS A 97 -9.16 9.89 13.26
N ASN A 98 -8.78 8.81 13.95
CA ASN A 98 -9.69 8.10 14.86
C ASN A 98 -9.97 8.93 16.14
N LEU A 99 -11.15 8.80 16.74
CA LEU A 99 -11.60 9.55 17.92
C LEU A 99 -12.53 8.73 18.85
N SER A 100 -12.71 9.22 20.08
CA SER A 100 -13.54 8.59 21.12
C SER A 100 -15.03 8.96 21.03
N GLY A 101 -15.33 10.22 20.69
CA GLY A 101 -16.69 10.74 20.47
C GLY A 101 -17.69 10.53 21.63
N PRO A 102 -17.35 10.91 22.89
CA PRO A 102 -18.22 10.69 24.06
C PRO A 102 -19.50 11.55 24.03
N SER A 103 -20.57 11.06 24.66
CA SER A 103 -21.87 11.76 24.77
C SER A 103 -21.90 12.83 25.88
N SER A 104 -20.96 12.80 26.83
CA SER A 104 -20.89 13.70 27.99
C SER A 104 -20.47 15.14 27.61
N GLY A 105 -20.96 16.12 28.37
CA GLY A 105 -20.61 17.55 28.25
C GLY A 105 -19.18 17.86 28.72
N GLY A 1 2.26 4.71 25.67
CA GLY A 1 1.70 3.66 26.54
C GLY A 1 0.37 3.18 26.00
N SER A 2 0.20 1.85 25.88
CA SER A 2 -0.96 1.20 25.20
C SER A 2 -1.19 1.73 23.77
N SER A 3 -0.10 2.04 23.06
CA SER A 3 -0.08 2.75 21.77
C SER A 3 -0.55 1.89 20.59
N GLY A 4 -1.00 2.54 19.51
CA GLY A 4 -1.38 1.91 18.25
C GLY A 4 -1.39 2.89 17.07
N SER A 5 -0.94 2.44 15.90
CA SER A 5 -0.66 3.27 14.71
C SER A 5 -1.56 2.98 13.49
N SER A 6 -2.47 2.01 13.58
CA SER A 6 -3.24 1.47 12.45
C SER A 6 -4.30 2.43 11.86
N GLY A 7 -4.80 3.37 12.67
CA GLY A 7 -5.83 4.36 12.31
C GLY A 7 -7.08 3.83 11.56
N PRO A 8 -7.80 2.78 12.04
CA PRO A 8 -8.85 2.13 11.26
C PRO A 8 -10.09 3.02 11.03
N ILE A 9 -10.36 3.37 9.76
CA ILE A 9 -11.54 4.12 9.31
C ILE A 9 -12.09 3.59 7.98
N SER A 10 -13.38 3.80 7.72
CA SER A 10 -14.09 3.41 6.50
C SER A 10 -14.40 4.58 5.55
N GLU A 11 -14.00 5.81 5.91
CA GLU A 11 -14.38 7.06 5.22
C GLU A 11 -13.76 7.20 3.81
N ARG A 12 -12.49 6.78 3.65
CA ARG A 12 -11.67 6.98 2.44
C ARG A 12 -10.86 5.74 2.08
N ASN A 13 -10.61 5.55 0.78
CA ASN A 13 -9.90 4.37 0.24
C ASN A 13 -8.37 4.39 0.46
N GLN A 14 -7.81 5.47 1.01
CA GLN A 14 -6.37 5.56 1.38
C GLN A 14 -5.99 4.69 2.59
N ASP A 15 -6.98 4.10 3.29
CA ASP A 15 -6.76 3.05 4.30
C ASP A 15 -7.03 1.64 3.75
N ALA A 16 -7.79 1.50 2.65
CA ALA A 16 -7.94 0.26 1.88
C ALA A 16 -6.79 0.06 0.86
N THR A 17 -6.06 1.13 0.54
CA THR A 17 -4.83 1.10 -0.25
C THR A 17 -3.62 1.07 0.69
N VAL A 18 -2.63 0.25 0.37
CA VAL A 18 -1.33 0.21 1.05
C VAL A 18 -0.25 0.82 0.15
N TYR A 19 0.74 1.46 0.77
CA TYR A 19 1.98 1.91 0.15
C TYR A 19 3.06 0.85 0.35
N VAL A 20 3.92 0.65 -0.65
CA VAL A 20 5.08 -0.24 -0.61
C VAL A 20 6.31 0.52 -1.10
N GLY A 21 7.25 0.82 -0.21
CA GLY A 21 8.53 1.46 -0.53
C GLY A 21 9.70 0.47 -0.54
N GLY A 22 10.73 0.74 -1.35
CA GLY A 22 11.98 -0.03 -1.39
C GLY A 22 11.97 -1.16 -2.43
N LEU A 23 11.31 -0.93 -3.57
CA LEU A 23 11.07 -1.92 -4.62
C LEU A 23 12.26 -2.06 -5.56
N ASP A 24 12.48 -3.29 -6.05
CA ASP A 24 13.52 -3.60 -7.03
C ASP A 24 13.07 -3.31 -8.48
N GLU A 25 14.00 -3.10 -9.41
CA GLU A 25 13.71 -2.85 -10.84
C GLU A 25 12.91 -3.98 -11.54
N LYS A 26 12.92 -5.20 -11.00
CA LYS A 26 12.13 -6.34 -11.49
C LYS A 26 10.65 -6.34 -11.05
N VAL A 27 10.27 -5.47 -10.10
CA VAL A 27 8.89 -5.35 -9.59
C VAL A 27 7.98 -4.63 -10.59
N SER A 28 6.75 -5.11 -10.76
CA SER A 28 5.72 -4.55 -11.65
C SER A 28 4.33 -4.50 -10.98
N GLU A 29 3.40 -3.70 -11.52
CA GLU A 29 2.00 -3.66 -11.03
C GLU A 29 1.33 -5.05 -11.03
N PRO A 30 1.42 -5.89 -12.10
CA PRO A 30 0.91 -7.26 -12.08
C PRO A 30 1.53 -8.13 -10.97
N LEU A 31 2.81 -7.91 -10.61
CA LEU A 31 3.43 -8.59 -9.48
C LEU A 31 2.79 -8.14 -8.17
N LEU A 32 2.70 -6.82 -7.94
CA LEU A 32 2.11 -6.26 -6.73
C LEU A 32 0.64 -6.62 -6.55
N TRP A 33 -0.06 -6.96 -7.63
CA TRP A 33 -1.41 -7.52 -7.56
C TRP A 33 -1.38 -8.97 -7.09
N GLU A 34 -0.82 -9.85 -7.90
CA GLU A 34 -0.85 -11.31 -7.67
C GLU A 34 -0.10 -11.77 -6.41
N LEU A 35 0.95 -11.06 -6.01
CA LEU A 35 1.69 -11.32 -4.77
C LEU A 35 0.85 -10.98 -3.52
N PHE A 36 0.00 -9.95 -3.59
CA PHE A 36 -0.79 -9.44 -2.47
C PHE A 36 -2.17 -10.10 -2.32
N LEU A 37 -2.60 -10.89 -3.31
CA LEU A 37 -3.78 -11.77 -3.21
C LEU A 37 -3.72 -12.77 -2.03
N GLN A 38 -2.53 -13.00 -1.48
CA GLN A 38 -2.30 -13.78 -0.26
C GLN A 38 -2.93 -13.14 0.99
N ALA A 39 -2.96 -11.80 1.04
CA ALA A 39 -3.55 -11.06 2.16
C ALA A 39 -5.08 -11.01 2.08
N GLY A 40 -5.61 -10.70 0.90
CA GLY A 40 -7.04 -10.58 0.62
C GLY A 40 -7.33 -10.19 -0.83
N PRO A 41 -8.59 -9.89 -1.18
CA PRO A 41 -9.00 -9.52 -2.53
C PRO A 41 -8.41 -8.17 -2.96
N VAL A 42 -7.46 -8.20 -3.90
CA VAL A 42 -6.87 -7.01 -4.53
C VAL A 42 -7.74 -6.56 -5.70
N VAL A 43 -8.00 -5.25 -5.77
CA VAL A 43 -8.93 -4.59 -6.68
C VAL A 43 -8.21 -3.76 -7.75
N ASN A 44 -7.07 -3.17 -7.38
CA ASN A 44 -6.28 -2.23 -8.19
C ASN A 44 -4.82 -2.14 -7.68
N THR A 45 -3.90 -1.65 -8.51
CA THR A 45 -2.49 -1.37 -8.19
C THR A 45 -2.01 -0.07 -8.84
N HIS A 46 -0.99 0.59 -8.28
CA HIS A 46 -0.37 1.79 -8.86
C HIS A 46 1.16 1.82 -8.66
N MET A 47 1.93 2.14 -9.69
CA MET A 47 3.39 2.32 -9.65
C MET A 47 3.80 3.63 -10.35
N PRO A 48 4.11 4.71 -9.61
CA PRO A 48 4.56 5.98 -10.17
C PRO A 48 5.85 5.86 -10.99
N LYS A 49 5.94 6.65 -12.08
CA LYS A 49 7.02 6.61 -13.07
C LYS A 49 7.89 7.87 -13.07
N ASP A 50 9.09 7.73 -13.63
CA ASP A 50 10.02 8.82 -13.92
C ASP A 50 9.79 9.43 -15.32
N ARG A 51 9.83 10.76 -15.43
CA ARG A 51 9.49 11.52 -16.66
C ARG A 51 10.62 11.63 -17.71
N VAL A 52 11.73 10.92 -17.52
CA VAL A 52 12.95 11.01 -18.37
C VAL A 52 13.43 9.61 -18.80
N THR A 53 13.31 8.62 -17.91
CA THR A 53 13.77 7.24 -18.11
C THR A 53 12.61 6.24 -18.15
N GLY A 54 11.42 6.65 -17.69
CA GLY A 54 10.20 5.85 -17.72
C GLY A 54 10.16 4.67 -16.75
N GLN A 55 11.17 4.54 -15.88
CA GLN A 55 11.27 3.50 -14.85
C GLN A 55 10.41 3.85 -13.63
N HIS A 56 10.10 2.88 -12.77
CA HIS A 56 9.36 3.14 -11.53
C HIS A 56 10.20 3.91 -10.50
N GLN A 57 9.53 4.63 -9.60
CA GLN A 57 10.15 5.59 -8.66
C GLN A 57 10.68 4.95 -7.35
N GLY A 58 10.80 3.61 -7.30
CA GLY A 58 11.26 2.85 -6.13
C GLY A 58 10.15 2.50 -5.12
N TYR A 59 8.91 2.91 -5.39
CA TYR A 59 7.72 2.61 -4.57
C TYR A 59 6.46 2.40 -5.42
N GLY A 60 5.49 1.69 -4.84
CA GLY A 60 4.23 1.28 -5.45
C GLY A 60 3.08 1.28 -4.44
N PHE A 61 1.88 0.91 -4.89
CA PHE A 61 0.65 0.82 -4.11
C PHE A 61 -0.22 -0.37 -4.51
N VAL A 62 -0.98 -0.91 -3.55
CA VAL A 62 -1.94 -2.02 -3.75
C VAL A 62 -3.26 -1.69 -3.06
N GLU A 63 -4.38 -1.82 -3.75
CA GLU A 63 -5.71 -1.48 -3.24
C GLU A 63 -6.55 -2.74 -3.00
N PHE A 64 -7.03 -2.90 -1.76
CA PHE A 64 -7.89 -4.01 -1.33
C PHE A 64 -9.37 -3.64 -1.33
N LEU A 65 -10.23 -4.66 -1.32
CA LEU A 65 -11.68 -4.49 -1.25
C LEU A 65 -12.13 -3.80 0.05
N SER A 66 -11.42 -4.07 1.15
CA SER A 66 -11.74 -3.54 2.48
C SER A 66 -10.48 -3.17 3.27
N GLU A 67 -10.62 -2.26 4.23
CA GLU A 67 -9.52 -1.78 5.08
C GLU A 67 -8.91 -2.88 5.97
N GLU A 68 -9.71 -3.85 6.42
CA GLU A 68 -9.22 -4.98 7.22
C GLU A 68 -8.32 -5.95 6.42
N ASP A 69 -8.49 -6.01 5.10
CA ASP A 69 -7.62 -6.77 4.19
C ASP A 69 -6.30 -6.03 3.91
N ALA A 70 -6.33 -4.69 3.87
CA ALA A 70 -5.12 -3.87 3.75
C ALA A 70 -4.28 -3.90 5.03
N ASP A 71 -4.93 -3.79 6.20
CA ASP A 71 -4.28 -3.84 7.51
C ASP A 71 -3.60 -5.19 7.79
N TYR A 72 -4.11 -6.28 7.18
CA TYR A 72 -3.49 -7.60 7.21
C TYR A 72 -2.33 -7.74 6.21
N ALA A 73 -2.41 -7.12 5.04
CA ALA A 73 -1.32 -7.16 4.05
C ALA A 73 -0.05 -6.51 4.61
N ILE A 74 -0.21 -5.40 5.34
CA ILE A 74 0.83 -4.71 6.08
C ILE A 74 1.51 -5.64 7.11
N LYS A 75 0.73 -6.50 7.78
CA LYS A 75 1.23 -7.46 8.78
C LYS A 75 2.11 -8.57 8.17
N ILE A 76 1.83 -9.03 6.94
CA ILE A 76 2.51 -10.16 6.31
C ILE A 76 3.59 -9.80 5.26
N MET A 77 3.64 -8.56 4.78
CA MET A 77 4.56 -8.10 3.70
C MET A 77 5.66 -7.12 4.15
N ASP A 78 5.68 -6.69 5.41
CA ASP A 78 6.61 -5.64 5.89
C ASP A 78 8.02 -6.17 6.23
N MET A 79 9.04 -5.37 5.92
CA MET A 79 10.49 -5.65 6.06
C MET A 79 11.01 -6.87 5.27
N ILE A 80 10.23 -7.34 4.28
CA ILE A 80 10.48 -8.54 3.48
C ILE A 80 11.28 -8.22 2.21
N LYS A 81 12.19 -9.13 1.82
CA LYS A 81 13.20 -8.89 0.78
C LYS A 81 12.77 -9.35 -0.61
N LEU A 82 11.76 -8.67 -1.18
CA LEU A 82 11.32 -8.91 -2.55
C LEU A 82 12.50 -8.67 -3.52
N TYR A 83 12.89 -9.68 -4.31
CA TYR A 83 14.13 -9.67 -5.10
C TYR A 83 15.41 -9.17 -4.35
N GLY A 84 15.52 -9.36 -3.03
CA GLY A 84 16.72 -9.03 -2.23
C GLY A 84 16.86 -7.61 -1.69
N LYS A 85 15.79 -6.79 -1.73
CA LYS A 85 15.69 -5.42 -1.19
C LYS A 85 14.49 -5.36 -0.23
N PRO A 86 14.69 -4.97 1.04
CA PRO A 86 13.68 -5.05 2.09
C PRO A 86 12.59 -3.98 1.91
N ILE A 87 11.37 -4.40 1.60
CA ILE A 87 10.24 -3.51 1.35
C ILE A 87 9.61 -3.03 2.66
N ARG A 88 9.11 -1.79 2.69
CA ARG A 88 8.42 -1.16 3.82
C ARG A 88 6.96 -0.90 3.46
N VAL A 89 6.02 -1.35 4.30
CA VAL A 89 4.58 -1.39 3.98
C VAL A 89 3.75 -0.71 5.08
N ASN A 90 2.79 0.13 4.68
CA ASN A 90 1.87 0.88 5.55
C ASN A 90 0.60 1.30 4.79
N LYS A 91 -0.42 1.86 5.48
CA LYS A 91 -1.60 2.48 4.85
C LYS A 91 -1.15 3.62 3.92
N ALA A 92 -1.77 3.78 2.74
CA ALA A 92 -1.28 4.67 1.69
C ALA A 92 -1.19 6.16 2.10
N SER A 93 -2.07 6.61 3.00
CA SER A 93 -1.99 7.94 3.64
C SER A 93 -2.24 7.82 5.15
N ALA A 94 -1.42 7.02 5.85
CA ALA A 94 -1.54 6.71 7.26
C ALA A 94 -1.66 7.96 8.17
N HIS A 95 -2.47 7.86 9.22
CA HIS A 95 -2.82 8.96 10.14
C HIS A 95 -2.96 8.48 11.60
N ASN A 96 -2.52 9.31 12.55
CA ASN A 96 -2.54 8.99 13.99
C ASN A 96 -2.65 10.23 14.92
N LYS A 97 -2.92 11.42 14.36
CA LYS A 97 -2.85 12.72 15.06
C LYS A 97 -4.10 13.01 15.91
N ASN A 98 -3.88 13.61 17.08
CA ASN A 98 -4.89 14.17 17.97
C ASN A 98 -4.36 15.43 18.69
N LEU A 99 -5.24 16.36 19.07
CA LEU A 99 -4.87 17.62 19.73
C LEU A 99 -4.54 17.39 21.22
N SER A 100 -5.40 16.65 21.92
CA SER A 100 -5.23 16.25 23.33
C SER A 100 -5.97 14.93 23.61
N GLY A 101 -5.83 14.38 24.83
CA GLY A 101 -6.58 13.22 25.32
C GLY A 101 -8.02 13.56 25.75
N PRO A 102 -8.86 12.54 26.01
CA PRO A 102 -10.23 12.73 26.49
C PRO A 102 -10.28 13.23 27.95
N SER A 103 -11.37 13.90 28.32
CA SER A 103 -11.60 14.43 29.68
C SER A 103 -11.81 13.33 30.72
N SER A 104 -11.40 13.60 31.98
CA SER A 104 -11.56 12.67 33.11
C SER A 104 -13.02 12.50 33.54
N GLY A 105 -13.35 11.32 34.10
CA GLY A 105 -14.67 11.00 34.66
C GLY A 105 -15.00 11.74 35.96
N GLY A 1 -22.67 13.39 7.20
CA GLY A 1 -21.87 13.02 6.01
C GLY A 1 -22.22 13.89 4.81
N SER A 2 -21.33 13.92 3.81
CA SER A 2 -21.51 14.65 2.54
C SER A 2 -22.46 13.95 1.56
N SER A 3 -22.99 14.71 0.59
CA SER A 3 -23.89 14.18 -0.46
C SER A 3 -23.17 13.28 -1.47
N GLY A 4 -23.86 12.26 -1.97
CA GLY A 4 -23.37 11.39 -3.05
C GLY A 4 -23.22 12.08 -4.42
N SER A 5 -23.77 13.29 -4.57
CA SER A 5 -23.67 14.11 -5.79
C SER A 5 -22.35 14.89 -5.93
N SER A 6 -21.38 14.67 -5.02
CA SER A 6 -20.09 15.39 -4.99
C SER A 6 -19.14 15.05 -6.15
N GLY A 7 -19.31 13.90 -6.81
CA GLY A 7 -18.50 13.46 -7.95
C GLY A 7 -18.83 12.04 -8.43
N PRO A 8 -18.02 11.47 -9.36
CA PRO A 8 -18.29 10.15 -9.95
C PRO A 8 -18.20 8.97 -8.97
N ILE A 9 -17.47 9.11 -7.86
CA ILE A 9 -17.30 8.09 -6.82
C ILE A 9 -17.19 8.72 -5.41
N SER A 10 -17.99 8.21 -4.49
CA SER A 10 -17.92 8.52 -3.04
C SER A 10 -17.20 7.42 -2.23
N GLU A 11 -17.03 6.22 -2.81
CA GLU A 11 -16.39 5.05 -2.17
C GLU A 11 -14.85 5.06 -2.31
N ARG A 12 -14.25 6.27 -2.29
CA ARG A 12 -12.84 6.56 -2.56
C ARG A 12 -11.90 6.28 -1.37
N ASN A 13 -12.09 5.15 -0.70
CA ASN A 13 -11.38 4.77 0.54
C ASN A 13 -9.87 4.53 0.28
N GLN A 14 -9.04 5.47 0.75
CA GLN A 14 -7.57 5.42 0.62
C GLN A 14 -6.89 4.59 1.72
N ASP A 15 -7.54 4.37 2.88
CA ASP A 15 -7.03 3.46 3.93
C ASP A 15 -7.10 1.97 3.49
N ALA A 16 -8.00 1.63 2.57
CA ALA A 16 -8.02 0.33 1.90
C ALA A 16 -6.91 0.17 0.83
N THR A 17 -6.07 1.20 0.63
CA THR A 17 -4.85 1.13 -0.18
C THR A 17 -3.63 1.11 0.75
N VAL A 18 -2.68 0.22 0.48
CA VAL A 18 -1.37 0.17 1.17
C VAL A 18 -0.31 0.86 0.32
N TYR A 19 0.67 1.49 0.98
CA TYR A 19 1.90 2.01 0.39
C TYR A 19 3.01 0.97 0.54
N VAL A 20 3.87 0.84 -0.48
CA VAL A 20 5.02 -0.08 -0.51
C VAL A 20 6.26 0.67 -1.00
N GLY A 21 7.22 0.95 -0.12
CA GLY A 21 8.50 1.57 -0.45
C GLY A 21 9.66 0.57 -0.51
N GLY A 22 10.68 0.87 -1.32
CA GLY A 22 11.93 0.11 -1.38
C GLY A 22 11.93 -1.01 -2.42
N LEU A 23 11.26 -0.78 -3.56
CA LEU A 23 11.04 -1.76 -4.61
C LEU A 23 12.27 -1.93 -5.51
N ASP A 24 12.50 -3.15 -5.98
CA ASP A 24 13.57 -3.45 -6.92
C ASP A 24 13.17 -3.14 -8.38
N GLU A 25 14.14 -2.92 -9.27
CA GLU A 25 13.90 -2.64 -10.70
C GLU A 25 13.14 -3.75 -11.45
N LYS A 26 13.12 -4.99 -10.93
CA LYS A 26 12.35 -6.13 -11.46
C LYS A 26 10.86 -6.15 -11.05
N VAL A 27 10.45 -5.28 -10.11
CA VAL A 27 9.04 -5.17 -9.65
C VAL A 27 8.19 -4.44 -10.69
N SER A 28 6.96 -4.94 -10.90
CA SER A 28 5.92 -4.30 -11.75
C SER A 28 4.54 -4.31 -11.07
N GLU A 29 3.60 -3.48 -11.53
CA GLU A 29 2.25 -3.41 -10.95
C GLU A 29 1.48 -4.75 -10.94
N PRO A 30 1.56 -5.62 -11.98
CA PRO A 30 0.96 -6.96 -11.92
C PRO A 30 1.60 -7.87 -10.88
N LEU A 31 2.89 -7.68 -10.55
CA LEU A 31 3.54 -8.41 -9.45
C LEU A 31 2.96 -7.96 -8.12
N LEU A 32 2.89 -6.65 -7.88
CA LEU A 32 2.32 -6.11 -6.64
C LEU A 32 0.85 -6.47 -6.46
N TRP A 33 0.14 -6.79 -7.55
CA TRP A 33 -1.21 -7.34 -7.49
C TRP A 33 -1.19 -8.80 -7.05
N GLU A 34 -0.62 -9.68 -7.88
CA GLU A 34 -0.66 -11.14 -7.66
C GLU A 34 0.09 -11.61 -6.40
N LEU A 35 1.14 -10.91 -5.99
CA LEU A 35 1.89 -11.20 -4.76
C LEU A 35 1.05 -10.88 -3.50
N PHE A 36 0.20 -9.85 -3.56
CA PHE A 36 -0.59 -9.35 -2.42
C PHE A 36 -1.97 -10.02 -2.29
N LEU A 37 -2.40 -10.80 -3.31
CA LEU A 37 -3.58 -11.67 -3.23
C LEU A 37 -3.55 -12.67 -2.07
N GLN A 38 -2.37 -12.93 -1.51
CA GLN A 38 -2.14 -13.75 -0.30
C GLN A 38 -2.75 -13.11 0.96
N ALA A 39 -2.78 -11.78 1.03
CA ALA A 39 -3.38 -11.04 2.14
C ALA A 39 -4.91 -10.98 2.06
N GLY A 40 -5.43 -10.71 0.86
CA GLY A 40 -6.86 -10.60 0.57
C GLY A 40 -7.14 -10.21 -0.89
N PRO A 41 -8.40 -9.95 -1.26
CA PRO A 41 -8.79 -9.58 -2.63
C PRO A 41 -8.23 -8.20 -3.02
N VAL A 42 -7.28 -8.21 -3.96
CA VAL A 42 -6.70 -7.00 -4.58
C VAL A 42 -7.56 -6.57 -5.77
N VAL A 43 -7.82 -5.27 -5.86
CA VAL A 43 -8.75 -4.63 -6.80
C VAL A 43 -8.00 -3.79 -7.86
N ASN A 44 -6.87 -3.19 -7.49
CA ASN A 44 -6.07 -2.29 -8.31
C ASN A 44 -4.62 -2.15 -7.75
N THR A 45 -3.68 -1.68 -8.57
CA THR A 45 -2.30 -1.32 -8.19
C THR A 45 -1.84 -0.03 -8.84
N HIS A 46 -0.87 0.68 -8.23
CA HIS A 46 -0.28 1.89 -8.78
C HIS A 46 1.23 1.94 -8.49
N MET A 47 2.06 2.25 -9.49
CA MET A 47 3.49 2.54 -9.31
C MET A 47 3.86 3.80 -10.10
N PRO A 48 4.11 4.95 -9.45
CA PRO A 48 4.55 6.18 -10.11
C PRO A 48 5.84 5.98 -10.92
N LYS A 49 5.94 6.65 -12.08
CA LYS A 49 7.03 6.48 -13.07
C LYS A 49 7.89 7.74 -13.25
N ASP A 50 9.09 7.55 -13.77
CA ASP A 50 9.99 8.61 -14.23
C ASP A 50 9.56 9.16 -15.60
N ARG A 51 9.68 10.47 -15.81
CA ARG A 51 9.19 11.17 -17.02
C ARG A 51 10.12 11.14 -18.25
N VAL A 52 11.24 10.41 -18.19
CA VAL A 52 12.30 10.38 -19.24
C VAL A 52 12.68 8.96 -19.62
N THR A 53 12.72 8.05 -18.63
CA THR A 53 13.12 6.64 -18.78
C THR A 53 11.97 5.67 -18.55
N GLY A 54 10.86 6.16 -17.99
CA GLY A 54 9.62 5.41 -17.77
C GLY A 54 9.69 4.31 -16.70
N GLN A 55 10.81 4.19 -15.98
CA GLN A 55 11.00 3.24 -14.88
C GLN A 55 10.26 3.71 -13.61
N HIS A 56 9.96 2.82 -12.67
CA HIS A 56 9.26 3.20 -11.43
C HIS A 56 10.15 4.01 -10.46
N GLN A 57 9.52 4.81 -9.59
CA GLN A 57 10.19 5.74 -8.66
C GLN A 57 10.74 5.07 -7.37
N GLY A 58 10.80 3.73 -7.30
CA GLY A 58 11.25 2.97 -6.13
C GLY A 58 10.16 2.63 -5.11
N TYR A 59 8.90 3.03 -5.37
CA TYR A 59 7.74 2.75 -4.52
C TYR A 59 6.46 2.52 -5.34
N GLY A 60 5.46 1.91 -4.70
CA GLY A 60 4.17 1.54 -5.28
C GLY A 60 3.05 1.48 -4.24
N PHE A 61 1.87 1.07 -4.70
CA PHE A 61 0.62 0.97 -3.92
C PHE A 61 -0.21 -0.25 -4.35
N VAL A 62 -0.97 -0.82 -3.42
CA VAL A 62 -1.89 -1.95 -3.66
C VAL A 62 -3.25 -1.66 -3.00
N GLU A 63 -4.33 -1.74 -3.78
CA GLU A 63 -5.69 -1.42 -3.36
C GLU A 63 -6.50 -2.70 -3.09
N PHE A 64 -7.03 -2.85 -1.87
CA PHE A 64 -7.83 -3.99 -1.43
C PHE A 64 -9.33 -3.68 -1.44
N LEU A 65 -10.15 -4.73 -1.47
CA LEU A 65 -11.62 -4.63 -1.46
C LEU A 65 -12.15 -3.98 -0.18
N SER A 66 -11.49 -4.24 0.95
CA SER A 66 -11.87 -3.71 2.28
C SER A 66 -10.62 -3.34 3.09
N GLU A 67 -10.77 -2.45 4.06
CA GLU A 67 -9.65 -1.94 4.87
C GLU A 67 -8.99 -3.04 5.72
N GLU A 68 -9.77 -4.00 6.24
CA GLU A 68 -9.22 -5.12 7.04
C GLU A 68 -8.31 -6.06 6.22
N ASP A 69 -8.48 -6.11 4.89
CA ASP A 69 -7.60 -6.84 3.99
C ASP A 69 -6.29 -6.07 3.72
N ALA A 70 -6.34 -4.73 3.68
CA ALA A 70 -5.14 -3.89 3.61
C ALA A 70 -4.34 -3.92 4.93
N ASP A 71 -5.05 -3.85 6.07
CA ASP A 71 -4.44 -3.88 7.41
C ASP A 71 -3.66 -5.19 7.68
N TYR A 72 -4.12 -6.30 7.09
CA TYR A 72 -3.42 -7.59 7.13
C TYR A 72 -2.24 -7.68 6.15
N ALA A 73 -2.34 -7.07 4.97
CA ALA A 73 -1.23 -7.04 4.01
C ALA A 73 -0.02 -6.29 4.58
N ILE A 74 -0.26 -5.22 5.34
CA ILE A 74 0.77 -4.48 6.09
C ILE A 74 1.44 -5.37 7.15
N LYS A 75 0.68 -6.26 7.80
CA LYS A 75 1.18 -7.19 8.82
C LYS A 75 2.13 -8.23 8.23
N ILE A 76 1.85 -8.76 7.03
CA ILE A 76 2.67 -9.82 6.41
C ILE A 76 3.79 -9.29 5.50
N MET A 77 3.55 -8.26 4.68
CA MET A 77 4.48 -7.82 3.62
C MET A 77 5.54 -6.80 4.05
N ASP A 78 5.57 -6.44 5.33
CA ASP A 78 6.53 -5.47 5.86
C ASP A 78 7.88 -6.11 6.21
N MET A 79 8.97 -5.45 5.80
CA MET A 79 10.35 -5.93 5.82
C MET A 79 10.60 -7.22 4.99
N ILE A 80 9.65 -7.60 4.11
CA ILE A 80 9.80 -8.72 3.18
C ILE A 80 10.78 -8.38 2.04
N LYS A 81 11.63 -9.33 1.68
CA LYS A 81 12.77 -9.12 0.77
C LYS A 81 12.43 -9.48 -0.68
N LEU A 82 11.49 -8.74 -1.27
CA LEU A 82 11.12 -8.88 -2.68
C LEU A 82 12.36 -8.62 -3.56
N TYR A 83 12.77 -9.60 -4.37
CA TYR A 83 14.07 -9.60 -5.07
C TYR A 83 15.30 -9.17 -4.22
N GLY A 84 15.32 -9.45 -2.90
CA GLY A 84 16.47 -9.22 -2.01
C GLY A 84 16.60 -7.83 -1.34
N LYS A 85 15.58 -6.97 -1.46
CA LYS A 85 15.49 -5.62 -0.87
C LYS A 85 14.27 -5.58 0.09
N PRO A 86 14.46 -5.32 1.39
CA PRO A 86 13.40 -5.39 2.40
C PRO A 86 12.42 -4.22 2.27
N ILE A 87 11.27 -4.47 1.62
CA ILE A 87 10.24 -3.47 1.35
C ILE A 87 9.57 -2.99 2.64
N ARG A 88 9.13 -1.74 2.69
CA ARG A 88 8.45 -1.13 3.83
C ARG A 88 6.98 -0.86 3.49
N VAL A 89 6.06 -1.33 4.33
CA VAL A 89 4.62 -1.35 4.03
C VAL A 89 3.80 -0.70 5.15
N ASN A 90 2.80 0.13 4.79
CA ASN A 90 1.88 0.80 5.73
C ASN A 90 0.59 1.24 5.00
N LYS A 91 -0.41 1.79 5.71
CA LYS A 91 -1.63 2.40 5.13
C LYS A 91 -1.24 3.61 4.26
N ALA A 92 -1.88 3.81 3.11
CA ALA A 92 -1.60 4.96 2.24
C ALA A 92 -2.07 6.32 2.83
N SER A 93 -2.90 6.29 3.88
CA SER A 93 -3.35 7.47 4.66
C SER A 93 -3.02 7.33 6.17
N ALA A 94 -1.83 6.78 6.51
CA ALA A 94 -1.43 6.47 7.89
C ALA A 94 -1.36 7.68 8.84
N HIS A 95 -1.14 8.90 8.33
CA HIS A 95 -1.06 10.14 9.13
C HIS A 95 -2.45 10.71 9.43
N ASN A 96 -2.70 11.07 10.70
CA ASN A 96 -3.97 11.65 11.15
C ASN A 96 -4.08 13.15 10.85
N LYS A 97 -5.32 13.69 10.81
CA LYS A 97 -5.62 15.10 10.55
C LYS A 97 -5.12 16.06 11.65
N ASN A 98 -4.99 15.58 12.88
CA ASN A 98 -4.46 16.32 14.04
C ASN A 98 -3.52 15.46 14.89
N LEU A 99 -2.52 16.08 15.54
CA LEU A 99 -1.45 15.41 16.28
C LEU A 99 -1.72 15.27 17.80
N SER A 100 -2.62 16.07 18.37
CA SER A 100 -2.84 16.14 19.83
C SER A 100 -3.59 14.92 20.39
N GLY A 101 -3.19 14.47 21.59
CA GLY A 101 -3.85 13.40 22.34
C GLY A 101 -5.13 13.84 23.08
N PRO A 102 -5.91 12.90 23.63
CA PRO A 102 -7.16 13.19 24.37
C PRO A 102 -6.92 13.74 25.79
N SER A 103 -5.72 13.56 26.34
CA SER A 103 -5.31 13.99 27.69
C SER A 103 -3.81 14.32 27.77
N SER A 104 -3.36 14.80 28.93
CA SER A 104 -1.94 15.08 29.23
C SER A 104 -1.07 13.83 29.47
N GLY A 105 -1.68 12.63 29.53
CA GLY A 105 -1.01 11.34 29.76
C GLY A 105 -0.53 11.15 31.21
N GLY A 1 1.46 26.06 -14.75
CA GLY A 1 1.89 24.70 -14.33
C GLY A 1 0.70 23.87 -13.85
N SER A 2 0.74 22.56 -14.10
CA SER A 2 -0.33 21.61 -13.73
C SER A 2 -0.46 21.38 -12.21
N SER A 3 -1.67 21.06 -11.75
CA SER A 3 -2.02 20.85 -10.34
C SER A 3 -1.86 19.40 -9.83
N GLY A 4 -1.45 18.47 -10.70
CA GLY A 4 -1.26 17.04 -10.38
C GLY A 4 -0.06 16.74 -9.46
N SER A 5 0.04 15.49 -9.02
CA SER A 5 1.07 15.00 -8.09
C SER A 5 1.50 13.55 -8.41
N SER A 6 2.73 13.18 -8.03
CA SER A 6 3.26 11.82 -8.08
C SER A 6 2.81 10.93 -6.90
N GLY A 7 2.10 11.48 -5.93
CA GLY A 7 1.44 10.73 -4.84
C GLY A 7 0.15 10.02 -5.29
N PRO A 8 -0.54 9.31 -4.36
CA PRO A 8 -1.82 8.66 -4.65
C PRO A 8 -2.94 9.71 -4.85
N ILE A 9 -3.87 9.43 -5.77
CA ILE A 9 -4.97 10.34 -6.13
C ILE A 9 -6.14 10.24 -5.13
N SER A 10 -6.86 11.34 -4.90
CA SER A 10 -7.99 11.43 -3.97
C SER A 10 -9.22 10.60 -4.37
N GLU A 11 -9.26 10.10 -5.62
CA GLU A 11 -10.33 9.23 -6.13
C GLU A 11 -10.17 7.76 -5.70
N ARG A 12 -9.01 7.37 -5.16
CA ARG A 12 -8.71 6.02 -4.64
C ARG A 12 -9.04 5.91 -3.15
N ASN A 13 -9.35 4.71 -2.67
CA ASN A 13 -9.59 4.45 -1.24
C ASN A 13 -8.25 4.31 -0.51
N GLN A 14 -7.64 5.43 -0.13
CA GLN A 14 -6.27 5.46 0.42
C GLN A 14 -6.14 4.77 1.79
N ASP A 15 -7.23 4.51 2.51
CA ASP A 15 -7.20 3.74 3.76
C ASP A 15 -7.29 2.22 3.54
N ALA A 16 -7.88 1.79 2.41
CA ALA A 16 -7.85 0.40 1.92
C ALA A 16 -6.70 0.16 0.90
N THR A 17 -5.89 1.17 0.63
CA THR A 17 -4.67 1.07 -0.20
C THR A 17 -3.45 1.04 0.73
N VAL A 18 -2.49 0.17 0.43
CA VAL A 18 -1.18 0.14 1.11
C VAL A 18 -0.12 0.79 0.22
N TYR A 19 0.87 1.41 0.85
CA TYR A 19 2.10 1.91 0.24
C TYR A 19 3.20 0.85 0.41
N VAL A 20 4.04 0.67 -0.61
CA VAL A 20 5.21 -0.22 -0.61
C VAL A 20 6.42 0.56 -1.09
N GLY A 21 7.43 0.75 -0.23
CA GLY A 21 8.68 1.44 -0.53
C GLY A 21 9.90 0.52 -0.53
N GLY A 22 10.87 0.78 -1.40
CA GLY A 22 12.14 0.05 -1.49
C GLY A 22 12.13 -1.08 -2.52
N LEU A 23 11.40 -0.90 -3.62
CA LEU A 23 11.18 -1.89 -4.67
C LEU A 23 12.43 -2.12 -5.50
N ASP A 24 12.56 -3.32 -6.06
CA ASP A 24 13.64 -3.67 -6.98
C ASP A 24 13.24 -3.43 -8.45
N GLU A 25 14.21 -3.26 -9.36
CA GLU A 25 13.96 -3.04 -10.80
C GLU A 25 13.16 -4.17 -11.49
N LYS A 26 13.14 -5.38 -10.91
CA LYS A 26 12.34 -6.53 -11.39
C LYS A 26 10.84 -6.43 -11.04
N VAL A 27 10.45 -5.55 -10.12
CA VAL A 27 9.05 -5.39 -9.65
C VAL A 27 8.17 -4.70 -10.69
N SER A 28 6.92 -5.17 -10.82
CA SER A 28 5.88 -4.58 -11.68
C SER A 28 4.51 -4.49 -10.98
N GLU A 29 3.59 -3.68 -11.51
CA GLU A 29 2.24 -3.56 -10.95
C GLU A 29 1.45 -4.89 -10.94
N PRO A 30 1.52 -5.75 -11.97
CA PRO A 30 0.94 -7.10 -11.91
C PRO A 30 1.59 -8.00 -10.83
N LEU A 31 2.87 -7.81 -10.52
CA LEU A 31 3.52 -8.53 -9.41
C LEU A 31 2.95 -8.06 -8.08
N LEU A 32 2.90 -6.74 -7.85
CA LEU A 32 2.33 -6.18 -6.62
C LEU A 32 0.85 -6.53 -6.43
N TRP A 33 0.15 -6.85 -7.50
CA TRP A 33 -1.21 -7.39 -7.43
C TRP A 33 -1.19 -8.85 -6.95
N GLU A 34 -0.65 -9.76 -7.77
CA GLU A 34 -0.71 -11.20 -7.54
C GLU A 34 0.05 -11.68 -6.28
N LEU A 35 1.12 -10.96 -5.90
CA LEU A 35 1.86 -11.25 -4.66
C LEU A 35 1.06 -10.89 -3.40
N PHE A 36 0.22 -9.85 -3.47
CA PHE A 36 -0.55 -9.33 -2.33
C PHE A 36 -1.93 -9.97 -2.16
N LEU A 37 -2.39 -10.76 -3.15
CA LEU A 37 -3.58 -11.62 -3.04
C LEU A 37 -3.52 -12.60 -1.85
N GLN A 38 -2.34 -12.84 -1.30
CA GLN A 38 -2.09 -13.63 -0.07
C GLN A 38 -2.72 -12.99 1.17
N ALA A 39 -2.75 -11.66 1.23
CA ALA A 39 -3.35 -10.90 2.33
C ALA A 39 -4.89 -10.82 2.22
N GLY A 40 -5.39 -10.52 1.03
CA GLY A 40 -6.82 -10.42 0.73
C GLY A 40 -7.10 -10.05 -0.73
N PRO A 41 -8.37 -9.79 -1.10
CA PRO A 41 -8.76 -9.45 -2.47
C PRO A 41 -8.20 -8.08 -2.89
N VAL A 42 -7.25 -8.11 -3.84
CA VAL A 42 -6.67 -6.92 -4.48
C VAL A 42 -7.56 -6.49 -5.66
N VAL A 43 -7.82 -5.20 -5.75
CA VAL A 43 -8.76 -4.56 -6.70
C VAL A 43 -8.01 -3.78 -7.79
N ASN A 44 -6.87 -3.19 -7.44
CA ASN A 44 -6.06 -2.30 -8.29
C ASN A 44 -4.61 -2.17 -7.75
N THR A 45 -3.65 -1.78 -8.60
CA THR A 45 -2.26 -1.43 -8.24
C THR A 45 -1.79 -0.13 -8.92
N HIS A 46 -0.83 0.57 -8.31
CA HIS A 46 -0.26 1.82 -8.83
C HIS A 46 1.25 1.88 -8.57
N MET A 47 2.07 2.19 -9.58
CA MET A 47 3.50 2.48 -9.43
C MET A 47 3.86 3.74 -10.24
N PRO A 48 4.02 4.92 -9.61
CA PRO A 48 4.33 6.16 -10.31
C PRO A 48 5.66 6.11 -11.07
N LYS A 49 5.63 6.45 -12.37
CA LYS A 49 6.78 6.36 -13.28
C LYS A 49 7.59 7.66 -13.37
N ASP A 50 8.89 7.51 -13.63
CA ASP A 50 9.82 8.61 -13.92
C ASP A 50 9.48 9.34 -15.23
N ARG A 51 9.56 10.68 -15.24
CA ARG A 51 9.12 11.54 -16.36
C ARG A 51 10.11 11.67 -17.53
N VAL A 52 11.19 10.87 -17.56
CA VAL A 52 12.28 10.96 -18.56
C VAL A 52 12.63 9.57 -19.11
N THR A 53 12.60 8.54 -18.27
CA THR A 53 12.99 7.16 -18.59
C THR A 53 11.81 6.17 -18.49
N GLY A 54 10.71 6.60 -17.87
CA GLY A 54 9.46 5.83 -17.76
C GLY A 54 9.53 4.61 -16.84
N GLN A 55 10.62 4.42 -16.10
CA GLN A 55 10.80 3.33 -15.13
C GLN A 55 10.10 3.67 -13.80
N HIS A 56 9.86 2.68 -12.93
CA HIS A 56 9.31 2.95 -11.59
C HIS A 56 10.34 3.64 -10.68
N GLN A 57 9.85 4.41 -9.70
CA GLN A 57 10.65 5.31 -8.86
C GLN A 57 11.05 4.70 -7.50
N GLY A 58 11.04 3.37 -7.38
CA GLY A 58 11.39 2.62 -6.16
C GLY A 58 10.24 2.43 -5.16
N TYR A 59 9.02 2.87 -5.50
CA TYR A 59 7.83 2.70 -4.66
C TYR A 59 6.56 2.40 -5.49
N GLY A 60 5.56 1.82 -4.82
CA GLY A 60 4.27 1.42 -5.40
C GLY A 60 3.15 1.36 -4.36
N PHE A 61 1.97 0.97 -4.81
CA PHE A 61 0.74 0.88 -4.01
C PHE A 61 -0.13 -0.32 -4.44
N VAL A 62 -0.91 -0.86 -3.49
CA VAL A 62 -1.86 -1.96 -3.71
C VAL A 62 -3.20 -1.65 -3.04
N GLU A 63 -4.28 -1.60 -3.80
CA GLU A 63 -5.63 -1.28 -3.33
C GLU A 63 -6.44 -2.56 -3.06
N PHE A 64 -6.86 -2.76 -1.81
CA PHE A 64 -7.68 -3.89 -1.37
C PHE A 64 -9.17 -3.53 -1.33
N LEU A 65 -10.01 -4.56 -1.32
CA LEU A 65 -11.47 -4.41 -1.22
C LEU A 65 -11.91 -3.77 0.09
N SER A 66 -11.20 -4.06 1.19
CA SER A 66 -11.51 -3.58 2.54
C SER A 66 -10.25 -3.18 3.33
N GLU A 67 -10.43 -2.29 4.30
CA GLU A 67 -9.37 -1.72 5.12
C GLU A 67 -8.69 -2.78 6.02
N GLU A 68 -9.42 -3.81 6.45
CA GLU A 68 -8.88 -4.94 7.21
C GLU A 68 -8.00 -5.88 6.38
N ASP A 69 -8.22 -5.96 5.06
CA ASP A 69 -7.36 -6.70 4.13
C ASP A 69 -6.06 -5.93 3.86
N ALA A 70 -6.12 -4.59 3.83
CA ALA A 70 -4.94 -3.74 3.76
C ALA A 70 -4.10 -3.82 5.05
N ASP A 71 -4.74 -3.75 6.23
CA ASP A 71 -4.07 -3.94 7.52
C ASP A 71 -3.33 -5.29 7.63
N TYR A 72 -3.90 -6.35 7.05
CA TYR A 72 -3.26 -7.67 6.98
C TYR A 72 -2.04 -7.68 6.04
N ALA A 73 -2.10 -6.97 4.90
CA ALA A 73 -0.95 -6.86 3.99
C ALA A 73 0.21 -6.08 4.63
N ILE A 74 -0.10 -5.04 5.42
CA ILE A 74 0.89 -4.30 6.21
C ILE A 74 1.51 -5.20 7.30
N LYS A 75 0.76 -6.16 7.83
CA LYS A 75 1.25 -7.16 8.79
C LYS A 75 2.26 -8.12 8.17
N ILE A 76 1.96 -8.69 6.99
CA ILE A 76 2.78 -9.75 6.38
C ILE A 76 3.91 -9.26 5.46
N MET A 77 3.71 -8.19 4.68
CA MET A 77 4.64 -7.77 3.61
C MET A 77 5.69 -6.74 4.06
N ASP A 78 5.66 -6.34 5.32
CA ASP A 78 6.61 -5.39 5.90
C ASP A 78 7.92 -6.07 6.33
N MET A 79 9.06 -5.44 6.02
CA MET A 79 10.42 -5.98 6.18
C MET A 79 10.71 -7.30 5.41
N ILE A 80 9.84 -7.67 4.47
CA ILE A 80 10.06 -8.74 3.49
C ILE A 80 11.10 -8.31 2.45
N LYS A 81 11.82 -9.27 1.86
CA LYS A 81 12.92 -9.03 0.89
C LYS A 81 12.55 -9.49 -0.53
N LEU A 82 11.63 -8.78 -1.17
CA LEU A 82 11.22 -9.04 -2.56
C LEU A 82 12.44 -8.93 -3.49
N TYR A 83 12.72 -9.98 -4.28
CA TYR A 83 13.98 -10.11 -5.05
C TYR A 83 15.30 -9.78 -4.29
N GLY A 84 15.37 -10.00 -2.96
CA GLY A 84 16.59 -9.80 -2.15
C GLY A 84 16.91 -8.35 -1.77
N LYS A 85 15.90 -7.48 -1.67
CA LYS A 85 15.95 -6.06 -1.31
C LYS A 85 14.78 -5.77 -0.35
N PRO A 86 15.02 -5.29 0.88
CA PRO A 86 13.99 -5.15 1.90
C PRO A 86 12.99 -4.04 1.57
N ILE A 87 11.70 -4.40 1.48
CA ILE A 87 10.57 -3.49 1.30
C ILE A 87 9.95 -3.09 2.64
N ARG A 88 9.45 -1.86 2.73
CA ARG A 88 8.64 -1.35 3.85
C ARG A 88 7.20 -1.13 3.40
N VAL A 89 6.23 -1.49 4.25
CA VAL A 89 4.79 -1.44 3.95
C VAL A 89 4.02 -0.74 5.06
N ASN A 90 3.05 0.10 4.68
CA ASN A 90 2.17 0.87 5.57
C ASN A 90 0.89 1.31 4.80
N LYS A 91 -0.03 2.03 5.45
CA LYS A 91 -1.20 2.67 4.80
C LYS A 91 -0.76 3.66 3.71
N ALA A 92 -1.56 3.82 2.66
CA ALA A 92 -1.37 4.90 1.67
C ALA A 92 -1.90 6.26 2.20
N SER A 93 -2.87 6.23 3.14
CA SER A 93 -3.38 7.40 3.87
C SER A 93 -2.34 7.93 4.88
N ALA A 94 -2.09 7.17 5.96
CA ALA A 94 -1.07 7.30 7.02
C ALA A 94 -1.00 8.62 7.83
N HIS A 95 -1.51 9.75 7.32
CA HIS A 95 -1.57 11.05 8.02
C HIS A 95 -2.69 11.16 9.06
N ASN A 96 -3.56 10.14 9.15
CA ASN A 96 -4.62 9.97 10.15
C ASN A 96 -4.57 8.56 10.76
N LYS A 97 -4.94 8.43 12.04
CA LYS A 97 -4.96 7.15 12.79
C LYS A 97 -6.14 6.25 12.38
N ASN A 98 -7.35 6.81 12.33
CA ASN A 98 -8.58 6.10 11.98
C ASN A 98 -9.69 7.06 11.49
N LEU A 99 -10.66 6.52 10.75
CA LEU A 99 -11.90 7.22 10.40
C LEU A 99 -12.91 7.10 11.56
N SER A 100 -13.85 8.04 11.65
CA SER A 100 -14.87 8.12 12.72
C SER A 100 -16.26 8.48 12.17
N GLY A 101 -17.31 7.91 12.78
CA GLY A 101 -18.71 8.23 12.47
C GLY A 101 -19.23 9.52 13.14
N PRO A 102 -20.46 9.97 12.82
CA PRO A 102 -21.10 11.13 13.43
C PRO A 102 -21.48 10.88 14.91
N SER A 103 -21.67 11.97 15.66
CA SER A 103 -22.08 11.96 17.07
C SER A 103 -22.94 13.18 17.44
N SER A 104 -23.76 13.04 18.50
CA SER A 104 -24.53 14.13 19.10
C SER A 104 -23.68 15.05 20.00
N GLY A 105 -22.51 14.57 20.46
CA GLY A 105 -21.55 15.29 21.30
C GLY A 105 -20.82 16.43 20.58
N GLY A 1 13.06 7.53 11.15
CA GLY A 1 11.90 8.16 10.49
C GLY A 1 10.79 8.48 11.48
N SER A 2 10.05 9.56 11.23
CA SER A 2 8.94 10.03 12.10
C SER A 2 7.72 9.10 12.07
N SER A 3 6.91 9.14 13.14
CA SER A 3 5.63 8.41 13.22
C SER A 3 4.55 9.03 12.31
N GLY A 4 3.62 8.20 11.85
CA GLY A 4 2.50 8.61 10.99
C GLY A 4 1.26 7.70 11.11
N SER A 5 0.10 8.25 10.76
CA SER A 5 -1.23 7.65 10.92
C SER A 5 -2.16 8.02 9.75
N SER A 6 -3.26 7.27 9.58
CA SER A 6 -4.23 7.50 8.49
C SER A 6 -4.95 8.84 8.61
N GLY A 7 -4.60 9.79 7.75
CA GLY A 7 -5.31 11.06 7.54
C GLY A 7 -6.51 10.93 6.58
N PRO A 8 -7.20 12.04 6.27
CA PRO A 8 -8.28 12.05 5.28
C PRO A 8 -7.75 11.77 3.86
N ILE A 9 -8.60 11.19 3.01
CA ILE A 9 -8.27 10.87 1.60
C ILE A 9 -8.24 12.13 0.72
N SER A 10 -7.45 12.09 -0.35
CA SER A 10 -7.34 13.19 -1.34
C SER A 10 -7.89 12.81 -2.73
N GLU A 11 -7.70 11.58 -3.18
CA GLU A 11 -8.06 11.14 -4.55
C GLU A 11 -8.61 9.71 -4.67
N ARG A 12 -8.34 8.82 -3.72
CA ARG A 12 -8.65 7.37 -3.77
C ARG A 12 -8.92 6.81 -2.37
N ASN A 13 -9.41 5.57 -2.25
CA ASN A 13 -9.55 4.86 -0.97
C ASN A 13 -8.20 4.48 -0.35
N GLN A 14 -7.46 5.48 0.13
CA GLN A 14 -6.17 5.37 0.83
C GLN A 14 -6.29 4.72 2.22
N ASP A 15 -7.53 4.47 2.67
CA ASP A 15 -7.88 3.67 3.85
C ASP A 15 -7.85 2.15 3.57
N ALA A 16 -8.02 1.73 2.31
CA ALA A 16 -7.93 0.35 1.85
C ALA A 16 -6.78 0.11 0.83
N THR A 17 -6.02 1.16 0.48
CA THR A 17 -4.81 1.08 -0.33
C THR A 17 -3.58 1.11 0.58
N VAL A 18 -2.61 0.22 0.34
CA VAL A 18 -1.31 0.19 1.01
C VAL A 18 -0.23 0.81 0.11
N TYR A 19 0.76 1.44 0.73
CA TYR A 19 2.00 1.91 0.10
C TYR A 19 3.09 0.85 0.28
N VAL A 20 3.94 0.67 -0.73
CA VAL A 20 5.09 -0.24 -0.73
C VAL A 20 6.32 0.51 -1.24
N GLY A 21 7.29 0.81 -0.37
CA GLY A 21 8.53 1.49 -0.70
C GLY A 21 9.74 0.56 -0.71
N GLY A 22 10.69 0.80 -1.61
CA GLY A 22 11.97 0.06 -1.69
C GLY A 22 11.96 -1.07 -2.73
N LEU A 23 11.23 -0.90 -3.82
CA LEU A 23 11.02 -1.89 -4.88
C LEU A 23 12.28 -2.06 -5.74
N ASP A 24 12.45 -3.25 -6.32
CA ASP A 24 13.52 -3.54 -7.25
C ASP A 24 13.10 -3.31 -8.72
N GLU A 25 14.06 -3.11 -9.63
CA GLU A 25 13.79 -2.88 -11.07
C GLU A 25 13.02 -4.03 -11.76
N LYS A 26 13.04 -5.25 -11.19
CA LYS A 26 12.26 -6.41 -11.67
C LYS A 26 10.77 -6.36 -11.30
N VAL A 27 10.36 -5.49 -10.36
CA VAL A 27 8.96 -5.37 -9.88
C VAL A 27 8.06 -4.68 -10.91
N SER A 28 6.82 -5.15 -11.04
CA SER A 28 5.76 -4.56 -11.86
C SER A 28 4.41 -4.53 -11.13
N GLU A 29 3.45 -3.74 -11.60
CA GLU A 29 2.11 -3.68 -11.00
C GLU A 29 1.39 -5.05 -11.00
N PRO A 30 1.39 -5.84 -12.10
CA PRO A 30 0.87 -7.21 -12.08
C PRO A 30 1.56 -8.13 -11.06
N LEU A 31 2.85 -7.93 -10.77
CA LEU A 31 3.54 -8.68 -9.73
C LEU A 31 2.96 -8.33 -8.37
N LEU A 32 2.91 -7.04 -8.03
CA LEU A 32 2.39 -6.57 -6.73
C LEU A 32 0.97 -7.09 -6.49
N TRP A 33 0.12 -7.06 -7.52
CA TRP A 33 -1.25 -7.56 -7.43
C TRP A 33 -1.29 -9.03 -7.02
N GLU A 34 -0.70 -9.91 -7.83
CA GLU A 34 -0.70 -11.37 -7.58
C GLU A 34 0.08 -11.78 -6.33
N LEU A 35 1.11 -11.02 -5.95
CA LEU A 35 1.90 -11.25 -4.73
C LEU A 35 1.12 -10.89 -3.45
N PHE A 36 0.28 -9.84 -3.50
CA PHE A 36 -0.48 -9.33 -2.35
C PHE A 36 -1.84 -10.00 -2.18
N LEU A 37 -2.31 -10.79 -3.16
CA LEU A 37 -3.48 -11.68 -3.04
C LEU A 37 -3.41 -12.64 -1.83
N GLN A 38 -2.21 -12.90 -1.33
CA GLN A 38 -1.96 -13.69 -0.11
C GLN A 38 -2.54 -13.05 1.16
N ALA A 39 -2.58 -11.70 1.19
CA ALA A 39 -3.17 -10.96 2.31
C ALA A 39 -4.70 -10.91 2.25
N GLY A 40 -5.25 -10.66 1.04
CA GLY A 40 -6.69 -10.57 0.80
C GLY A 40 -7.02 -10.21 -0.66
N PRO A 41 -8.30 -9.95 -0.98
CA PRO A 41 -8.74 -9.61 -2.34
C PRO A 41 -8.19 -8.25 -2.80
N VAL A 42 -7.25 -8.29 -3.74
CA VAL A 42 -6.69 -7.12 -4.42
C VAL A 42 -7.59 -6.71 -5.59
N VAL A 43 -7.87 -5.41 -5.67
CA VAL A 43 -8.83 -4.79 -6.61
C VAL A 43 -8.11 -4.00 -7.72
N ASN A 44 -6.98 -3.38 -7.37
CA ASN A 44 -6.20 -2.48 -8.24
C ASN A 44 -4.75 -2.31 -7.72
N THR A 45 -3.85 -1.78 -8.55
CA THR A 45 -2.44 -1.47 -8.24
C THR A 45 -1.97 -0.17 -8.90
N HIS A 46 -0.97 0.50 -8.33
CA HIS A 46 -0.35 1.71 -8.89
C HIS A 46 1.17 1.72 -8.65
N MET A 47 1.98 2.05 -9.65
CA MET A 47 3.42 2.31 -9.49
C MET A 47 3.80 3.56 -10.30
N PRO A 48 4.00 4.73 -9.67
CA PRO A 48 4.35 5.97 -10.37
C PRO A 48 5.62 5.86 -11.23
N LYS A 49 5.50 6.30 -12.49
CA LYS A 49 6.57 6.25 -13.50
C LYS A 49 7.35 7.56 -13.59
N ASP A 50 8.64 7.46 -13.91
CA ASP A 50 9.58 8.57 -14.02
C ASP A 50 9.40 9.36 -15.33
N ARG A 51 9.56 10.70 -15.27
CA ARG A 51 9.35 11.60 -16.42
C ARG A 51 10.53 11.72 -17.40
N VAL A 52 11.62 10.94 -17.20
CA VAL A 52 12.87 11.01 -17.98
C VAL A 52 13.33 9.63 -18.42
N THR A 53 13.20 8.61 -17.56
CA THR A 53 13.61 7.22 -17.83
C THR A 53 12.43 6.29 -18.06
N GLY A 54 11.23 6.72 -17.65
CA GLY A 54 9.97 5.98 -17.82
C GLY A 54 9.81 4.73 -16.94
N GLN A 55 10.80 4.44 -16.07
CA GLN A 55 10.78 3.31 -15.13
C GLN A 55 9.98 3.68 -13.86
N HIS A 56 9.65 2.71 -13.00
CA HIS A 56 9.07 3.04 -11.68
C HIS A 56 10.08 3.75 -10.77
N GLN A 57 9.60 4.63 -9.89
CA GLN A 57 10.46 5.47 -9.03
C GLN A 57 10.83 4.82 -7.68
N GLY A 58 10.85 3.48 -7.60
CA GLY A 58 11.26 2.70 -6.42
C GLY A 58 10.15 2.44 -5.39
N TYR A 59 8.91 2.84 -5.68
CA TYR A 59 7.74 2.61 -4.82
C TYR A 59 6.46 2.34 -5.62
N GLY A 60 5.48 1.71 -4.96
CA GLY A 60 4.19 1.32 -5.50
C GLY A 60 3.08 1.29 -4.46
N PHE A 61 1.89 0.85 -4.88
CA PHE A 61 0.68 0.77 -4.09
C PHE A 61 -0.19 -0.43 -4.50
N VAL A 62 -0.94 -0.98 -3.54
CA VAL A 62 -1.89 -2.08 -3.75
C VAL A 62 -3.22 -1.77 -3.07
N GLU A 63 -4.33 -1.83 -3.79
CA GLU A 63 -5.67 -1.50 -3.31
C GLU A 63 -6.47 -2.78 -3.00
N PHE A 64 -6.90 -2.93 -1.76
CA PHE A 64 -7.72 -4.04 -1.28
C PHE A 64 -9.21 -3.70 -1.26
N LEU A 65 -10.05 -4.74 -1.20
CA LEU A 65 -11.50 -4.60 -1.10
C LEU A 65 -11.93 -3.91 0.21
N SER A 66 -11.21 -4.17 1.31
CA SER A 66 -11.51 -3.64 2.64
C SER A 66 -10.26 -3.30 3.44
N GLU A 67 -10.43 -2.40 4.41
CA GLU A 67 -9.37 -1.88 5.26
C GLU A 67 -8.68 -2.94 6.13
N GLU A 68 -9.42 -3.97 6.55
CA GLU A 68 -8.87 -5.08 7.34
C GLU A 68 -7.98 -6.02 6.51
N ASP A 69 -8.21 -6.11 5.20
CA ASP A 69 -7.34 -6.84 4.26
C ASP A 69 -6.06 -6.05 3.97
N ALA A 70 -6.15 -4.72 3.92
CA ALA A 70 -5.01 -3.82 3.80
C ALA A 70 -4.14 -3.84 5.07
N ASP A 71 -4.74 -3.74 6.26
CA ASP A 71 -4.05 -3.84 7.56
C ASP A 71 -3.29 -5.17 7.72
N TYR A 72 -3.84 -6.27 7.19
CA TYR A 72 -3.17 -7.57 7.19
C TYR A 72 -2.02 -7.65 6.18
N ALA A 73 -2.12 -6.99 5.02
CA ALA A 73 -1.03 -6.90 4.05
C ALA A 73 0.15 -6.10 4.61
N ILE A 74 -0.13 -5.04 5.37
CA ILE A 74 0.87 -4.26 6.12
C ILE A 74 1.55 -5.13 7.19
N LYS A 75 0.83 -6.07 7.81
CA LYS A 75 1.38 -7.03 8.79
C LYS A 75 2.35 -8.03 8.17
N ILE A 76 2.01 -8.61 7.00
CA ILE A 76 2.81 -9.69 6.40
C ILE A 76 3.90 -9.22 5.42
N MET A 77 3.70 -8.15 4.65
CA MET A 77 4.61 -7.73 3.56
C MET A 77 5.65 -6.68 3.98
N ASP A 78 5.66 -6.29 5.25
CA ASP A 78 6.61 -5.32 5.79
C ASP A 78 7.94 -5.99 6.22
N MET A 79 9.06 -5.36 5.89
CA MET A 79 10.43 -5.90 6.03
C MET A 79 10.71 -7.21 5.27
N ILE A 80 9.83 -7.58 4.33
CA ILE A 80 10.05 -8.66 3.34
C ILE A 80 11.07 -8.21 2.29
N LYS A 81 11.77 -9.16 1.67
CA LYS A 81 12.86 -8.90 0.70
C LYS A 81 12.50 -9.38 -0.72
N LEU A 82 11.57 -8.68 -1.37
CA LEU A 82 11.18 -8.93 -2.77
C LEU A 82 12.40 -8.80 -3.69
N TYR A 83 12.70 -9.84 -4.49
CA TYR A 83 13.96 -9.96 -5.26
C TYR A 83 15.27 -9.63 -4.47
N GLY A 84 15.33 -9.85 -3.15
CA GLY A 84 16.54 -9.64 -2.34
C GLY A 84 16.86 -8.18 -1.95
N LYS A 85 15.83 -7.32 -1.86
CA LYS A 85 15.87 -5.90 -1.52
C LYS A 85 14.70 -5.62 -0.54
N PRO A 86 14.95 -5.13 0.69
CA PRO A 86 13.92 -5.01 1.71
C PRO A 86 12.90 -3.91 1.38
N ILE A 87 11.62 -4.29 1.34
CA ILE A 87 10.47 -3.39 1.16
C ILE A 87 9.85 -3.00 2.50
N ARG A 88 9.36 -1.76 2.59
CA ARG A 88 8.57 -1.24 3.72
C ARG A 88 7.12 -0.99 3.30
N VAL A 89 6.17 -1.37 4.15
CA VAL A 89 4.72 -1.35 3.85
C VAL A 89 3.93 -0.65 4.96
N ASN A 90 2.97 0.20 4.58
CA ASN A 90 2.06 0.93 5.47
C ASN A 90 0.81 1.41 4.69
N LYS A 91 -0.12 2.13 5.31
CA LYS A 91 -1.31 2.72 4.66
C LYS A 91 -0.90 3.79 3.63
N ALA A 92 -1.65 3.92 2.53
CA ALA A 92 -1.48 5.01 1.56
C ALA A 92 -2.02 6.37 2.05
N SER A 93 -2.56 6.41 3.27
CA SER A 93 -3.07 7.59 4.00
C SER A 93 -2.19 8.01 5.19
N ALA A 94 -1.04 7.34 5.43
CA ALA A 94 -0.21 7.43 6.64
C ALA A 94 0.49 8.79 6.92
N HIS A 95 0.02 9.88 6.31
CA HIS A 95 0.67 11.20 6.29
C HIS A 95 0.32 12.11 7.48
N ASN A 96 -0.67 11.74 8.31
CA ASN A 96 -1.06 12.51 9.49
C ASN A 96 -0.10 12.24 10.68
N LYS A 97 0.47 13.30 11.27
CA LYS A 97 1.37 13.19 12.43
C LYS A 97 0.63 12.84 13.73
N ASN A 98 1.30 12.15 14.65
CA ASN A 98 0.75 11.72 15.94
C ASN A 98 1.77 11.82 17.08
N LEU A 99 1.27 11.89 18.32
CA LEU A 99 2.07 11.78 19.55
C LEU A 99 2.38 10.31 19.89
N SER A 100 3.37 10.09 20.75
CA SER A 100 3.73 8.76 21.27
C SER A 100 2.76 8.20 22.32
N GLY A 101 1.99 9.07 22.98
CA GLY A 101 0.97 8.72 23.98
C GLY A 101 0.38 9.93 24.72
N PRO A 102 -0.63 9.73 25.59
CA PRO A 102 -1.23 10.77 26.42
C PRO A 102 -0.31 11.22 27.58
N SER A 103 -0.66 12.34 28.21
CA SER A 103 0.02 12.91 29.39
C SER A 103 -0.95 13.60 30.35
N SER A 104 -0.46 13.95 31.56
CA SER A 104 -1.21 14.66 32.61
C SER A 104 -1.27 16.19 32.42
N GLY A 105 -0.65 16.74 31.37
CA GLY A 105 -0.59 18.18 31.05
C GLY A 105 -1.95 18.78 30.68
N GLY A 1 -6.18 -14.62 0.28
CA GLY A 1 -6.92 -15.10 -0.91
C GLY A 1 -7.98 -14.11 -1.36
N SER A 2 -8.54 -14.32 -2.56
CA SER A 2 -9.63 -13.51 -3.11
C SER A 2 -10.98 -13.75 -2.43
N SER A 3 -11.90 -12.78 -2.53
CA SER A 3 -13.25 -12.82 -1.94
C SER A 3 -14.28 -13.63 -2.75
N GLY A 4 -14.03 -13.84 -4.05
CA GLY A 4 -15.00 -14.41 -4.99
C GLY A 4 -16.03 -13.39 -5.53
N SER A 5 -15.82 -12.09 -5.32
CA SER A 5 -16.65 -11.00 -5.87
C SER A 5 -16.67 -10.98 -7.40
N SER A 6 -17.72 -10.42 -7.99
CA SER A 6 -17.95 -10.39 -9.45
C SER A 6 -16.97 -9.52 -10.25
N GLY A 7 -16.33 -8.54 -9.62
CA GLY A 7 -15.29 -7.70 -10.22
C GLY A 7 -14.84 -6.52 -9.33
N PRO A 8 -13.87 -5.71 -9.78
CA PRO A 8 -13.39 -4.53 -9.05
C PRO A 8 -14.47 -3.46 -8.80
N ILE A 9 -14.34 -2.71 -7.71
CA ILE A 9 -15.22 -1.58 -7.37
C ILE A 9 -14.76 -0.27 -8.04
N SER A 10 -15.71 0.55 -8.48
CA SER A 10 -15.47 1.77 -9.27
C SER A 10 -14.92 2.93 -8.44
N GLU A 11 -15.25 3.00 -7.15
CA GLU A 11 -14.71 3.99 -6.20
C GLU A 11 -13.37 3.52 -5.60
N ARG A 12 -12.44 4.46 -5.37
CA ARG A 12 -11.05 4.19 -4.93
C ARG A 12 -10.91 4.35 -3.42
N ASN A 13 -10.45 3.30 -2.74
CA ASN A 13 -10.39 3.22 -1.27
C ASN A 13 -8.96 3.45 -0.74
N GLN A 14 -8.56 4.70 -0.51
CA GLN A 14 -7.23 5.03 0.03
C GLN A 14 -6.99 4.44 1.43
N ASP A 15 -8.04 4.34 2.27
CA ASP A 15 -7.98 3.70 3.59
C ASP A 15 -7.87 2.16 3.54
N ALA A 16 -8.09 1.56 2.37
CA ALA A 16 -7.81 0.15 2.08
C ALA A 16 -6.64 0.00 1.08
N THR A 17 -5.89 1.07 0.81
CA THR A 17 -4.67 1.06 0.01
C THR A 17 -3.46 1.04 0.92
N VAL A 18 -2.50 0.17 0.64
CA VAL A 18 -1.17 0.14 1.29
C VAL A 18 -0.14 0.80 0.39
N TYR A 19 0.83 1.47 1.01
CA TYR A 19 2.04 1.98 0.37
C TYR A 19 3.16 0.95 0.53
N VAL A 20 4.00 0.79 -0.49
CA VAL A 20 5.15 -0.14 -0.52
C VAL A 20 6.38 0.61 -1.03
N GLY A 21 7.32 0.92 -0.13
CA GLY A 21 8.57 1.59 -0.46
C GLY A 21 9.76 0.63 -0.49
N GLY A 22 10.71 0.87 -1.39
CA GLY A 22 11.97 0.11 -1.51
C GLY A 22 11.95 -0.99 -2.56
N LEU A 23 11.20 -0.79 -3.65
CA LEU A 23 10.97 -1.75 -4.71
C LEU A 23 12.21 -1.90 -5.60
N ASP A 24 12.44 -3.12 -6.10
CA ASP A 24 13.51 -3.40 -7.04
C ASP A 24 13.11 -3.12 -8.50
N GLU A 25 14.07 -2.88 -9.39
CA GLU A 25 13.81 -2.63 -10.82
C GLU A 25 13.06 -3.76 -11.56
N LYS A 26 13.06 -4.99 -11.02
CA LYS A 26 12.28 -6.13 -11.54
C LYS A 26 10.79 -6.12 -11.13
N VAL A 27 10.39 -5.27 -10.18
CA VAL A 27 8.99 -5.12 -9.71
C VAL A 27 8.15 -4.33 -10.72
N SER A 28 6.88 -4.73 -10.89
CA SER A 28 5.87 -3.95 -11.63
C SER A 28 4.48 -4.09 -10.99
N GLU A 29 3.52 -3.24 -11.39
CA GLU A 29 2.15 -3.24 -10.86
C GLU A 29 1.42 -4.60 -10.91
N PRO A 30 1.48 -5.41 -11.99
CA PRO A 30 0.83 -6.72 -12.00
C PRO A 30 1.54 -7.75 -11.09
N LEU A 31 2.83 -7.57 -10.81
CA LEU A 31 3.52 -8.37 -9.79
C LEU A 31 2.93 -8.06 -8.42
N LEU A 32 2.89 -6.77 -8.05
CA LEU A 32 2.37 -6.34 -6.75
C LEU A 32 0.95 -6.87 -6.52
N TRP A 33 0.10 -6.79 -7.55
CA TRP A 33 -1.27 -7.28 -7.48
C TRP A 33 -1.33 -8.76 -7.11
N GLU A 34 -0.77 -9.62 -7.96
CA GLU A 34 -0.79 -11.08 -7.78
C GLU A 34 -0.03 -11.55 -6.53
N LEU A 35 1.02 -10.83 -6.13
CA LEU A 35 1.81 -11.13 -4.92
C LEU A 35 1.02 -10.80 -3.63
N PHE A 36 0.19 -9.76 -3.64
CA PHE A 36 -0.57 -9.28 -2.47
C PHE A 36 -1.95 -9.93 -2.33
N LEU A 37 -2.42 -10.67 -3.34
CA LEU A 37 -3.61 -11.54 -3.25
C LEU A 37 -3.57 -12.55 -2.09
N GLN A 38 -2.37 -12.85 -1.59
CA GLN A 38 -2.15 -13.68 -0.39
C GLN A 38 -2.83 -13.09 0.85
N ALA A 39 -2.77 -11.76 1.01
CA ALA A 39 -3.37 -11.05 2.14
C ALA A 39 -4.90 -10.95 2.03
N GLY A 40 -5.41 -10.60 0.85
CA GLY A 40 -6.84 -10.40 0.59
C GLY A 40 -7.16 -10.06 -0.87
N PRO A 41 -8.43 -9.72 -1.19
CA PRO A 41 -8.85 -9.33 -2.53
C PRO A 41 -8.24 -7.98 -2.95
N VAL A 42 -7.30 -8.02 -3.88
CA VAL A 42 -6.69 -6.83 -4.51
C VAL A 42 -7.59 -6.34 -5.66
N VAL A 43 -7.85 -5.04 -5.67
CA VAL A 43 -8.79 -4.34 -6.55
C VAL A 43 -8.07 -3.51 -7.62
N ASN A 44 -6.92 -2.93 -7.25
CA ASN A 44 -6.15 -1.97 -8.05
C ASN A 44 -4.68 -1.88 -7.55
N THR A 45 -3.75 -1.43 -8.39
CA THR A 45 -2.36 -1.12 -8.04
C THR A 45 -1.89 0.19 -8.68
N HIS A 46 -0.89 0.85 -8.09
CA HIS A 46 -0.30 2.09 -8.60
C HIS A 46 1.22 2.09 -8.40
N MET A 47 2.01 2.40 -9.43
CA MET A 47 3.45 2.65 -9.31
C MET A 47 3.81 3.89 -10.14
N PRO A 48 4.12 5.03 -9.51
CA PRO A 48 4.61 6.24 -10.18
C PRO A 48 5.89 5.98 -11.00
N LYS A 49 6.03 6.70 -12.13
CA LYS A 49 7.04 6.45 -13.18
C LYS A 49 7.95 7.65 -13.44
N ASP A 50 9.11 7.39 -14.04
CA ASP A 50 10.05 8.38 -14.57
C ASP A 50 9.62 8.90 -15.97
N ARG A 51 10.02 10.13 -16.31
CA ARG A 51 9.58 10.84 -17.53
C ARG A 51 10.48 10.70 -18.78
N VAL A 52 11.58 9.95 -18.70
CA VAL A 52 12.54 9.75 -19.81
C VAL A 52 12.97 8.30 -19.99
N THR A 53 13.03 7.52 -18.91
CA THR A 53 13.41 6.10 -18.91
C THR A 53 12.20 5.20 -18.71
N GLY A 54 11.11 5.76 -18.17
CA GLY A 54 9.85 5.06 -17.92
C GLY A 54 9.89 4.00 -16.80
N GLN A 55 11.00 3.91 -16.05
CA GLN A 55 11.14 3.06 -14.86
C GLN A 55 10.29 3.57 -13.70
N HIS A 56 10.00 2.74 -12.70
CA HIS A 56 9.28 3.18 -11.50
C HIS A 56 10.15 3.99 -10.53
N GLN A 57 9.52 4.79 -9.67
CA GLN A 57 10.19 5.73 -8.75
C GLN A 57 10.74 5.07 -7.45
N GLY A 58 10.81 3.74 -7.37
CA GLY A 58 11.30 2.98 -6.20
C GLY A 58 10.21 2.65 -5.16
N TYR A 59 8.96 3.05 -5.41
CA TYR A 59 7.80 2.78 -4.54
C TYR A 59 6.51 2.54 -5.35
N GLY A 60 5.53 1.92 -4.70
CA GLY A 60 4.23 1.57 -5.27
C GLY A 60 3.12 1.51 -4.20
N PHE A 61 1.93 1.10 -4.64
CA PHE A 61 0.73 0.96 -3.82
C PHE A 61 -0.11 -0.24 -4.27
N VAL A 62 -0.86 -0.82 -3.32
CA VAL A 62 -1.81 -1.91 -3.57
C VAL A 62 -3.13 -1.64 -2.86
N GLU A 63 -4.25 -1.65 -3.58
CA GLU A 63 -5.58 -1.36 -3.07
C GLU A 63 -6.37 -2.66 -2.83
N PHE A 64 -6.86 -2.83 -1.61
CA PHE A 64 -7.73 -3.93 -1.20
C PHE A 64 -9.20 -3.53 -1.18
N LEU A 65 -10.09 -4.54 -1.20
CA LEU A 65 -11.52 -4.33 -1.12
C LEU A 65 -11.95 -3.71 0.22
N SER A 66 -11.25 -4.03 1.31
CA SER A 66 -11.57 -3.60 2.68
C SER A 66 -10.32 -3.30 3.51
N GLU A 67 -10.45 -2.44 4.52
CA GLU A 67 -9.36 -1.98 5.37
C GLU A 67 -8.69 -3.10 6.19
N GLU A 68 -9.47 -4.08 6.65
CA GLU A 68 -8.97 -5.27 7.36
C GLU A 68 -8.10 -6.19 6.48
N ASP A 69 -8.29 -6.17 5.16
CA ASP A 69 -7.44 -6.89 4.19
C ASP A 69 -6.14 -6.11 3.91
N ALA A 70 -6.17 -4.78 3.96
CA ALA A 70 -4.97 -3.94 3.88
C ALA A 70 -4.11 -4.07 5.15
N ASP A 71 -4.73 -4.06 6.33
CA ASP A 71 -4.06 -4.29 7.62
C ASP A 71 -3.34 -5.64 7.67
N TYR A 72 -3.89 -6.68 7.03
CA TYR A 72 -3.24 -7.99 6.92
C TYR A 72 -2.04 -7.96 5.97
N ALA A 73 -2.10 -7.21 4.86
CA ALA A 73 -0.97 -7.07 3.94
C ALA A 73 0.20 -6.31 4.60
N ILE A 74 -0.10 -5.32 5.44
CA ILE A 74 0.89 -4.62 6.28
C ILE A 74 1.54 -5.58 7.28
N LYS A 75 0.78 -6.57 7.80
CA LYS A 75 1.29 -7.59 8.72
C LYS A 75 2.28 -8.56 8.04
N ILE A 76 1.99 -9.01 6.81
CA ILE A 76 2.84 -10.02 6.13
C ILE A 76 3.95 -9.43 5.25
N MET A 77 3.70 -8.35 4.50
CA MET A 77 4.62 -7.85 3.46
C MET A 77 5.66 -6.84 3.94
N ASP A 78 5.66 -6.52 5.24
CA ASP A 78 6.58 -5.55 5.83
C ASP A 78 7.92 -6.17 6.23
N MET A 79 9.03 -5.49 5.86
CA MET A 79 10.41 -5.97 5.94
C MET A 79 10.69 -7.29 5.19
N ILE A 80 9.80 -7.69 4.28
CA ILE A 80 10.01 -8.77 3.31
C ILE A 80 11.06 -8.31 2.27
N LYS A 81 11.82 -9.25 1.70
CA LYS A 81 12.90 -8.99 0.74
C LYS A 81 12.51 -9.44 -0.69
N LEU A 82 11.58 -8.73 -1.31
CA LEU A 82 11.18 -8.93 -2.71
C LEU A 82 12.42 -8.78 -3.63
N TYR A 83 12.72 -9.78 -4.46
CA TYR A 83 13.99 -9.87 -5.21
C TYR A 83 15.29 -9.60 -4.39
N GLY A 84 15.33 -9.89 -3.08
CA GLY A 84 16.53 -9.75 -2.23
C GLY A 84 16.85 -8.32 -1.77
N LYS A 85 15.84 -7.45 -1.64
CA LYS A 85 15.90 -6.02 -1.33
C LYS A 85 14.68 -5.68 -0.43
N PRO A 86 14.88 -5.19 0.80
CA PRO A 86 13.82 -5.07 1.80
C PRO A 86 12.80 -3.97 1.46
N ILE A 87 11.51 -4.33 1.51
CA ILE A 87 10.37 -3.42 1.31
C ILE A 87 9.70 -3.03 2.64
N ARG A 88 9.23 -1.79 2.73
CA ARG A 88 8.54 -1.20 3.90
C ARG A 88 7.08 -0.92 3.54
N VAL A 89 6.15 -1.37 4.38
CA VAL A 89 4.69 -1.36 4.11
C VAL A 89 3.88 -0.72 5.24
N ASN A 90 2.96 0.19 4.89
CA ASN A 90 2.00 0.84 5.80
C ASN A 90 0.77 1.35 5.02
N LYS A 91 -0.19 2.00 5.71
CA LYS A 91 -1.41 2.57 5.10
C LYS A 91 -1.06 3.75 4.18
N ALA A 92 -1.70 3.85 3.02
CA ALA A 92 -1.58 5.00 2.11
C ALA A 92 -2.26 6.28 2.63
N SER A 93 -3.00 6.20 3.75
CA SER A 93 -3.64 7.32 4.46
C SER A 93 -3.08 7.58 5.87
N ALA A 94 -1.93 6.99 6.23
CA ALA A 94 -1.40 6.99 7.60
C ALA A 94 -1.18 8.39 8.20
N HIS A 95 -1.55 8.55 9.49
CA HIS A 95 -1.38 9.79 10.27
C HIS A 95 -1.34 9.57 11.79
N ASN A 96 -2.12 8.61 12.29
CA ASN A 96 -2.29 8.30 13.72
C ASN A 96 -1.29 7.25 14.24
N LYS A 97 -0.98 7.31 15.56
CA LYS A 97 0.00 6.46 16.25
C LYS A 97 -0.53 5.81 17.56
N ASN A 98 -1.84 5.90 17.80
CA ASN A 98 -2.50 5.44 19.03
C ASN A 98 -2.61 3.90 19.13
N LEU A 99 -2.52 3.37 20.36
CA LEU A 99 -2.80 1.96 20.68
C LEU A 99 -4.24 1.77 21.22
N SER A 100 -4.67 2.68 22.11
CA SER A 100 -6.02 2.74 22.71
C SER A 100 -6.45 1.49 23.51
N GLY A 101 -7.66 1.52 24.09
CA GLY A 101 -8.24 0.46 24.91
C GLY A 101 -9.73 0.69 25.23
N PRO A 102 -10.38 -0.23 25.96
CA PRO A 102 -11.81 -0.15 26.27
C PRO A 102 -12.14 0.99 27.26
N SER A 103 -13.31 1.62 27.07
CA SER A 103 -13.81 2.74 27.89
C SER A 103 -14.50 2.31 29.19
N SER A 104 -14.73 1.01 29.39
CA SER A 104 -15.45 0.44 30.55
C SER A 104 -14.65 0.44 31.87
N GLY A 105 -13.34 0.69 31.81
CA GLY A 105 -12.42 0.72 32.97
C GLY A 105 -12.62 1.93 33.88
#